data_4GTX
#
_entry.id   4GTX
#
_cell.length_a   105.723
_cell.length_b   105.723
_cell.length_c   174.442
_cell.angle_alpha   90.000
_cell.angle_beta   90.000
_cell.angle_gamma   120.000
#
_symmetry.space_group_name_H-M   'P 31'
#
loop_
_entity.id
_entity.type
_entity.pdbx_description
1 polymer 'Ectonucleotide pyrophosphatase/phosphodiesterase family member 2, Alkaline phosphodiesterase I'
2 branched alpha-D-mannopyranose-(1-3)-alpha-D-mannopyranose-(1-6)-[alpha-D-mannopyranose-(1-3)]beta-D-mannopyranose-(1-4)-2-acetamido-2-deoxy-beta-D-glucopyranose-(1-4)-2-acetamido-2-deoxy-beta-D-glucopyranose
3 branched 2-acetamido-2-deoxy-beta-D-glucopyranose-(1-4)-2-acetamido-2-deoxy-beta-D-glucopyranose
4 non-polymer 2-acetamido-2-deoxy-beta-D-glucopyranose
5 non-polymer "THYMIDINE-5'-PHOSPHATE"
6 non-polymer 'ZINC ION'
7 non-polymer 'CALCIUM ION'
#
_entity_poly.entity_id   1
_entity_poly.type   'polypeptide(L)'
_entity_poly.pdbx_seq_one_letter_code
;WTNTSGSCRGRCFERTFSNCRCDAACVSLGNCCLDFQETCVEPTHIWTCNKFRCGEKRLSRFVCSCADDCKTHNDCCINY
SSVCQDKKSWVEETCESIDTPECPAEFESPPTLLFSLDGFRAEYLHTWGGLLPVISKLKNCGTYTKNMRPMYPTKTFPNH
YSIVTGLYPESHGIIDNKMYDPKMNASFSLKSKEKFNPLWYKGQPIWVTANHQEVKSGTYFWPGSDVEIDGILPDIYKVY
NGSVPFEERILAVLEWLQLPSHERPHFYTLYLEEPDSSGHSHGPVSSEVIKALQKVDRLVGMLMDGLKDLGLDKCLNLIL
ISDHGMEQGSCKKYVYLNKYLGDVNNVKVVYGPAARLRPTDVPETYYSFNYEALAKNLSCREPNQHFRPYLKPFLPKRLH
FAKSDRIEPLTFYLDPQWQLALNPSERKYCGSGFHGSDNLFSNMQALFIGYGPAFKHGAEVDSFENIEVYNLMCDLLGLI
PAPNNGSHGSLNHLLKKPIYNPSHPKEEGFLSQCPIKSTSNDLGCTCDPWIVPIKDFEKQLNLTTEDDDIYHMTVPYGRP
RILLKQHRVCLLQQQQFLTGYSLDLLMPLWASYTFLSNDQFSRDDFSNCLYQDLRIPLSPVHKCSYYKSNSKLSYGFLTP
PRLNRVSNHIYSEALLTSNIVPMYQSFQVIWHYLHDTLLQRYAHERNGINVVSGPVFDFDYDGRYDSLEILKQNSRVIRS
QEILIPTHFFIVLTSCKQLSETPLECSALESSAYILPHRPDNIESCTHGKRESSWVEELLTLHRARVTDVELITGLSFYQ
DRQESVSELLRLKTHLPIFSQED
;
_entity_poly.pdbx_strand_id   A,B
#
# COMPACT_ATOMS: atom_id res chain seq x y z
N LYS A 88 -5.90 20.01 34.43
CA LYS A 88 -6.66 19.10 33.58
C LYS A 88 -5.99 17.73 33.48
N SER A 89 -6.78 16.68 33.71
CA SER A 89 -6.28 15.31 33.62
C SER A 89 -6.00 14.97 32.16
N TRP A 90 -5.28 13.87 31.94
CA TRP A 90 -4.91 13.46 30.59
C TRP A 90 -6.12 13.14 29.71
N VAL A 91 -7.15 12.53 30.29
CA VAL A 91 -8.33 12.17 29.53
C VAL A 91 -9.12 13.41 29.11
N GLU A 92 -8.99 14.50 29.86
CA GLU A 92 -9.71 15.74 29.57
C GLU A 92 -9.08 16.58 28.45
N GLU A 93 -7.79 16.40 28.20
CA GLU A 93 -7.11 17.12 27.14
C GLU A 93 -7.39 16.50 25.78
N THR A 94 -7.28 17.29 24.71
CA THR A 94 -7.55 16.77 23.38
C THR A 94 -6.33 16.04 22.84
N CYS A 95 -6.44 15.56 21.60
CA CYS A 95 -5.34 14.85 20.96
C CYS A 95 -4.20 15.77 20.57
N GLU A 96 -2.97 15.28 20.77
CA GLU A 96 -1.77 16.00 20.36
C GLU A 96 -0.82 15.10 19.58
N SER A 97 -0.43 15.57 18.40
CA SER A 97 0.45 14.79 17.52
C SER A 97 1.85 14.75 18.11
N ILE A 98 2.35 13.53 18.36
CA ILE A 98 3.69 13.35 18.90
C ILE A 98 4.61 12.84 17.80
N ASP A 99 4.93 13.72 16.85
CA ASP A 99 5.80 13.39 15.72
C ASP A 99 7.22 13.16 16.19
N THR A 100 7.66 13.97 17.15
CA THR A 100 8.98 13.83 17.75
C THR A 100 8.83 13.65 19.25
N PRO A 101 9.46 12.60 19.80
CA PRO A 101 9.34 12.31 21.23
C PRO A 101 9.85 13.46 22.11
N GLU A 102 9.00 13.96 22.98
CA GLU A 102 9.40 15.01 23.92
C GLU A 102 9.79 14.38 25.26
N CYS A 103 11.04 13.97 25.40
CA CYS A 103 11.48 13.30 26.62
C CYS A 103 12.28 14.21 27.56
N PRO A 104 12.01 14.09 28.87
CA PRO A 104 12.75 14.78 29.93
C PRO A 104 14.21 14.35 29.94
N ALA A 105 15.06 15.08 30.65
CA ALA A 105 16.47 14.73 30.75
C ALA A 105 16.61 13.35 31.41
N GLU A 106 17.77 12.73 31.23
CA GLU A 106 18.07 11.39 31.73
C GLU A 106 17.39 10.29 30.89
N PHE A 107 16.57 10.72 29.93
CA PHE A 107 15.93 9.79 29.01
C PHE A 107 16.52 9.97 27.62
N GLU A 108 17.00 8.88 27.01
CA GLU A 108 17.58 8.97 25.69
C GLU A 108 16.56 8.58 24.62
N SER A 109 15.69 7.65 24.97
CA SER A 109 14.64 7.19 24.07
C SER A 109 13.43 6.73 24.88
N PRO A 110 12.23 6.93 24.33
CA PRO A 110 10.98 6.56 25.01
C PRO A 110 10.92 5.07 25.32
N PRO A 111 10.64 4.72 26.60
CA PRO A 111 10.48 3.33 27.03
C PRO A 111 9.21 2.70 26.45
N THR A 112 9.05 1.40 26.61
CA THR A 112 7.88 0.72 26.09
C THR A 112 7.14 -0.08 27.17
N LEU A 113 5.90 0.30 27.44
CA LEU A 113 5.08 -0.39 28.44
C LEU A 113 4.03 -1.28 27.79
N LEU A 114 3.98 -2.54 28.23
CA LEU A 114 3.00 -3.50 27.76
C LEU A 114 1.91 -3.71 28.82
N PHE A 115 0.77 -3.06 28.62
CA PHE A 115 -0.35 -3.11 29.55
C PHE A 115 -1.38 -4.14 29.11
N SER A 116 -1.60 -5.16 29.93
CA SER A 116 -2.55 -6.21 29.58
C SER A 116 -3.82 -6.19 30.42
N LEU A 117 -4.96 -6.38 29.76
CA LEU A 117 -6.25 -6.48 30.43
C LEU A 117 -6.85 -7.83 30.07
N ASP A 118 -6.69 -8.81 30.94
CA ASP A 118 -7.11 -10.17 30.66
C ASP A 118 -8.61 -10.24 30.37
N GLY A 119 -8.97 -10.97 29.32
CA GLY A 119 -10.37 -11.20 29.01
C GLY A 119 -11.11 -10.02 28.38
N PHE A 120 -10.36 -9.09 27.81
CA PHE A 120 -10.95 -7.93 27.17
C PHE A 120 -11.33 -8.29 25.75
N ARG A 121 -12.55 -8.77 25.58
CA ARG A 121 -13.06 -9.17 24.27
C ARG A 121 -13.14 -7.94 23.38
N ALA A 122 -12.86 -8.13 22.10
CA ALA A 122 -12.79 -7.01 21.16
C ALA A 122 -14.14 -6.30 21.02
N GLU A 123 -15.22 -7.06 21.19
CA GLU A 123 -16.56 -6.52 21.08
C GLU A 123 -16.86 -5.49 22.17
N TYR A 124 -16.14 -5.59 23.29
CA TYR A 124 -16.34 -4.67 24.40
C TYR A 124 -16.18 -3.21 24.00
N LEU A 125 -15.06 -2.90 23.36
CA LEU A 125 -14.76 -1.54 22.93
C LEU A 125 -15.63 -1.08 21.76
N HIS A 126 -16.03 -2.03 20.92
CA HIS A 126 -16.92 -1.72 19.79
C HIS A 126 -18.24 -1.19 20.30
N THR A 127 -18.80 -1.85 21.31
CA THR A 127 -20.13 -1.53 21.80
C THR A 127 -20.11 -0.50 22.94
N TRP A 128 -19.22 -0.71 23.90
CA TRP A 128 -19.19 0.13 25.10
C TRP A 128 -18.11 1.22 25.06
N GLY A 129 -17.89 1.80 23.89
CA GLY A 129 -16.90 2.85 23.73
C GLY A 129 -17.26 4.13 24.46
N GLY A 130 -18.56 4.43 24.52
CA GLY A 130 -19.05 5.63 25.17
C GLY A 130 -18.97 5.59 26.68
N LEU A 131 -18.74 4.40 27.22
CA LEU A 131 -18.62 4.22 28.66
C LEU A 131 -17.16 4.16 29.10
N LEU A 132 -16.26 4.13 28.13
CA LEU A 132 -14.83 4.06 28.41
C LEU A 132 -14.08 5.24 27.80
N PRO A 133 -14.09 6.39 28.49
CA PRO A 133 -13.51 7.64 27.97
C PRO A 133 -11.98 7.59 27.84
N VAL A 134 -11.30 6.92 28.76
CA VAL A 134 -9.85 6.85 28.71
C VAL A 134 -9.38 5.97 27.56
N ILE A 135 -9.95 4.77 27.46
CA ILE A 135 -9.60 3.82 26.42
C ILE A 135 -9.94 4.37 25.03
N SER A 136 -11.06 5.09 24.95
CA SER A 136 -11.51 5.69 23.70
C SER A 136 -10.53 6.75 23.21
N LYS A 137 -9.91 7.49 24.12
CA LYS A 137 -8.95 8.51 23.72
C LYS A 137 -7.68 7.86 23.17
N LEU A 138 -7.25 6.77 23.79
CA LEU A 138 -6.13 5.98 23.31
C LEU A 138 -6.37 5.41 21.92
N LYS A 139 -7.62 5.06 21.65
CA LYS A 139 -8.01 4.55 20.34
C LYS A 139 -7.94 5.65 19.28
N ASN A 140 -8.52 6.80 19.59
CA ASN A 140 -8.61 7.90 18.65
C ASN A 140 -7.29 8.63 18.37
N CYS A 141 -6.33 8.50 19.27
CA CYS A 141 -5.04 9.16 19.10
C CYS A 141 -3.90 8.18 18.86
N GLY A 142 -4.23 6.90 18.71
CA GLY A 142 -3.20 5.90 18.51
C GLY A 142 -3.53 4.97 17.37
N THR A 143 -2.83 3.83 17.32
CA THR A 143 -3.10 2.84 16.29
C THR A 143 -3.98 1.73 16.85
N TYR A 144 -5.16 1.58 16.27
CA TYR A 144 -6.15 0.65 16.78
C TYR A 144 -6.52 -0.36 15.71
N THR A 145 -6.97 -1.53 16.14
CA THR A 145 -7.45 -2.55 15.23
C THR A 145 -8.74 -3.14 15.79
N LYS A 146 -9.78 -3.14 14.96
CA LYS A 146 -11.09 -3.68 15.35
C LYS A 146 -10.97 -5.05 16.01
N ASN A 147 -10.16 -5.91 15.43
CA ASN A 147 -9.98 -7.26 15.97
C ASN A 147 -8.52 -7.70 15.91
N MET A 148 -8.01 -8.17 17.04
CA MET A 148 -6.68 -8.78 17.07
C MET A 148 -6.82 -10.28 17.27
N ARG A 149 -6.31 -11.04 16.32
CA ARG A 149 -6.48 -12.48 16.39
C ARG A 149 -5.46 -13.10 17.33
N PRO A 150 -5.94 -13.80 18.36
CA PRO A 150 -5.10 -14.45 19.36
C PRO A 150 -4.72 -15.85 18.93
N MET A 151 -3.92 -16.53 19.74
CA MET A 151 -3.51 -17.88 19.39
C MET A 151 -4.47 -18.96 19.91
N TYR A 152 -4.22 -20.20 19.51
CA TYR A 152 -5.07 -21.32 19.91
C TYR A 152 -4.36 -22.27 20.86
N PRO A 153 -5.05 -22.69 21.95
CA PRO A 153 -6.39 -22.28 22.36
C PRO A 153 -6.40 -20.89 22.97
N THR A 154 -7.59 -20.29 23.08
CA THR A 154 -7.70 -18.93 23.56
C THR A 154 -7.68 -18.89 25.09
N LYS A 155 -6.51 -19.09 25.68
CA LYS A 155 -6.31 -19.12 27.12
C LYS A 155 -5.27 -18.08 27.52
N THR A 156 -5.23 -17.70 28.79
CA THR A 156 -4.34 -16.64 29.27
C THR A 156 -2.85 -16.94 29.04
N PHE A 157 -2.36 -18.00 29.67
CA PHE A 157 -0.95 -18.35 29.60
C PHE A 157 -0.36 -18.60 28.21
N PRO A 158 -1.04 -19.39 27.36
CA PRO A 158 -0.45 -19.59 26.03
C PRO A 158 -0.33 -18.28 25.24
N ASN A 159 -1.38 -17.47 25.27
CA ASN A 159 -1.42 -16.20 24.54
C ASN A 159 -0.50 -15.12 25.11
N HIS A 160 -0.53 -14.93 26.42
CA HIS A 160 0.32 -13.95 27.08
C HIS A 160 1.79 -14.24 26.81
N TYR A 161 2.11 -15.52 26.68
CA TYR A 161 3.48 -15.95 26.41
C TYR A 161 3.81 -15.90 24.92
N SER A 162 2.79 -16.06 24.09
CA SER A 162 2.99 -15.96 22.64
C SER A 162 3.24 -14.51 22.22
N ILE A 163 2.66 -13.58 22.97
CA ILE A 163 2.87 -12.16 22.73
C ILE A 163 4.34 -11.79 22.91
N VAL A 164 4.93 -12.23 24.02
CA VAL A 164 6.31 -11.85 24.34
C VAL A 164 7.35 -12.76 23.70
N THR A 165 6.92 -13.78 22.99
CA THR A 165 7.85 -14.68 22.32
C THR A 165 7.67 -14.66 20.79
N GLY A 166 6.48 -14.28 20.35
CA GLY A 166 6.17 -14.26 18.93
C GLY A 166 6.11 -15.64 18.32
N LEU A 167 5.91 -16.64 19.18
CA LEU A 167 5.89 -18.02 18.72
C LEU A 167 4.50 -18.63 18.85
N TYR A 168 4.24 -19.62 18.00
CA TYR A 168 3.02 -20.40 18.12
C TYR A 168 3.12 -21.20 19.41
N PRO A 169 1.98 -21.42 20.08
CA PRO A 169 1.92 -22.20 21.32
C PRO A 169 2.53 -23.61 21.17
N GLU A 170 2.43 -24.18 19.98
CA GLU A 170 2.97 -25.51 19.72
C GLU A 170 4.49 -25.53 19.77
N SER A 171 5.11 -24.34 19.77
CA SER A 171 6.55 -24.25 19.70
C SER A 171 7.18 -23.68 20.98
N HIS A 172 6.43 -22.86 21.73
CA HIS A 172 7.00 -22.26 22.93
C HIS A 172 6.69 -23.05 24.20
N GLY A 173 5.93 -24.13 24.05
CA GLY A 173 5.73 -25.07 25.14
C GLY A 173 4.48 -24.88 25.99
N ILE A 174 4.04 -23.64 26.16
CA ILE A 174 2.87 -23.38 26.99
C ILE A 174 1.59 -23.52 26.18
N ILE A 175 1.09 -24.75 26.10
CA ILE A 175 -0.08 -25.08 25.28
C ILE A 175 -1.41 -24.63 25.91
N ASP A 176 -1.55 -24.84 27.21
CA ASP A 176 -2.77 -24.50 27.93
C ASP A 176 -2.45 -24.11 29.37
N ASN A 177 -3.43 -23.59 30.09
CA ASN A 177 -3.26 -23.33 31.52
C ASN A 177 -2.97 -24.61 32.28
N LYS A 178 -3.67 -25.68 31.91
CA LYS A 178 -3.44 -26.99 32.49
C LYS A 178 -3.06 -27.98 31.38
N MET A 179 -1.91 -28.61 31.52
CA MET A 179 -1.43 -29.55 30.50
C MET A 179 -0.54 -30.63 31.10
N TYR A 180 0.02 -31.48 30.24
CA TYR A 180 0.89 -32.56 30.71
C TYR A 180 1.94 -32.99 29.70
N ASP A 181 3.16 -33.21 30.19
CA ASP A 181 4.28 -33.67 29.39
C ASP A 181 4.63 -35.13 29.71
N PRO A 182 4.49 -36.01 28.71
CA PRO A 182 4.78 -37.45 28.87
C PRO A 182 6.26 -37.70 29.14
N LYS A 183 7.13 -36.98 28.44
CA LYS A 183 8.57 -37.18 28.57
C LYS A 183 9.10 -36.74 29.94
N MET A 184 8.30 -35.96 30.66
CA MET A 184 8.66 -35.51 32.00
C MET A 184 7.84 -36.21 33.08
N ASN A 185 6.71 -36.79 32.70
CA ASN A 185 5.76 -37.41 33.63
C ASN A 185 5.34 -36.38 34.68
N ALA A 186 4.97 -35.19 34.21
CA ALA A 186 4.58 -34.11 35.10
C ALA A 186 3.47 -33.25 34.51
N SER A 187 2.57 -32.78 35.36
CA SER A 187 1.46 -31.94 34.94
C SER A 187 1.81 -30.48 35.14
N PHE A 188 1.03 -29.59 34.53
CA PHE A 188 1.29 -28.16 34.65
C PHE A 188 0.03 -27.43 35.12
N SER A 189 0.20 -26.46 36.00
CA SER A 189 -0.93 -25.67 36.49
C SER A 189 -0.49 -24.30 36.99
N LEU A 190 -1.43 -23.36 37.01
CA LEU A 190 -1.14 -22.01 37.47
C LEU A 190 -0.90 -21.99 38.97
N LYS A 191 -1.71 -22.75 39.70
CA LYS A 191 -1.55 -22.91 41.14
C LYS A 191 -0.81 -24.21 41.42
N SER A 192 0.48 -24.22 41.10
CA SER A 192 1.29 -25.42 41.26
C SER A 192 2.77 -25.07 41.37
N LYS A 193 3.55 -25.99 41.94
CA LYS A 193 4.98 -25.78 42.09
C LYS A 193 5.66 -25.98 40.74
N GLU A 194 4.99 -26.72 39.86
CA GLU A 194 5.50 -27.00 38.52
C GLU A 194 5.45 -25.76 37.62
N LYS A 195 4.64 -24.77 38.01
CA LYS A 195 4.56 -23.53 37.24
C LYS A 195 5.91 -22.84 37.14
N PHE A 196 6.68 -22.88 38.23
CA PHE A 196 7.95 -22.19 38.28
C PHE A 196 9.09 -23.04 37.70
N ASN A 197 8.73 -24.13 37.03
CA ASN A 197 9.73 -25.00 36.41
C ASN A 197 10.10 -24.55 35.00
N PRO A 198 11.37 -24.18 34.81
CA PRO A 198 11.93 -23.65 33.56
C PRO A 198 11.94 -24.65 32.40
N LEU A 199 11.65 -25.92 32.67
CA LEU A 199 11.65 -26.92 31.61
C LEU A 199 10.41 -26.85 30.73
N TRP A 200 9.43 -26.07 31.18
CA TRP A 200 8.19 -25.88 30.46
C TRP A 200 8.31 -24.77 29.42
N TYR A 201 8.97 -23.68 29.81
CA TYR A 201 9.06 -22.48 28.99
C TYR A 201 10.14 -22.58 27.92
N LYS A 202 9.70 -22.66 26.67
CA LYS A 202 10.62 -22.70 25.53
C LYS A 202 10.69 -21.32 24.89
N GLY A 203 11.43 -21.23 23.79
CA GLY A 203 11.56 -19.97 23.09
C GLY A 203 12.40 -18.97 23.86
N GLN A 204 12.20 -17.69 23.55
CA GLN A 204 12.94 -16.60 24.18
C GLN A 204 12.04 -15.38 24.33
N PRO A 205 11.57 -15.12 25.56
CA PRO A 205 10.73 -13.95 25.78
C PRO A 205 11.49 -12.65 25.59
N ILE A 206 10.76 -11.56 25.43
CA ILE A 206 11.34 -10.27 25.08
C ILE A 206 12.33 -9.72 26.13
N TRP A 207 12.04 -9.97 27.41
CA TRP A 207 12.92 -9.48 28.48
C TRP A 207 14.26 -10.20 28.50
N VAL A 208 14.24 -11.45 28.04
CA VAL A 208 15.47 -12.24 27.89
C VAL A 208 16.25 -11.71 26.68
N THR A 209 15.50 -11.41 25.61
CA THR A 209 16.09 -10.85 24.41
C THR A 209 16.73 -9.52 24.76
N ALA A 210 16.01 -8.72 25.54
CA ALA A 210 16.49 -7.41 25.98
C ALA A 210 17.74 -7.57 26.84
N ASN A 211 17.77 -8.63 27.64
CA ASN A 211 18.91 -8.86 28.52
C ASN A 211 20.20 -9.19 27.75
N HIS A 212 20.07 -9.94 26.67
CA HIS A 212 21.22 -10.31 25.86
C HIS A 212 21.80 -9.12 25.09
N GLN A 213 20.98 -8.11 24.89
CA GLN A 213 21.41 -6.92 24.16
C GLN A 213 21.48 -5.71 25.09
N GLU A 214 21.70 -5.99 26.36
CA GLU A 214 21.95 -4.97 27.37
C GLU A 214 20.83 -3.94 27.54
N VAL A 215 19.60 -4.41 27.69
CA VAL A 215 18.46 -3.54 27.93
C VAL A 215 17.69 -4.01 29.16
N LYS A 216 17.62 -3.15 30.17
CA LYS A 216 16.95 -3.50 31.41
C LYS A 216 15.44 -3.57 31.21
N SER A 217 14.78 -4.43 31.97
CA SER A 217 13.36 -4.63 31.86
C SER A 217 12.74 -4.83 33.23
N GLY A 218 11.65 -4.12 33.50
CA GLY A 218 10.95 -4.22 34.76
C GLY A 218 9.52 -4.65 34.57
N THR A 219 9.23 -5.88 34.95
CA THR A 219 7.92 -6.47 34.72
C THR A 219 7.10 -6.58 36.01
N TYR A 220 5.78 -6.71 35.84
CA TYR A 220 4.86 -6.87 36.95
C TYR A 220 3.75 -7.81 36.55
N PHE A 221 3.84 -9.06 37.03
CA PHE A 221 2.82 -10.08 36.80
C PHE A 221 2.59 -10.50 35.34
N TRP A 222 3.65 -10.75 34.60
CA TRP A 222 3.47 -11.29 33.25
C TRP A 222 3.86 -12.76 33.25
N PRO A 223 3.03 -13.60 32.63
CA PRO A 223 3.30 -15.04 32.55
C PRO A 223 4.70 -15.31 32.00
N GLY A 224 5.55 -15.90 32.83
CA GLY A 224 6.91 -16.21 32.44
C GLY A 224 7.91 -15.27 33.09
N SER A 225 7.39 -14.29 33.82
CA SER A 225 8.24 -13.32 34.51
C SER A 225 8.74 -13.88 35.84
N ASP A 226 7.91 -14.71 36.47
CA ASP A 226 8.28 -15.33 37.75
C ASP A 226 9.40 -16.35 37.57
N VAL A 227 9.32 -17.12 36.49
CA VAL A 227 10.30 -18.14 36.16
C VAL A 227 11.53 -17.62 35.43
N GLU A 228 12.69 -18.20 35.71
CA GLU A 228 13.88 -17.79 34.99
C GLU A 228 14.01 -18.69 33.77
N ILE A 229 14.02 -18.07 32.60
CA ILE A 229 14.18 -18.78 31.35
C ILE A 229 15.58 -18.56 30.81
N ASP A 230 16.25 -19.64 30.45
CA ASP A 230 17.64 -19.56 29.99
C ASP A 230 18.53 -18.90 31.04
N GLY A 231 18.16 -19.10 32.31
CA GLY A 231 18.89 -18.56 33.44
C GLY A 231 18.81 -17.05 33.60
N ILE A 232 17.79 -16.45 32.98
CA ILE A 232 17.63 -15.00 33.01
C ILE A 232 16.32 -14.58 33.68
N LEU A 233 16.41 -13.57 34.55
CA LEU A 233 15.22 -13.00 35.18
C LEU A 233 15.25 -11.51 34.91
N PRO A 234 14.07 -10.91 34.74
CA PRO A 234 13.94 -9.45 34.57
C PRO A 234 14.52 -8.70 35.75
N ASP A 235 15.16 -7.57 35.47
CA ASP A 235 15.88 -6.78 36.48
C ASP A 235 14.97 -6.39 37.65
N ILE A 236 13.69 -6.20 37.34
CA ILE A 236 12.69 -5.98 38.38
C ILE A 236 11.50 -6.86 38.05
N TYR A 237 11.23 -7.83 38.91
CA TYR A 237 10.12 -8.74 38.68
C TYR A 237 9.27 -8.93 39.92
N LYS A 238 8.12 -9.57 39.75
CA LYS A 238 7.24 -9.85 40.87
C LYS A 238 6.54 -11.18 40.64
N VAL A 239 6.77 -12.12 41.55
CA VAL A 239 6.09 -13.41 41.52
C VAL A 239 4.60 -13.18 41.64
N TYR A 240 3.81 -13.86 40.81
CA TYR A 240 2.39 -13.55 40.72
C TYR A 240 1.67 -13.67 42.06
N ASN A 241 0.99 -12.60 42.45
CA ASN A 241 0.19 -12.56 43.67
C ASN A 241 -1.08 -11.77 43.37
N GLY A 242 -2.17 -12.48 43.13
CA GLY A 242 -3.42 -11.85 42.73
C GLY A 242 -4.08 -10.99 43.79
N SER A 243 -3.54 -11.01 45.00
CA SER A 243 -4.12 -10.22 46.09
C SER A 243 -3.66 -8.77 46.03
N VAL A 244 -2.59 -8.51 45.29
CA VAL A 244 -2.07 -7.14 45.16
C VAL A 244 -3.09 -6.27 44.44
N PRO A 245 -3.51 -5.17 45.10
CA PRO A 245 -4.50 -4.23 44.54
C PRO A 245 -4.01 -3.59 43.25
N PHE A 246 -4.93 -3.35 42.31
CA PHE A 246 -4.57 -2.82 40.99
C PHE A 246 -3.90 -1.46 41.10
N GLU A 247 -4.45 -0.61 41.97
CA GLU A 247 -3.93 0.75 42.13
C GLU A 247 -2.47 0.72 42.57
N GLU A 248 -2.09 -0.31 43.31
CA GLU A 248 -0.73 -0.47 43.80
C GLU A 248 0.23 -0.94 42.71
N ARG A 249 -0.31 -1.66 41.74
CA ARG A 249 0.49 -2.18 40.63
C ARG A 249 0.92 -1.05 39.70
N ILE A 250 0.02 -0.11 39.47
CA ILE A 250 0.29 1.03 38.61
C ILE A 250 1.36 1.90 39.26
N LEU A 251 1.18 2.17 40.55
CA LEU A 251 2.10 2.99 41.31
C LEU A 251 3.49 2.38 41.38
N ALA A 252 3.55 1.06 41.42
CA ALA A 252 4.82 0.35 41.47
C ALA A 252 5.65 0.65 40.21
N VAL A 253 4.99 0.62 39.07
CA VAL A 253 5.64 0.93 37.80
C VAL A 253 6.00 2.40 37.69
N LEU A 254 5.11 3.26 38.18
CA LEU A 254 5.35 4.70 38.18
C LEU A 254 6.57 5.07 39.05
N GLU A 255 6.79 4.29 40.11
CA GLU A 255 7.94 4.50 40.98
C GLU A 255 9.22 4.06 40.29
N TRP A 256 9.13 3.02 39.46
CA TRP A 256 10.28 2.49 38.72
C TRP A 256 10.77 3.45 37.64
N LEU A 257 9.85 4.22 37.07
CA LEU A 257 10.16 5.21 36.04
C LEU A 257 11.04 6.34 36.56
N GLN A 258 11.19 6.41 37.87
CA GLN A 258 11.95 7.48 38.51
C GLN A 258 13.36 7.03 38.91
N LEU A 259 13.65 5.76 38.66
CA LEU A 259 14.95 5.16 38.96
C LEU A 259 16.07 5.82 38.14
N PRO A 260 17.32 5.80 38.67
CA PRO A 260 18.48 6.36 37.98
C PRO A 260 18.65 5.83 36.56
N SER A 261 19.25 6.65 35.69
CA SER A 261 19.37 6.34 34.27
C SER A 261 20.05 5.00 33.98
N HIS A 262 20.88 4.55 34.91
CA HIS A 262 21.62 3.30 34.75
C HIS A 262 20.87 2.09 35.30
N GLU A 263 19.93 2.34 36.20
CA GLU A 263 19.18 1.26 36.85
C GLU A 263 17.70 1.29 36.51
N ARG A 264 17.34 2.10 35.51
CA ARG A 264 15.94 2.22 35.10
C ARG A 264 15.66 1.35 33.88
N PRO A 265 14.64 0.50 33.97
CA PRO A 265 14.24 -0.38 32.87
C PRO A 265 13.75 0.39 31.64
N HIS A 266 13.88 -0.22 30.47
CA HIS A 266 13.49 0.40 29.22
C HIS A 266 12.23 -0.29 28.71
N PHE A 267 11.96 -1.48 29.23
CA PHE A 267 10.77 -2.25 28.90
C PHE A 267 9.96 -2.58 30.16
N TYR A 268 8.64 -2.39 30.09
CA TYR A 268 7.78 -2.59 31.25
C TYR A 268 6.54 -3.40 30.91
N THR A 269 6.03 -4.15 31.88
CA THR A 269 4.78 -4.89 31.69
C THR A 269 3.81 -4.60 32.83
N LEU A 270 2.52 -4.70 32.54
CA LEU A 270 1.46 -4.54 33.54
C LEU A 270 0.33 -5.52 33.24
N TYR A 271 -0.18 -6.17 34.28
CA TYR A 271 -1.25 -7.14 34.08
C TYR A 271 -2.40 -6.98 35.08
N LEU A 272 -3.62 -7.03 34.55
CA LEU A 272 -4.83 -6.97 35.35
C LEU A 272 -5.74 -8.15 35.00
N GLU A 273 -6.38 -8.73 36.01
CA GLU A 273 -7.25 -9.89 35.81
C GLU A 273 -8.61 -9.54 35.23
N GLU A 274 -8.93 -8.25 35.16
CA GLU A 274 -10.20 -7.79 34.60
C GLU A 274 -10.06 -7.40 33.13
N PRO A 275 -11.14 -7.56 32.35
CA PRO A 275 -12.46 -8.07 32.74
C PRO A 275 -12.65 -9.58 32.56
N ASP A 276 -11.58 -10.36 32.66
CA ASP A 276 -11.71 -11.81 32.53
C ASP A 276 -12.49 -12.40 33.70
N SER A 277 -12.17 -11.95 34.91
CA SER A 277 -12.80 -12.45 36.12
C SER A 277 -14.31 -12.21 36.14
N SER A 278 -14.71 -10.97 35.85
CA SER A 278 -16.12 -10.62 35.82
C SER A 278 -16.82 -11.26 34.63
N GLY A 279 -16.06 -11.53 33.58
CA GLY A 279 -16.60 -12.14 32.38
C GLY A 279 -17.02 -13.57 32.63
N HIS A 280 -16.20 -14.29 33.41
CA HIS A 280 -16.51 -15.68 33.71
C HIS A 280 -17.73 -15.80 34.62
N SER A 281 -17.74 -15.04 35.71
CA SER A 281 -18.75 -15.22 36.74
C SER A 281 -20.15 -14.68 36.40
N HIS A 282 -20.24 -13.76 35.46
CA HIS A 282 -21.52 -13.12 35.15
C HIS A 282 -21.86 -13.05 33.66
N GLY A 283 -20.87 -13.30 32.81
CA GLY A 283 -21.09 -13.31 31.37
C GLY A 283 -20.64 -12.02 30.70
N PRO A 284 -20.36 -12.09 29.38
CA PRO A 284 -19.89 -10.96 28.59
C PRO A 284 -20.86 -9.79 28.60
N VAL A 285 -22.15 -10.08 28.64
CA VAL A 285 -23.18 -9.05 28.70
C VAL A 285 -23.79 -8.98 30.10
N SER A 286 -23.19 -8.16 30.97
CA SER A 286 -23.66 -8.05 32.34
C SER A 286 -23.37 -6.67 32.90
N SER A 287 -23.89 -6.41 34.10
CA SER A 287 -23.63 -5.14 34.75
C SER A 287 -22.24 -5.20 35.37
N GLU A 288 -21.78 -6.42 35.66
CA GLU A 288 -20.50 -6.56 36.33
C GLU A 288 -19.36 -6.31 35.36
N VAL A 289 -19.55 -6.65 34.09
CA VAL A 289 -18.51 -6.39 33.09
C VAL A 289 -18.47 -4.90 32.73
N ILE A 290 -19.63 -4.25 32.71
CA ILE A 290 -19.69 -2.81 32.46
C ILE A 290 -18.97 -2.09 33.58
N LYS A 291 -19.24 -2.51 34.82
CA LYS A 291 -18.56 -1.99 35.99
C LYS A 291 -17.08 -2.33 35.97
N ALA A 292 -16.76 -3.49 35.42
CA ALA A 292 -15.36 -3.93 35.30
C ALA A 292 -14.63 -3.15 34.22
N LEU A 293 -15.30 -2.93 33.09
CA LEU A 293 -14.71 -2.16 32.01
C LEU A 293 -14.44 -0.74 32.46
N GLN A 294 -15.39 -0.18 33.19
CA GLN A 294 -15.25 1.17 33.74
C GLN A 294 -14.16 1.22 34.81
N LYS A 295 -14.03 0.13 35.56
CA LYS A 295 -13.00 0.04 36.59
C LYS A 295 -11.63 0.01 35.94
N VAL A 296 -11.49 -0.78 34.88
CA VAL A 296 -10.23 -0.89 34.16
C VAL A 296 -9.93 0.39 33.39
N ASP A 297 -10.98 1.06 32.94
CA ASP A 297 -10.83 2.29 32.19
C ASP A 297 -10.26 3.43 33.04
N ARG A 298 -10.72 3.54 34.28
CA ARG A 298 -10.25 4.60 35.15
C ARG A 298 -8.80 4.30 35.58
N LEU A 299 -8.48 3.01 35.68
CA LEU A 299 -7.15 2.57 36.07
C LEU A 299 -6.10 2.90 35.02
N VAL A 300 -6.49 2.81 33.76
CA VAL A 300 -5.57 3.20 32.68
C VAL A 300 -5.43 4.71 32.75
N GLY A 301 -6.54 5.38 33.07
CA GLY A 301 -6.54 6.82 33.25
C GLY A 301 -5.66 7.26 34.39
N MET A 302 -5.55 6.41 35.42
CA MET A 302 -4.68 6.71 36.54
C MET A 302 -3.22 6.66 36.10
N LEU A 303 -2.91 5.69 35.24
CA LEU A 303 -1.57 5.56 34.71
C LEU A 303 -1.17 6.77 33.86
N MET A 304 -2.10 7.19 32.99
CA MET A 304 -1.85 8.32 32.10
C MET A 304 -1.70 9.66 32.81
N ASP A 305 -2.47 9.85 33.88
CA ASP A 305 -2.33 11.03 34.71
C ASP A 305 -1.01 10.99 35.47
N GLY A 306 -0.60 9.78 35.86
CA GLY A 306 0.67 9.57 36.54
C GLY A 306 1.84 9.82 35.62
N LEU A 307 1.68 9.43 34.36
CA LEU A 307 2.69 9.65 33.34
C LEU A 307 2.80 11.15 33.03
N LYS A 308 1.68 11.84 33.10
CA LYS A 308 1.64 13.27 32.82
C LYS A 308 2.32 14.07 33.92
N ASP A 309 2.12 13.66 35.17
CA ASP A 309 2.73 14.34 36.31
C ASP A 309 4.24 14.11 36.35
N LEU A 310 4.71 13.12 35.61
CA LEU A 310 6.13 12.84 35.51
C LEU A 310 6.70 13.46 34.23
N GLY A 311 5.82 14.08 33.45
CA GLY A 311 6.22 14.71 32.19
C GLY A 311 6.65 13.70 31.15
N LEU A 312 5.95 12.57 31.11
CA LEU A 312 6.30 11.49 30.19
C LEU A 312 5.12 11.08 29.32
N ASP A 313 4.05 11.87 29.38
CA ASP A 313 2.83 11.58 28.62
C ASP A 313 3.08 11.66 27.11
N LYS A 314 4.14 12.36 26.72
CA LYS A 314 4.56 12.42 25.32
C LYS A 314 5.95 11.82 25.14
N CYS A 315 6.30 10.87 26.00
CA CYS A 315 7.62 10.24 25.95
C CYS A 315 7.56 8.73 26.24
N LEU A 316 6.39 8.14 26.08
CA LEU A 316 6.23 6.70 26.33
C LEU A 316 5.45 5.97 25.23
N ASN A 317 5.95 4.80 24.85
CA ASN A 317 5.21 3.94 23.93
C ASN A 317 4.34 2.96 24.70
N LEU A 318 3.03 3.13 24.57
CA LEU A 318 2.07 2.29 25.26
C LEU A 318 1.40 1.29 24.33
N ILE A 319 1.38 0.03 24.74
CA ILE A 319 0.66 -1.01 24.00
C ILE A 319 -0.41 -1.63 24.88
N LEU A 320 -1.65 -1.18 24.73
CA LEU A 320 -2.76 -1.71 25.51
C LEU A 320 -3.35 -2.94 24.82
N ILE A 321 -3.08 -4.11 25.38
CA ILE A 321 -3.40 -5.36 24.73
C ILE A 321 -4.22 -6.29 25.64
N SER A 322 -4.76 -7.36 25.07
CA SER A 322 -5.42 -8.42 25.83
C SER A 322 -5.07 -9.79 25.26
N ASP A 323 -5.32 -10.84 26.04
CA ASP A 323 -4.96 -12.20 25.65
C ASP A 323 -6.00 -12.89 24.79
N HIS A 324 -7.27 -12.66 25.10
CA HIS A 324 -8.37 -13.32 24.41
C HIS A 324 -9.70 -12.62 24.64
N GLY A 325 -10.78 -13.26 24.17
CA GLY A 325 -12.12 -12.72 24.33
C GLY A 325 -12.90 -13.46 25.40
N MET A 326 -14.22 -13.44 25.27
CA MET A 326 -15.10 -14.08 26.26
C MET A 326 -16.40 -14.51 25.57
N GLU A 327 -16.82 -15.74 25.84
CA GLU A 327 -18.06 -16.27 25.25
C GLU A 327 -19.03 -16.78 26.31
N GLN A 328 -20.32 -16.60 26.07
CA GLN A 328 -21.34 -17.05 27.00
C GLN A 328 -21.60 -18.55 26.89
N GLY A 329 -21.24 -19.28 27.94
CA GLY A 329 -21.45 -20.71 28.00
C GLY A 329 -22.87 -21.05 28.40
N SER A 330 -23.31 -22.28 28.11
CA SER A 330 -24.66 -22.69 28.45
C SER A 330 -24.70 -24.15 28.90
N CYS A 331 -25.64 -24.45 29.79
CA CYS A 331 -25.84 -25.81 30.28
C CYS A 331 -26.43 -26.68 29.18
N LYS A 332 -27.28 -26.07 28.35
CA LYS A 332 -27.91 -26.80 27.25
C LYS A 332 -26.87 -27.06 26.18
N LYS A 333 -25.85 -26.21 26.11
CA LYS A 333 -24.81 -26.35 25.11
C LYS A 333 -23.51 -26.88 25.70
N TYR A 334 -23.55 -28.10 26.21
CA TYR A 334 -22.35 -28.74 26.77
C TYR A 334 -22.32 -30.22 26.36
N VAL A 335 -21.13 -30.74 26.07
CA VAL A 335 -21.00 -32.11 25.63
C VAL A 335 -20.30 -33.00 26.66
N TYR A 336 -20.93 -34.11 27.02
CA TYR A 336 -20.34 -35.04 27.99
C TYR A 336 -20.01 -36.37 27.32
N LEU A 337 -18.73 -36.74 27.36
CA LEU A 337 -18.23 -37.93 26.67
C LEU A 337 -18.79 -39.25 27.19
N ASN A 338 -19.22 -39.27 28.45
CA ASN A 338 -19.72 -40.49 29.07
C ASN A 338 -20.94 -41.06 28.34
N LYS A 339 -21.69 -40.19 27.68
CA LYS A 339 -22.90 -40.59 26.96
C LYS A 339 -22.60 -41.55 25.80
N TYR A 340 -21.37 -41.51 25.29
CA TYR A 340 -20.99 -42.40 24.19
C TYR A 340 -20.03 -43.50 24.63
N LEU A 341 -19.36 -43.26 25.76
CA LEU A 341 -18.35 -44.19 26.25
C LEU A 341 -18.75 -44.89 27.54
N GLY A 342 -19.47 -44.16 28.40
CA GLY A 342 -19.85 -44.68 29.70
C GLY A 342 -18.92 -44.14 30.76
N ASP A 343 -19.26 -44.35 32.02
CA ASP A 343 -18.43 -43.88 33.13
C ASP A 343 -17.12 -44.66 33.18
N VAL A 344 -16.28 -44.45 32.17
CA VAL A 344 -14.99 -45.12 32.06
C VAL A 344 -13.92 -44.32 32.78
N ASN A 345 -12.85 -45.00 33.19
CA ASN A 345 -11.77 -44.37 33.93
C ASN A 345 -10.41 -44.58 33.29
N ASN A 346 -10.40 -45.10 32.07
CA ASN A 346 -9.16 -45.35 31.35
C ASN A 346 -8.71 -44.12 30.57
N VAL A 347 -9.57 -43.10 30.52
CA VAL A 347 -9.27 -41.87 29.78
C VAL A 347 -9.44 -40.61 30.63
N LYS A 348 -8.60 -39.62 30.35
CA LYS A 348 -8.65 -38.31 31.01
C LYS A 348 -9.01 -37.19 30.04
N VAL A 349 -9.95 -36.33 30.43
CA VAL A 349 -10.40 -35.27 29.53
C VAL A 349 -10.18 -33.87 30.10
N VAL A 350 -9.39 -33.07 29.40
CA VAL A 350 -9.19 -31.66 29.76
C VAL A 350 -10.36 -30.83 29.25
N TYR A 351 -11.31 -30.52 30.13
CA TYR A 351 -12.55 -29.87 29.72
C TYR A 351 -12.35 -28.47 29.14
N GLY A 352 -13.36 -28.00 28.42
CA GLY A 352 -13.32 -26.70 27.77
C GLY A 352 -13.75 -26.77 26.32
N PRO A 353 -13.77 -25.62 25.62
CA PRO A 353 -14.13 -25.60 24.20
C PRO A 353 -13.00 -26.16 23.34
N ALA A 354 -11.81 -26.31 23.92
CA ALA A 354 -10.68 -26.94 23.23
C ALA A 354 -10.23 -28.16 24.01
N ALA A 355 -11.06 -29.20 24.00
CA ALA A 355 -10.82 -30.39 24.82
C ALA A 355 -9.74 -31.30 24.25
N ARG A 356 -8.99 -31.93 25.15
CA ARG A 356 -7.98 -32.91 24.76
C ARG A 356 -8.13 -34.17 25.61
N LEU A 357 -7.70 -35.31 25.06
CA LEU A 357 -7.89 -36.59 25.71
C LEU A 357 -6.62 -37.43 25.79
N ARG A 358 -6.31 -37.93 26.97
CA ARG A 358 -5.17 -38.83 27.16
C ARG A 358 -5.58 -40.03 28.03
N PRO A 359 -4.94 -41.18 27.81
CA PRO A 359 -5.26 -42.35 28.63
C PRO A 359 -4.80 -42.18 30.08
N THR A 360 -5.42 -42.90 31.00
CA THR A 360 -5.07 -42.84 32.41
C THR A 360 -3.70 -43.46 32.74
N ASP A 361 -3.42 -44.62 32.16
CA ASP A 361 -2.12 -45.27 32.37
C ASP A 361 -1.07 -44.54 31.55
N VAL A 362 -0.46 -43.54 32.16
CA VAL A 362 0.44 -42.64 31.48
C VAL A 362 1.74 -42.50 32.28
N PRO A 363 2.90 -42.52 31.60
CA PRO A 363 3.10 -42.64 30.15
C PRO A 363 3.22 -44.06 29.65
N GLU A 364 2.67 -45.02 30.40
CA GLU A 364 2.72 -46.41 29.99
C GLU A 364 1.99 -46.64 28.67
N THR A 365 0.82 -46.01 28.54
CA THR A 365 -0.01 -46.18 27.35
C THR A 365 -0.29 -44.86 26.63
N TYR A 366 0.59 -43.88 26.79
CA TYR A 366 0.41 -42.57 26.17
C TYR A 366 0.46 -42.67 24.65
N TYR A 367 1.30 -43.59 24.18
CA TYR A 367 1.46 -43.81 22.74
C TYR A 367 0.83 -45.16 22.37
N SER A 368 0.81 -46.07 23.33
CA SER A 368 0.27 -47.41 23.12
C SER A 368 -1.25 -47.36 22.88
N PHE A 369 -1.92 -46.40 23.51
CA PHE A 369 -3.35 -46.24 23.32
C PHE A 369 -3.60 -45.83 21.88
N ASN A 370 -4.46 -46.58 21.20
CA ASN A 370 -4.81 -46.20 19.83
C ASN A 370 -5.98 -45.21 19.87
N TYR A 371 -5.68 -43.96 19.57
CA TYR A 371 -6.68 -42.90 19.61
C TYR A 371 -7.55 -42.98 18.37
N GLU A 372 -7.00 -43.54 17.30
CA GLU A 372 -7.70 -43.61 16.03
C GLU A 372 -9.04 -44.33 16.13
N ALA A 373 -9.07 -45.42 16.89
CA ALA A 373 -10.30 -46.17 17.08
C ALA A 373 -11.33 -45.36 17.87
N LEU A 374 -10.84 -44.72 18.93
CA LEU A 374 -11.70 -43.91 19.78
C LEU A 374 -12.25 -42.70 19.02
N ALA A 375 -11.39 -42.11 18.19
CA ALA A 375 -11.76 -40.95 17.37
C ALA A 375 -12.83 -41.34 16.35
N LYS A 376 -12.64 -42.49 15.73
CA LYS A 376 -13.57 -43.01 14.72
C LYS A 376 -14.89 -43.45 15.36
N ASN A 377 -14.82 -43.83 16.62
CA ASN A 377 -15.96 -44.31 17.39
C ASN A 377 -16.82 -43.16 17.93
N LEU A 378 -16.29 -41.95 17.83
CA LEU A 378 -16.97 -40.76 18.34
C LEU A 378 -17.51 -39.83 17.25
N SER A 379 -17.20 -40.12 16.00
CA SER A 379 -17.60 -39.26 14.89
C SER A 379 -18.99 -39.61 14.36
N CYS A 380 -19.77 -38.56 14.08
CA CYS A 380 -21.11 -38.68 13.49
C CYS A 380 -22.07 -39.53 14.30
N ARG A 381 -22.23 -39.20 15.58
CA ARG A 381 -23.14 -39.93 16.46
C ARG A 381 -24.44 -39.15 16.59
N GLU A 382 -24.37 -37.86 16.31
CA GLU A 382 -25.53 -36.97 16.41
C GLU A 382 -25.86 -36.38 15.04
N PRO A 383 -27.13 -36.01 14.82
CA PRO A 383 -27.54 -35.38 13.55
C PRO A 383 -26.82 -34.07 13.28
N ASN A 384 -26.74 -33.21 14.30
CA ASN A 384 -25.99 -31.97 14.20
C ASN A 384 -24.98 -31.86 15.34
N GLN A 385 -23.97 -32.71 15.30
CA GLN A 385 -23.00 -32.80 16.38
C GLN A 385 -22.26 -31.47 16.51
N HIS A 386 -22.12 -30.98 17.73
CA HIS A 386 -21.51 -29.67 17.97
C HIS A 386 -20.05 -29.78 18.37
N PHE A 387 -19.51 -31.00 18.29
CA PHE A 387 -18.11 -31.23 18.52
C PHE A 387 -17.59 -32.20 17.47
N ARG A 388 -16.27 -32.27 17.32
CA ARG A 388 -15.69 -33.13 16.29
C ARG A 388 -14.34 -33.66 16.74
N PRO A 389 -14.18 -35.00 16.71
CA PRO A 389 -12.95 -35.68 17.07
C PRO A 389 -11.87 -35.44 16.03
N TYR A 390 -10.72 -34.97 16.48
CA TYR A 390 -9.60 -34.71 15.59
C TYR A 390 -8.31 -35.35 16.06
N LEU A 391 -7.72 -36.17 15.21
CA LEU A 391 -6.35 -36.60 15.42
C LEU A 391 -5.51 -35.33 15.28
N LYS A 392 -4.43 -35.25 16.03
CA LYS A 392 -3.66 -34.03 16.14
C LYS A 392 -3.15 -33.42 14.81
N PRO A 393 -2.74 -34.27 13.85
CA PRO A 393 -2.35 -33.71 12.54
C PRO A 393 -3.54 -33.36 11.64
N PHE A 394 -4.73 -33.87 11.97
CA PHE A 394 -5.91 -33.66 11.14
C PHE A 394 -6.65 -32.36 11.44
N LEU A 395 -6.18 -31.63 12.44
CA LEU A 395 -6.72 -30.32 12.75
C LEU A 395 -6.38 -29.38 11.61
N PRO A 396 -7.24 -28.35 11.39
CA PRO A 396 -6.97 -27.32 10.38
C PRO A 396 -5.58 -26.71 10.61
N LYS A 397 -4.80 -26.60 9.53
CA LYS A 397 -3.41 -26.16 9.62
C LYS A 397 -3.24 -24.76 10.14
N ARG A 398 -4.27 -23.93 9.97
CA ARG A 398 -4.24 -22.54 10.39
C ARG A 398 -4.05 -22.41 11.90
N LEU A 399 -4.46 -23.44 12.64
CA LEU A 399 -4.36 -23.45 14.10
C LEU A 399 -2.93 -23.67 14.60
N HIS A 400 -2.12 -24.39 13.83
CA HIS A 400 -0.74 -24.69 14.23
C HIS A 400 -0.63 -25.35 15.60
N PHE A 401 -1.31 -26.48 15.77
CA PHE A 401 -1.51 -27.05 17.09
C PHE A 401 -1.25 -28.56 17.08
N ALA A 402 -0.06 -28.93 16.64
CA ALA A 402 0.29 -30.35 16.52
C ALA A 402 1.69 -30.72 17.01
N LYS A 403 2.70 -29.97 16.58
CA LYS A 403 4.07 -30.39 16.82
C LYS A 403 4.55 -30.00 18.22
N SER A 404 3.91 -30.58 19.23
CA SER A 404 4.37 -30.47 20.61
C SER A 404 4.06 -31.78 21.32
N ASP A 405 4.89 -32.14 22.27
CA ASP A 405 4.67 -33.35 23.07
C ASP A 405 3.47 -33.16 23.99
N ARG A 406 3.29 -31.93 24.45
CA ARG A 406 2.26 -31.63 25.43
C ARG A 406 0.85 -31.65 24.83
N ILE A 407 0.74 -31.42 23.53
CA ILE A 407 -0.58 -31.48 22.90
C ILE A 407 -1.00 -32.95 22.79
N GLU A 408 -2.19 -33.26 23.28
CA GLU A 408 -2.72 -34.62 23.21
C GLU A 408 -3.00 -35.05 21.78
N PRO A 409 -2.73 -36.33 21.45
CA PRO A 409 -2.96 -36.90 20.13
C PRO A 409 -4.43 -36.90 19.71
N LEU A 410 -5.33 -36.68 20.66
CA LEU A 410 -6.75 -36.56 20.35
C LEU A 410 -7.27 -35.21 20.83
N THR A 411 -7.74 -34.38 19.90
CA THR A 411 -8.29 -33.08 20.26
C THR A 411 -9.75 -32.98 19.82
N PHE A 412 -10.41 -31.90 20.25
CA PHE A 412 -11.81 -31.68 19.89
C PHE A 412 -12.10 -30.28 19.38
N TYR A 413 -12.73 -30.20 18.21
CA TYR A 413 -13.17 -28.91 17.69
C TYR A 413 -14.65 -28.74 17.97
N LEU A 414 -15.00 -27.64 18.63
CA LEU A 414 -16.39 -27.40 19.01
C LEU A 414 -17.00 -26.16 18.35
N ASP A 415 -18.32 -26.20 18.17
CA ASP A 415 -19.05 -25.05 17.64
C ASP A 415 -18.97 -23.92 18.65
N PRO A 416 -19.18 -22.68 18.19
CA PRO A 416 -19.16 -21.55 19.13
C PRO A 416 -20.20 -21.76 20.23
N GLN A 417 -19.87 -21.30 21.45
CA GLN A 417 -20.73 -21.44 22.63
C GLN A 417 -20.89 -22.87 23.16
N TRP A 418 -19.97 -23.76 22.80
CA TRP A 418 -20.04 -25.16 23.23
C TRP A 418 -18.74 -25.62 23.90
N GLN A 419 -18.87 -26.35 25.00
CA GLN A 419 -17.71 -26.92 25.70
C GLN A 419 -17.86 -28.45 25.81
N LEU A 420 -16.74 -29.14 26.02
CA LEU A 420 -16.76 -30.59 26.14
C LEU A 420 -16.04 -31.10 27.40
N ALA A 421 -16.60 -32.14 28.00
CA ALA A 421 -16.00 -32.75 29.20
C ALA A 421 -16.34 -34.23 29.29
N LEU A 422 -15.61 -34.95 30.13
CA LEU A 422 -15.87 -36.38 30.32
C LEU A 422 -17.13 -36.58 31.17
N ASN A 423 -17.09 -36.06 32.39
CA ASN A 423 -18.22 -36.14 33.31
C ASN A 423 -18.60 -34.75 33.81
N PRO A 424 -19.89 -34.54 34.11
CA PRO A 424 -20.41 -33.27 34.62
C PRO A 424 -19.76 -32.83 35.93
N SER A 425 -18.96 -33.72 36.51
CA SER A 425 -18.28 -33.44 37.77
C SER A 425 -16.91 -32.77 37.59
N GLU A 426 -16.22 -33.08 36.49
CA GLU A 426 -14.89 -32.52 36.27
C GLU A 426 -14.90 -31.01 36.01
N ARG A 427 -15.87 -30.56 35.23
CA ARG A 427 -16.00 -29.15 34.87
C ARG A 427 -16.24 -28.25 36.07
N LYS A 428 -15.78 -26.99 35.97
CA LYS A 428 -15.98 -26.03 37.03
C LYS A 428 -17.46 -25.61 37.04
N TYR A 429 -17.91 -25.05 35.93
CA TYR A 429 -19.32 -24.69 35.76
C TYR A 429 -19.67 -24.61 34.27
N CYS A 430 -20.94 -24.83 33.94
CA CYS A 430 -21.37 -24.92 32.55
C CYS A 430 -21.95 -23.62 31.98
N GLY A 431 -22.61 -22.83 32.83
CA GLY A 431 -23.28 -21.62 32.38
C GLY A 431 -22.51 -20.35 32.76
N SER A 432 -21.19 -20.44 32.74
CA SER A 432 -20.34 -19.30 33.03
C SER A 432 -19.63 -18.81 31.78
N GLY A 433 -19.12 -17.59 31.84
CA GLY A 433 -18.36 -17.05 30.73
C GLY A 433 -17.08 -17.84 30.56
N PHE A 434 -16.82 -18.27 29.33
CA PHE A 434 -15.65 -19.07 29.04
C PHE A 434 -14.89 -18.54 27.82
N HIS A 435 -13.75 -19.16 27.56
CA HIS A 435 -12.96 -18.86 26.37
C HIS A 435 -12.07 -20.07 26.07
N GLY A 436 -11.47 -20.09 24.88
CA GLY A 436 -10.68 -21.23 24.48
C GLY A 436 -11.16 -21.76 23.15
N SER A 437 -12.25 -21.18 22.65
CA SER A 437 -12.82 -21.58 21.37
C SER A 437 -11.89 -21.22 20.23
N ASP A 438 -12.31 -21.57 19.01
CA ASP A 438 -11.52 -21.29 17.81
C ASP A 438 -11.13 -19.81 17.74
N ASN A 439 -9.85 -19.56 17.43
CA ASN A 439 -9.32 -18.20 17.44
C ASN A 439 -9.81 -17.32 16.28
N LEU A 440 -10.62 -17.90 15.41
CA LEU A 440 -11.23 -17.14 14.32
C LEU A 440 -12.66 -16.75 14.66
N PHE A 441 -13.11 -17.18 15.84
CA PHE A 441 -14.45 -16.84 16.29
C PHE A 441 -14.54 -15.37 16.66
N SER A 442 -15.71 -14.78 16.43
CA SER A 442 -15.93 -13.36 16.62
C SER A 442 -15.68 -12.87 18.04
N ASN A 443 -16.17 -13.62 19.03
CA ASN A 443 -16.04 -13.18 20.42
C ASN A 443 -14.74 -13.58 21.09
N MET A 444 -13.90 -14.33 20.39
CA MET A 444 -12.60 -14.70 20.95
C MET A 444 -11.55 -13.65 20.63
N GLN A 445 -11.94 -12.65 19.85
CA GLN A 445 -11.03 -11.61 19.38
C GLN A 445 -10.55 -10.69 20.50
N ALA A 446 -9.30 -10.26 20.41
CA ALA A 446 -8.68 -9.46 21.45
C ALA A 446 -8.52 -7.98 21.12
N LEU A 447 -7.95 -7.25 22.06
CA LEU A 447 -7.77 -5.81 21.98
C LEU A 447 -6.33 -5.44 21.64
N PHE A 448 -6.16 -4.38 20.87
CA PHE A 448 -4.84 -3.81 20.62
C PHE A 448 -4.93 -2.31 20.39
N ILE A 449 -4.23 -1.53 21.22
CA ILE A 449 -4.10 -0.10 21.01
C ILE A 449 -2.66 0.33 21.23
N GLY A 450 -2.06 0.90 20.19
CA GLY A 450 -0.70 1.41 20.29
C GLY A 450 -0.70 2.92 20.37
N TYR A 451 -0.20 3.45 21.48
CA TYR A 451 -0.15 4.90 21.68
C TYR A 451 1.25 5.34 22.08
N GLY A 452 1.64 6.53 21.64
CA GLY A 452 2.94 7.07 21.94
C GLY A 452 3.55 7.79 20.75
N PRO A 453 4.78 8.28 20.89
CA PRO A 453 5.47 8.99 19.82
C PRO A 453 5.75 8.09 18.61
N ALA A 454 5.90 6.79 18.85
CA ALA A 454 6.24 5.85 17.79
C ALA A 454 5.04 5.40 16.95
N PHE A 455 3.83 5.55 17.49
CA PHE A 455 2.63 5.11 16.79
C PHE A 455 1.88 6.27 16.11
N LYS A 456 1.27 5.98 14.97
CA LYS A 456 0.48 6.98 14.27
C LYS A 456 -0.75 7.36 15.09
N HIS A 457 -1.37 8.48 14.74
CA HIS A 457 -2.50 9.00 15.52
C HIS A 457 -3.85 8.89 14.81
N GLY A 458 -4.73 8.06 15.35
CA GLY A 458 -6.06 7.89 14.79
C GLY A 458 -6.07 7.01 13.55
N ALA A 459 -5.12 6.09 13.50
CA ALA A 459 -5.03 5.17 12.37
C ALA A 459 -5.65 3.83 12.75
N GLU A 460 -6.62 3.38 11.97
CA GLU A 460 -7.25 2.10 12.22
C GLU A 460 -6.83 1.08 11.17
N VAL A 461 -6.16 0.02 11.63
CA VAL A 461 -5.63 -0.99 10.72
C VAL A 461 -6.41 -2.31 10.75
N ASP A 462 -6.09 -3.19 9.82
CA ASP A 462 -6.73 -4.49 9.72
C ASP A 462 -6.21 -5.47 10.77
N SER A 463 -6.91 -6.59 10.91
CA SER A 463 -6.60 -7.57 11.95
C SER A 463 -5.23 -8.21 11.75
N PHE A 464 -4.58 -8.56 12.86
CA PHE A 464 -3.31 -9.26 12.82
C PHE A 464 -3.13 -10.16 14.03
N GLU A 465 -2.27 -11.17 13.92
CA GLU A 465 -2.06 -12.10 15.01
C GLU A 465 -1.15 -11.49 16.08
N ASN A 466 -1.23 -12.00 17.31
CA ASN A 466 -0.46 -11.44 18.41
C ASN A 466 1.02 -11.82 18.36
N ILE A 467 1.35 -12.80 17.54
CA ILE A 467 2.75 -13.22 17.40
C ILE A 467 3.53 -12.20 16.58
N GLU A 468 2.82 -11.26 15.96
CA GLU A 468 3.45 -10.24 15.16
C GLU A 468 3.95 -9.13 16.09
N VAL A 469 3.39 -9.09 17.28
CA VAL A 469 3.70 -8.06 18.26
C VAL A 469 5.13 -8.16 18.82
N TYR A 470 5.65 -9.39 18.92
CA TYR A 470 7.01 -9.61 19.41
C TYR A 470 8.04 -8.79 18.64
N ASN A 471 7.98 -8.89 17.31
CA ASN A 471 8.87 -8.14 16.44
C ASN A 471 8.67 -6.63 16.56
N LEU A 472 7.42 -6.24 16.80
CA LEU A 472 7.08 -4.83 16.96
C LEU A 472 7.82 -4.24 18.16
N MET A 473 7.87 -5.00 19.25
CA MET A 473 8.56 -4.53 20.46
C MET A 473 10.07 -4.47 20.32
N CYS A 474 10.63 -5.39 19.54
CA CYS A 474 12.07 -5.37 19.30
C CYS A 474 12.47 -4.08 18.59
N ASP A 475 11.63 -3.62 17.67
CA ASP A 475 11.90 -2.38 16.95
C ASP A 475 11.72 -1.18 17.87
N LEU A 476 10.82 -1.31 18.85
CA LEU A 476 10.56 -0.24 19.80
C LEU A 476 11.61 -0.16 20.89
N LEU A 477 12.30 -1.29 21.12
CA LEU A 477 13.33 -1.36 22.16
C LEU A 477 14.72 -1.42 21.53
N GLY A 478 14.76 -1.40 20.20
CA GLY A 478 16.01 -1.46 19.47
C GLY A 478 16.74 -2.79 19.64
N LEU A 479 16.01 -3.89 19.51
CA LEU A 479 16.58 -5.21 19.72
C LEU A 479 16.53 -6.07 18.46
N ILE A 480 17.55 -6.91 18.28
CA ILE A 480 17.50 -7.92 17.23
C ILE A 480 16.65 -9.07 17.72
N PRO A 481 15.50 -9.30 17.08
CA PRO A 481 14.50 -10.29 17.49
C PRO A 481 14.99 -11.72 17.36
N ALA A 482 14.59 -12.57 18.31
CA ALA A 482 14.86 -14.00 18.20
C ALA A 482 14.01 -14.59 17.08
N PRO A 483 14.44 -15.73 16.50
CA PRO A 483 13.69 -16.40 15.44
C PRO A 483 12.27 -16.73 15.87
N ASN A 484 11.29 -16.02 15.33
CA ASN A 484 9.90 -16.28 15.68
C ASN A 484 9.01 -16.63 14.49
N ASN A 485 7.71 -16.72 14.73
CA ASN A 485 6.77 -17.11 13.69
C ASN A 485 6.07 -15.93 13.04
N GLY A 486 6.37 -14.73 13.53
CA GLY A 486 5.77 -13.53 12.97
C GLY A 486 6.56 -13.02 11.77
N SER A 487 5.85 -12.57 10.75
CA SER A 487 6.50 -11.99 9.58
C SER A 487 7.03 -10.61 9.93
N HIS A 488 8.35 -10.51 10.12
CA HIS A 488 8.96 -9.25 10.57
C HIS A 488 8.78 -8.14 9.54
N GLY A 489 8.10 -7.07 9.95
CA GLY A 489 7.87 -5.92 9.09
C GLY A 489 6.45 -5.79 8.60
N SER A 490 5.61 -6.77 8.92
CA SER A 490 4.22 -6.79 8.45
C SER A 490 3.37 -5.74 9.19
N LEU A 491 3.87 -5.24 10.31
CA LEU A 491 3.15 -4.22 11.10
C LEU A 491 3.76 -2.83 10.94
N ASN A 492 4.54 -2.64 9.87
CA ASN A 492 5.19 -1.36 9.59
C ASN A 492 4.22 -0.18 9.42
N HIS A 493 3.00 -0.48 9.04
CA HIS A 493 1.98 0.55 8.78
C HIS A 493 1.48 1.20 10.08
N LEU A 494 1.86 0.64 11.22
CA LEU A 494 1.46 1.17 12.52
C LEU A 494 2.38 2.29 13.01
N LEU A 495 3.62 2.25 12.56
CA LEU A 495 4.64 3.17 13.06
C LEU A 495 4.76 4.42 12.21
N LYS A 496 5.12 5.54 12.84
CA LYS A 496 5.39 6.77 12.12
C LYS A 496 6.63 6.60 11.26
N LYS A 497 7.73 6.22 11.91
CA LYS A 497 8.99 5.98 11.21
C LYS A 497 9.41 4.53 11.45
N PRO A 498 9.09 3.65 10.48
CA PRO A 498 9.43 2.23 10.53
C PRO A 498 10.91 2.00 10.67
N ILE A 499 11.29 1.04 11.51
CA ILE A 499 12.70 0.75 11.78
C ILE A 499 13.26 -0.28 10.80
N TYR A 500 12.50 -1.36 10.58
CA TYR A 500 12.94 -2.45 9.71
C TYR A 500 12.23 -2.48 8.36
N ASN A 501 13.00 -2.52 7.28
CA ASN A 501 12.44 -2.62 5.93
C ASN A 501 12.63 -3.99 5.32
N PRO A 502 11.55 -4.81 5.28
CA PRO A 502 11.61 -6.20 4.84
C PRO A 502 11.89 -6.38 3.35
N SER A 503 12.39 -7.55 2.97
CA SER A 503 12.63 -7.88 1.56
C SER A 503 12.08 -9.26 1.22
N HIS A 504 11.89 -9.52 -0.07
CA HIS A 504 11.43 -10.83 -0.54
C HIS A 504 12.53 -11.89 -0.45
N PRO A 505 12.15 -13.14 -0.14
CA PRO A 505 13.06 -14.30 -0.05
C PRO A 505 13.66 -14.71 -1.40
N LYS A 506 14.97 -14.88 -1.43
CA LYS A 506 15.69 -15.29 -2.63
C LYS A 506 15.27 -16.71 -3.05
N GLU A 507 15.37 -16.99 -4.34
CA GLU A 507 14.98 -18.29 -4.88
C GLU A 507 16.09 -19.32 -4.71
N GLU A 508 15.84 -20.32 -3.88
CA GLU A 508 16.83 -21.36 -3.56
C GLU A 508 16.75 -22.57 -4.49
N GLY A 509 15.68 -22.65 -5.28
CA GLY A 509 15.48 -23.78 -6.17
C GLY A 509 16.45 -23.82 -7.33
N PHE A 510 16.87 -25.03 -7.71
CA PHE A 510 17.74 -25.20 -8.86
C PHE A 510 16.88 -25.25 -10.11
N LEU A 511 16.66 -24.08 -10.71
CA LEU A 511 15.76 -23.94 -11.85
C LEU A 511 16.38 -24.43 -13.16
N SER A 512 15.77 -25.46 -13.74
CA SER A 512 16.26 -26.01 -15.01
C SER A 512 15.15 -25.99 -16.06
N GLN A 513 15.50 -26.37 -17.30
CA GLN A 513 14.55 -26.35 -18.40
C GLN A 513 14.26 -27.74 -18.97
N CYS A 514 13.02 -27.93 -19.42
CA CYS A 514 12.57 -29.23 -19.94
C CYS A 514 12.18 -29.17 -21.41
N PRO A 515 13.10 -29.58 -22.29
CA PRO A 515 12.82 -29.64 -23.73
C PRO A 515 12.20 -30.99 -24.07
N ILE A 516 11.82 -31.20 -25.33
CA ILE A 516 11.28 -32.51 -25.74
C ILE A 516 12.40 -33.53 -25.83
N LYS A 517 12.35 -34.55 -24.98
CA LYS A 517 13.44 -35.52 -24.92
C LYS A 517 13.02 -36.99 -24.94
N SER A 518 11.81 -37.31 -24.50
CA SER A 518 11.41 -38.72 -24.42
C SER A 518 10.12 -39.07 -25.16
N THR A 519 10.25 -39.48 -26.41
CA THR A 519 9.12 -39.88 -27.23
C THR A 519 9.21 -41.35 -27.69
N SER A 520 8.14 -42.12 -27.61
CA SER A 520 6.88 -41.75 -26.99
C SER A 520 6.20 -43.02 -26.45
N ASN A 521 5.97 -43.09 -25.15
CA ASN A 521 5.40 -44.29 -24.51
C ASN A 521 3.89 -44.45 -24.71
N ASP A 522 3.40 -45.67 -24.54
CA ASP A 522 1.96 -45.92 -24.60
C ASP A 522 1.33 -45.77 -23.20
N LEU A 523 0.33 -44.91 -23.10
CA LEU A 523 -0.34 -44.67 -21.82
C LEU A 523 -1.50 -45.62 -21.54
N GLY A 524 -2.03 -46.25 -22.59
CA GLY A 524 -3.13 -47.18 -22.43
C GLY A 524 -4.42 -46.49 -22.00
N CYS A 525 -4.81 -45.47 -22.75
CA CYS A 525 -6.01 -44.70 -22.44
C CYS A 525 -6.99 -44.66 -23.61
N THR A 526 -8.29 -44.68 -23.29
CA THR A 526 -9.35 -44.60 -24.28
C THR A 526 -9.90 -43.19 -24.42
N CYS A 527 -9.83 -42.63 -25.63
CA CYS A 527 -10.30 -41.26 -25.83
C CYS A 527 -11.48 -41.15 -26.80
N ASP A 528 -12.62 -40.72 -26.26
CA ASP A 528 -13.83 -40.53 -27.04
C ASP A 528 -13.76 -39.20 -27.79
N PRO A 529 -14.13 -39.19 -29.07
CA PRO A 529 -14.11 -37.94 -29.85
C PRO A 529 -15.01 -36.87 -29.25
N GLU A 546 4.24 -13.42 -28.30
CA GLU A 546 3.77 -14.80 -28.47
C GLU A 546 3.73 -15.54 -27.13
N ASP A 547 4.84 -16.20 -26.80
CA ASP A 547 5.01 -16.91 -25.55
C ASP A 547 5.04 -15.95 -24.35
N ASP A 548 5.62 -14.77 -24.55
CA ASP A 548 5.69 -13.79 -23.47
C ASP A 548 4.33 -13.18 -23.14
N ASP A 549 3.44 -13.17 -24.12
CA ASP A 549 2.09 -12.64 -23.92
C ASP A 549 1.24 -13.60 -23.09
N ILE A 550 1.41 -14.88 -23.32
CA ILE A 550 0.64 -15.93 -22.63
C ILE A 550 1.13 -16.25 -21.21
N TYR A 551 2.38 -15.89 -20.91
CA TYR A 551 2.97 -16.08 -19.59
C TYR A 551 2.34 -15.13 -18.58
N HIS A 552 2.41 -13.84 -18.87
CA HIS A 552 1.87 -12.80 -18.01
C HIS A 552 0.37 -12.97 -17.78
N MET A 553 -0.29 -13.73 -18.64
CA MET A 553 -1.72 -13.97 -18.52
C MET A 553 -2.02 -15.06 -17.49
N THR A 554 -1.09 -16.01 -17.32
CA THR A 554 -1.29 -17.12 -16.39
C THR A 554 -0.75 -16.82 -14.99
N VAL A 555 0.35 -16.06 -14.92
CA VAL A 555 0.90 -15.63 -13.64
C VAL A 555 1.05 -14.11 -13.62
N PRO A 556 -0.08 -13.39 -13.51
CA PRO A 556 -0.15 -11.92 -13.60
C PRO A 556 0.45 -11.17 -12.41
N TYR A 557 0.70 -11.86 -11.31
CA TYR A 557 1.25 -11.21 -10.14
C TYR A 557 2.70 -11.65 -9.96
N GLY A 558 3.17 -12.44 -10.93
CA GLY A 558 4.49 -13.01 -10.89
C GLY A 558 4.41 -14.48 -10.53
N ARG A 559 5.28 -15.28 -11.14
CA ARG A 559 5.33 -16.69 -10.84
C ARG A 559 5.76 -16.94 -9.41
N PRO A 560 5.24 -18.02 -8.80
CA PRO A 560 5.70 -18.42 -7.46
C PRO A 560 7.19 -18.74 -7.49
N ARG A 561 7.93 -18.21 -6.52
CA ARG A 561 9.36 -18.47 -6.44
C ARG A 561 9.61 -19.74 -5.62
N ILE A 562 10.60 -20.51 -6.02
CA ILE A 562 10.89 -21.77 -5.35
C ILE A 562 11.85 -21.55 -4.18
N LEU A 563 11.32 -21.65 -2.97
CA LEU A 563 12.12 -21.45 -1.75
C LEU A 563 12.74 -22.76 -1.28
N LEU A 564 12.45 -23.83 -2.01
CA LEU A 564 12.99 -25.15 -1.69
C LEU A 564 14.48 -25.20 -2.01
N LYS A 565 15.26 -25.75 -1.09
CA LYS A 565 16.71 -25.84 -1.27
C LYS A 565 17.19 -27.28 -1.11
N GLN A 566 17.72 -27.86 -2.18
CA GLN A 566 17.78 -27.20 -3.48
C GLN A 566 17.03 -28.03 -4.50
N HIS A 567 15.71 -27.91 -4.50
CA HIS A 567 14.82 -28.71 -5.34
C HIS A 567 15.00 -28.43 -6.84
N ARG A 568 14.83 -29.47 -7.65
CA ARG A 568 14.90 -29.30 -9.10
C ARG A 568 13.52 -29.10 -9.69
N VAL A 569 13.27 -27.91 -10.25
CA VAL A 569 11.97 -27.54 -10.76
C VAL A 569 12.04 -27.06 -12.21
N CYS A 570 11.12 -27.55 -13.05
CA CYS A 570 11.02 -27.06 -14.42
C CYS A 570 9.76 -26.22 -14.58
N LEU A 571 9.83 -25.22 -15.46
CA LEU A 571 8.67 -24.38 -15.74
C LEU A 571 8.05 -24.81 -17.07
N LEU A 572 6.90 -25.45 -16.99
CA LEU A 572 6.21 -25.94 -18.18
C LEU A 572 5.10 -24.99 -18.60
N GLN A 573 5.28 -24.35 -19.75
CA GLN A 573 4.33 -23.36 -20.22
C GLN A 573 3.27 -23.99 -21.12
N GLN A 574 2.01 -23.66 -20.84
CA GLN A 574 0.91 -24.10 -21.69
C GLN A 574 0.12 -22.88 -22.15
N GLN A 575 -0.97 -23.10 -22.86
CA GLN A 575 -1.74 -22.00 -23.43
C GLN A 575 -2.80 -21.46 -22.46
N GLN A 576 -3.10 -22.20 -21.40
CA GLN A 576 -4.10 -21.77 -20.44
C GLN A 576 -3.52 -21.66 -19.03
N PHE A 577 -2.42 -22.37 -18.79
CA PHE A 577 -1.82 -22.37 -17.48
C PHE A 577 -0.31 -22.53 -17.51
N LEU A 578 0.33 -22.15 -16.42
CA LEU A 578 1.76 -22.34 -16.25
C LEU A 578 1.96 -23.22 -15.02
N THR A 579 2.75 -24.28 -15.18
CA THR A 579 2.93 -25.22 -14.08
C THR A 579 4.40 -25.39 -13.72
N GLY A 580 4.70 -25.33 -12.42
CA GLY A 580 6.04 -25.57 -11.93
C GLY A 580 6.17 -27.05 -11.62
N TYR A 581 6.90 -27.77 -12.47
CA TYR A 581 7.00 -29.22 -12.35
C TYR A 581 8.26 -29.62 -11.59
N SER A 582 8.15 -30.62 -10.74
CA SER A 582 9.29 -31.09 -9.96
C SER A 582 9.91 -32.31 -10.61
N LEU A 583 11.22 -32.25 -10.80
CA LEU A 583 11.99 -33.35 -11.38
C LEU A 583 12.39 -34.37 -10.33
N ASP A 584 12.51 -33.93 -9.09
CA ASP A 584 12.90 -34.81 -8.00
C ASP A 584 11.75 -35.66 -7.52
N LEU A 585 10.53 -35.16 -7.71
CA LEU A 585 9.34 -35.89 -7.26
C LEU A 585 8.52 -36.40 -8.43
N LEU A 586 8.84 -35.90 -9.62
CA LEU A 586 8.11 -36.24 -10.84
C LEU A 586 6.60 -35.98 -10.72
N MET A 587 6.27 -34.77 -10.29
CA MET A 587 4.89 -34.31 -10.21
C MET A 587 4.91 -32.79 -10.03
N PRO A 588 3.82 -32.11 -10.40
CA PRO A 588 3.76 -30.65 -10.33
C PRO A 588 3.75 -30.11 -8.91
N LEU A 589 4.55 -29.07 -8.67
CA LEU A 589 4.56 -28.42 -7.36
C LEU A 589 3.39 -27.45 -7.30
N TRP A 590 3.18 -26.73 -8.40
CA TRP A 590 2.08 -25.78 -8.49
C TRP A 590 1.62 -25.61 -9.94
N ALA A 591 0.38 -25.18 -10.11
CA ALA A 591 -0.17 -24.89 -11.43
C ALA A 591 -1.03 -23.64 -11.32
N SER A 592 -0.64 -22.60 -12.06
CA SER A 592 -1.34 -21.32 -12.01
C SER A 592 -2.10 -21.02 -13.30
N TYR A 593 -3.32 -20.53 -13.14
CA TYR A 593 -4.15 -20.16 -14.29
C TYR A 593 -5.16 -19.08 -13.90
N THR A 594 -5.67 -18.36 -14.90
CA THR A 594 -6.65 -17.30 -14.65
C THR A 594 -8.02 -17.68 -15.21
N PHE A 595 -9.03 -17.64 -14.35
CA PHE A 595 -10.39 -17.99 -14.75
C PHE A 595 -11.26 -16.74 -14.72
N LEU A 596 -11.70 -16.30 -15.90
CA LEU A 596 -12.46 -15.06 -16.01
C LEU A 596 -13.94 -15.21 -15.69
N SER A 597 -14.67 -14.10 -15.78
CA SER A 597 -16.09 -14.06 -15.41
C SER A 597 -16.95 -14.97 -16.27
N ASN A 598 -16.72 -14.94 -17.58
CA ASN A 598 -17.48 -15.80 -18.48
C ASN A 598 -16.66 -16.31 -19.67
N ASP A 599 -16.14 -17.52 -19.52
CA ASP A 599 -15.36 -18.16 -20.57
C ASP A 599 -15.31 -19.67 -20.39
N SER A 607 -12.47 -38.36 -19.41
CA SER A 607 -12.73 -39.49 -18.51
C SER A 607 -11.91 -40.69 -18.96
N ASN A 608 -10.86 -40.99 -18.18
CA ASN A 608 -9.96 -42.13 -18.43
C ASN A 608 -8.97 -41.84 -19.57
N CYS A 609 -8.97 -40.62 -20.09
CA CYS A 609 -8.03 -40.26 -21.15
C CYS A 609 -6.98 -39.27 -20.67
N LEU A 610 -5.75 -39.45 -21.18
CA LEU A 610 -4.62 -38.58 -20.86
C LEU A 610 -3.58 -38.59 -21.98
N TYR A 611 -2.81 -37.50 -22.06
CA TYR A 611 -1.74 -37.36 -23.05
C TYR A 611 -0.38 -37.22 -22.39
N GLN A 612 0.62 -37.92 -22.92
CA GLN A 612 1.95 -37.89 -22.33
C GLN A 612 2.68 -36.59 -22.63
N ASP A 613 3.12 -35.92 -21.58
CA ASP A 613 3.91 -34.70 -21.71
C ASP A 613 5.36 -35.10 -22.00
N LEU A 614 5.77 -34.89 -23.24
CA LEU A 614 7.07 -35.32 -23.74
C LEU A 614 8.22 -34.52 -23.13
N ARG A 615 7.88 -33.51 -22.35
CA ARG A 615 8.90 -32.67 -21.72
C ARG A 615 9.36 -33.26 -20.39
N ILE A 616 8.55 -34.14 -19.82
CA ILE A 616 8.91 -34.77 -18.55
C ILE A 616 9.18 -36.26 -18.73
N PRO A 617 10.08 -36.82 -17.90
CA PRO A 617 10.36 -38.27 -17.96
C PRO A 617 9.13 -39.08 -17.57
N LEU A 618 8.94 -40.21 -18.24
CA LEU A 618 7.76 -41.04 -18.00
C LEU A 618 7.89 -41.82 -16.70
N SER A 619 6.81 -41.87 -15.94
CA SER A 619 6.76 -42.65 -14.71
C SER A 619 5.61 -43.63 -14.87
N PRO A 620 5.75 -44.83 -14.29
CA PRO A 620 4.71 -45.87 -14.37
C PRO A 620 3.36 -45.43 -13.80
N VAL A 621 3.36 -44.41 -12.96
CA VAL A 621 2.14 -43.90 -12.35
C VAL A 621 1.43 -42.85 -13.23
N HIS A 622 1.99 -42.58 -14.40
CA HIS A 622 1.41 -41.65 -15.36
C HIS A 622 0.44 -42.35 -16.32
N LYS A 623 0.60 -43.66 -16.46
CA LYS A 623 -0.24 -44.45 -17.34
C LYS A 623 -1.62 -44.70 -16.75
N CYS A 624 -2.65 -44.64 -17.58
CA CYS A 624 -4.01 -44.86 -17.11
C CYS A 624 -4.16 -46.33 -16.73
N SER A 625 -3.29 -47.17 -17.29
CA SER A 625 -3.29 -48.60 -16.98
C SER A 625 -2.92 -48.84 -15.53
N TYR A 626 -2.26 -47.84 -14.92
CA TYR A 626 -1.90 -47.93 -13.51
C TYR A 626 -3.13 -47.82 -12.63
N TYR A 627 -4.15 -47.12 -13.10
CA TYR A 627 -5.33 -46.88 -12.27
C TYR A 627 -6.49 -47.80 -12.63
N LYS A 628 -6.89 -48.58 -11.63
CA LYS A 628 -8.02 -49.49 -11.75
C LYS A 628 -9.22 -48.86 -11.07
N SER A 629 -10.40 -49.38 -11.35
CA SER A 629 -11.63 -48.84 -10.75
C SER A 629 -11.90 -49.40 -9.36
N ASN A 630 -11.07 -50.33 -8.89
CA ASN A 630 -11.28 -50.92 -7.58
C ASN A 630 -10.53 -50.19 -6.46
N SER A 631 -9.31 -49.76 -6.75
CA SER A 631 -8.50 -49.07 -5.76
C SER A 631 -9.02 -47.65 -5.54
N LYS A 632 -9.06 -47.23 -4.29
CA LYS A 632 -9.58 -45.91 -3.92
C LYS A 632 -8.67 -44.76 -4.37
N LEU A 633 -7.41 -45.05 -4.58
CA LEU A 633 -6.44 -44.05 -5.03
C LEU A 633 -6.47 -43.86 -6.55
N SER A 634 -6.60 -42.60 -6.97
CA SER A 634 -6.61 -42.25 -8.38
C SER A 634 -5.84 -40.96 -8.64
N TYR A 635 -6.08 -40.35 -9.79
CA TYR A 635 -5.46 -39.07 -10.14
C TYR A 635 -6.48 -37.95 -10.30
N GLY A 636 -6.09 -36.75 -9.89
CA GLY A 636 -6.90 -35.56 -10.07
C GLY A 636 -6.12 -34.52 -10.85
N PHE A 637 -6.82 -33.52 -11.39
CA PHE A 637 -6.17 -32.45 -12.13
C PHE A 637 -5.99 -31.21 -11.26
N LEU A 638 -4.84 -30.54 -11.40
CA LEU A 638 -4.65 -29.27 -10.70
C LEU A 638 -5.42 -28.16 -11.42
N THR A 639 -5.40 -28.21 -12.75
CA THR A 639 -6.15 -27.28 -13.58
C THR A 639 -7.33 -28.03 -14.19
N PRO A 640 -8.56 -27.50 -13.98
CA PRO A 640 -9.75 -28.15 -14.53
C PRO A 640 -9.70 -28.27 -16.05
N PRO A 641 -9.98 -29.46 -16.59
CA PRO A 641 -9.92 -29.71 -18.04
C PRO A 641 -11.12 -29.13 -18.77
N ARG A 642 -12.14 -28.76 -18.02
CA ARG A 642 -13.37 -28.23 -18.59
C ARG A 642 -13.26 -26.74 -18.91
N LEU A 643 -12.01 -26.25 -18.94
CA LEU A 643 -11.73 -24.85 -19.23
C LEU A 643 -11.92 -24.57 -20.73
N ASN A 644 -12.48 -23.39 -21.01
CA ASN A 644 -12.80 -22.93 -22.37
C ASN A 644 -13.53 -23.97 -23.22
N HIS A 649 -16.37 -27.26 -27.10
CA HIS A 649 -15.06 -27.90 -27.11
C HIS A 649 -14.50 -28.05 -25.68
N ILE A 650 -13.35 -28.71 -25.56
CA ILE A 650 -12.76 -28.98 -24.25
C ILE A 650 -11.22 -28.88 -24.31
N TYR A 651 -10.64 -28.16 -23.35
CA TYR A 651 -9.20 -27.97 -23.29
C TYR A 651 -8.44 -29.28 -23.06
N SER A 652 -7.56 -29.62 -24.00
CA SER A 652 -6.86 -30.89 -23.97
C SER A 652 -5.52 -30.88 -23.21
N GLU A 653 -4.89 -29.72 -23.11
CA GLU A 653 -3.59 -29.60 -22.44
C GLU A 653 -3.66 -29.79 -20.92
N ALA A 654 -4.88 -29.75 -20.38
CA ALA A 654 -5.11 -30.02 -18.97
C ALA A 654 -5.06 -31.51 -18.72
N LEU A 655 -5.08 -32.28 -19.80
CA LEU A 655 -4.99 -33.74 -19.74
C LEU A 655 -3.55 -34.20 -19.93
N LEU A 656 -2.60 -33.30 -19.78
CA LEU A 656 -1.19 -33.65 -19.85
C LEU A 656 -0.80 -34.45 -18.60
N THR A 657 0.18 -35.34 -18.74
CA THR A 657 0.62 -36.15 -17.61
C THR A 657 1.17 -35.27 -16.50
N SER A 658 1.68 -34.10 -16.86
CA SER A 658 2.32 -33.23 -15.89
C SER A 658 1.31 -32.38 -15.12
N ASN A 659 0.02 -32.67 -15.32
CA ASN A 659 -1.02 -31.90 -14.63
C ASN A 659 -1.88 -32.78 -13.71
N ILE A 660 -1.43 -34.00 -13.46
CA ILE A 660 -2.14 -34.92 -12.58
C ILE A 660 -1.40 -35.19 -11.28
N VAL A 661 -2.16 -35.40 -10.21
CA VAL A 661 -1.58 -35.72 -8.91
C VAL A 661 -2.37 -36.86 -8.27
N PRO A 662 -1.70 -37.72 -7.50
CA PRO A 662 -2.37 -38.84 -6.81
C PRO A 662 -3.43 -38.30 -5.85
N MET A 663 -4.66 -38.79 -6.00
CA MET A 663 -5.81 -38.26 -5.25
C MET A 663 -6.82 -39.37 -4.95
N TYR A 664 -7.20 -39.50 -3.68
CA TYR A 664 -8.24 -40.44 -3.28
C TYR A 664 -9.57 -40.15 -3.96
N GLN A 665 -10.36 -41.21 -4.16
CA GLN A 665 -11.66 -41.07 -4.80
C GLN A 665 -12.64 -40.27 -3.95
N SER A 666 -12.49 -40.38 -2.63
CA SER A 666 -13.36 -39.66 -1.70
C SER A 666 -13.10 -38.16 -1.72
N PHE A 667 -11.84 -37.79 -1.97
CA PHE A 667 -11.43 -36.39 -2.04
C PHE A 667 -11.81 -35.75 -3.37
N GLN A 668 -11.93 -36.57 -4.41
CA GLN A 668 -12.33 -36.10 -5.74
C GLN A 668 -13.74 -35.51 -5.72
N VAL A 669 -14.53 -35.92 -4.73
CA VAL A 669 -15.88 -35.39 -4.53
C VAL A 669 -15.78 -33.91 -4.16
N ILE A 670 -14.77 -33.57 -3.36
CA ILE A 670 -14.57 -32.20 -2.92
C ILE A 670 -13.88 -31.37 -4.00
N TRP A 671 -12.93 -31.99 -4.69
CA TRP A 671 -12.10 -31.28 -5.66
C TRP A 671 -12.85 -30.87 -6.93
N HIS A 672 -13.75 -31.73 -7.40
CA HIS A 672 -14.54 -31.45 -8.59
C HIS A 672 -15.62 -30.42 -8.33
N TYR A 673 -16.31 -30.56 -7.19
CA TYR A 673 -17.37 -29.64 -6.81
C TYR A 673 -16.77 -28.26 -6.55
N LEU A 674 -15.51 -28.25 -6.13
CA LEU A 674 -14.77 -27.03 -5.84
C LEU A 674 -14.55 -26.22 -7.13
N HIS A 675 -14.39 -26.94 -8.23
CA HIS A 675 -14.08 -26.33 -9.52
C HIS A 675 -15.28 -26.20 -10.44
N ASP A 676 -16.21 -27.14 -10.37
CA ASP A 676 -17.37 -27.14 -11.24
C ASP A 676 -18.46 -26.17 -10.79
N THR A 677 -18.54 -25.95 -9.49
CA THR A 677 -19.60 -25.11 -8.93
C THR A 677 -19.10 -23.84 -8.24
N LEU A 678 -18.29 -24.01 -7.20
CA LEU A 678 -17.82 -22.89 -6.38
C LEU A 678 -16.94 -21.93 -7.16
N LEU A 679 -15.98 -22.46 -7.90
CA LEU A 679 -15.02 -21.63 -8.60
C LEU A 679 -15.73 -20.71 -9.60
N GLN A 680 -16.78 -21.24 -10.23
CA GLN A 680 -17.55 -20.46 -11.20
C GLN A 680 -18.37 -19.39 -10.50
N ARG A 681 -18.89 -19.70 -9.31
CA ARG A 681 -19.68 -18.73 -8.57
C ARG A 681 -18.78 -17.59 -8.11
N TYR A 682 -17.56 -17.92 -7.70
CA TYR A 682 -16.61 -16.92 -7.22
C TYR A 682 -16.14 -16.02 -8.36
N ALA A 683 -16.15 -16.55 -9.58
CA ALA A 683 -15.74 -15.79 -10.75
C ALA A 683 -16.78 -14.72 -11.13
N HIS A 684 -18.03 -14.97 -10.79
CA HIS A 684 -19.10 -14.01 -11.05
C HIS A 684 -19.15 -12.95 -9.96
N GLU A 685 -18.97 -13.37 -8.71
CA GLU A 685 -19.03 -12.46 -7.58
C GLU A 685 -17.84 -11.51 -7.54
N ARG A 686 -16.67 -12.02 -7.92
CA ARG A 686 -15.44 -11.25 -7.84
C ARG A 686 -14.88 -10.84 -9.21
N ASN A 687 -15.70 -10.97 -10.25
CA ASN A 687 -15.31 -10.64 -11.62
C ASN A 687 -14.03 -11.36 -12.09
N GLY A 688 -14.00 -12.67 -11.92
CA GLY A 688 -12.85 -13.47 -12.28
C GLY A 688 -11.92 -13.73 -11.10
N ILE A 689 -11.22 -14.86 -11.14
CA ILE A 689 -10.27 -15.21 -10.10
C ILE A 689 -8.98 -15.82 -10.68
N ASN A 690 -7.85 -15.50 -10.07
CA ASN A 690 -6.60 -16.18 -10.40
C ASN A 690 -6.30 -17.32 -9.42
N VAL A 691 -6.08 -18.52 -9.96
CA VAL A 691 -5.92 -19.70 -9.13
C VAL A 691 -4.52 -20.33 -9.21
N VAL A 692 -3.95 -20.63 -8.05
CA VAL A 692 -2.72 -21.40 -7.96
C VAL A 692 -2.97 -22.59 -7.05
N SER A 693 -2.77 -23.80 -7.56
CA SER A 693 -3.05 -25.00 -6.78
C SER A 693 -1.87 -25.96 -6.80
N GLY A 694 -1.83 -26.87 -5.84
CA GLY A 694 -0.77 -27.86 -5.79
C GLY A 694 -0.85 -28.79 -4.59
N PRO A 695 -0.05 -29.87 -4.62
CA PRO A 695 -0.01 -30.87 -3.55
C PRO A 695 0.80 -30.38 -2.36
N VAL A 696 0.48 -30.91 -1.19
CA VAL A 696 1.18 -30.55 0.03
C VAL A 696 1.71 -31.80 0.73
N PHE A 697 2.99 -31.79 1.06
CA PHE A 697 3.61 -32.92 1.73
C PHE A 697 4.19 -32.51 3.07
N ASP A 698 3.42 -32.72 4.13
CA ASP A 698 3.87 -32.45 5.49
C ASP A 698 3.50 -33.62 6.39
N PHE A 699 4.31 -34.68 6.33
CA PHE A 699 4.03 -35.89 7.08
C PHE A 699 4.38 -35.80 8.56
N ASP A 700 5.31 -34.90 8.91
CA ASP A 700 5.72 -34.72 10.30
C ASP A 700 4.86 -33.66 10.98
N TYR A 701 3.82 -33.22 10.28
CA TYR A 701 2.85 -32.23 10.77
C TYR A 701 3.43 -31.08 11.59
N ASP A 702 4.49 -30.47 11.09
CA ASP A 702 5.12 -29.35 11.78
C ASP A 702 4.74 -28.01 11.13
N GLY A 703 4.04 -28.09 10.00
CA GLY A 703 3.60 -26.90 9.30
C GLY A 703 4.56 -26.35 8.25
N ARG A 704 5.70 -27.01 8.09
CA ARG A 704 6.68 -26.59 7.11
C ARG A 704 6.94 -27.73 6.13
N TYR A 705 7.50 -27.41 4.96
CA TYR A 705 7.72 -28.42 3.94
C TYR A 705 8.76 -29.44 4.39
N ASP A 706 8.59 -30.69 3.97
CA ASP A 706 9.47 -31.76 4.40
C ASP A 706 10.72 -31.79 3.55
N SER A 707 11.82 -32.22 4.15
CA SER A 707 13.08 -32.36 3.43
C SER A 707 13.03 -33.63 2.59
N LEU A 708 13.99 -33.78 1.69
CA LEU A 708 14.03 -34.95 0.82
C LEU A 708 14.19 -36.23 1.62
N GLU A 709 14.87 -36.13 2.76
CA GLU A 709 15.13 -37.29 3.61
C GLU A 709 13.85 -37.89 4.20
N ILE A 710 13.02 -37.04 4.80
CA ILE A 710 11.77 -37.48 5.41
C ILE A 710 10.70 -37.78 4.35
N LEU A 711 10.85 -37.17 3.18
CA LEU A 711 9.94 -37.43 2.06
C LEU A 711 10.05 -38.87 1.56
N LYS A 712 11.28 -39.38 1.54
CA LYS A 712 11.55 -40.74 1.09
C LYS A 712 11.06 -41.76 2.09
N GLN A 713 10.95 -41.34 3.35
CA GLN A 713 10.52 -42.22 4.42
C GLN A 713 9.01 -42.46 4.39
N ASN A 714 8.25 -41.51 3.85
CA ASN A 714 6.79 -41.62 3.81
C ASN A 714 6.18 -42.00 2.47
N SER A 715 7.01 -42.47 1.53
CA SER A 715 6.52 -42.88 0.23
C SER A 715 5.99 -44.31 0.20
N ARG A 716 4.67 -44.47 0.28
CA ARG A 716 4.09 -45.82 0.24
C ARG A 716 4.21 -46.42 -1.16
N VAL A 717 4.01 -47.72 -1.24
CA VAL A 717 3.98 -48.45 -2.50
C VAL A 717 2.59 -49.04 -2.62
N ILE A 718 1.91 -48.75 -3.72
CA ILE A 718 0.55 -49.24 -3.93
C ILE A 718 0.38 -49.65 -5.38
N ARG A 719 -0.32 -50.77 -5.59
CA ARG A 719 -0.58 -51.29 -6.93
C ARG A 719 0.74 -51.59 -7.63
N SER A 720 1.70 -52.07 -6.83
CA SER A 720 3.03 -52.50 -7.28
C SER A 720 3.94 -51.36 -7.73
N GLN A 721 3.58 -50.13 -7.40
CA GLN A 721 4.40 -48.98 -7.75
C GLN A 721 4.60 -48.03 -6.56
N GLU A 722 5.74 -47.36 -6.52
CA GLU A 722 6.05 -46.43 -5.44
C GLU A 722 5.40 -45.07 -5.70
N ILE A 723 4.66 -44.58 -4.72
CA ILE A 723 3.94 -43.31 -4.84
C ILE A 723 4.10 -42.43 -3.61
N LEU A 724 4.42 -41.16 -3.83
CA LEU A 724 4.43 -40.19 -2.75
C LEU A 724 3.09 -39.49 -2.80
N ILE A 725 2.22 -39.82 -1.84
CA ILE A 725 0.87 -39.28 -1.82
C ILE A 725 0.74 -38.05 -0.90
N PRO A 726 0.10 -36.99 -1.41
CA PRO A 726 -0.03 -35.71 -0.67
C PRO A 726 -0.88 -35.78 0.58
N THR A 727 -0.43 -35.10 1.63
CA THR A 727 -1.19 -35.00 2.87
C THR A 727 -2.30 -33.97 2.74
N HIS A 728 -2.02 -32.92 1.97
CA HIS A 728 -2.99 -31.85 1.73
C HIS A 728 -2.93 -31.34 0.29
N PHE A 729 -3.89 -30.48 -0.06
CA PHE A 729 -3.87 -29.77 -1.32
C PHE A 729 -4.13 -28.29 -1.06
N PHE A 730 -3.24 -27.42 -1.54
CA PHE A 730 -3.43 -25.99 -1.34
C PHE A 730 -4.08 -25.36 -2.57
N ILE A 731 -4.83 -24.28 -2.32
CA ILE A 731 -5.43 -23.51 -3.41
C ILE A 731 -5.56 -22.05 -3.01
N VAL A 732 -4.97 -21.16 -3.80
CA VAL A 732 -5.01 -19.74 -3.51
C VAL A 732 -5.85 -18.97 -4.54
N LEU A 733 -6.90 -18.32 -4.07
CA LEU A 733 -7.78 -17.55 -4.93
C LEU A 733 -7.48 -16.06 -4.84
N THR A 734 -7.16 -15.45 -5.97
CA THR A 734 -6.83 -14.02 -5.99
C THR A 734 -7.77 -13.22 -6.92
N SER A 735 -8.26 -12.10 -6.41
CA SER A 735 -9.13 -11.21 -7.18
C SER A 735 -8.80 -9.75 -6.94
N CYS A 736 -9.57 -8.87 -7.58
CA CYS A 736 -9.38 -7.43 -7.42
C CYS A 736 -10.26 -6.91 -6.30
N LYS A 737 -9.76 -5.91 -5.59
CA LYS A 737 -10.52 -5.28 -4.52
C LYS A 737 -11.64 -4.43 -5.12
N GLN A 738 -11.45 -4.03 -6.37
CA GLN A 738 -12.47 -3.29 -7.11
C GLN A 738 -13.12 -4.24 -8.09
N LEU A 739 -14.42 -4.48 -7.92
CA LEU A 739 -15.13 -5.48 -8.73
C LEU A 739 -15.24 -5.11 -10.21
N SER A 740 -14.91 -3.88 -10.54
CA SER A 740 -14.94 -3.42 -11.93
C SER A 740 -13.75 -3.93 -12.72
N GLU A 741 -12.74 -4.44 -12.02
CA GLU A 741 -11.50 -4.87 -12.65
C GLU A 741 -11.37 -6.39 -12.71
N THR A 742 -10.74 -6.88 -13.78
CA THR A 742 -10.45 -8.31 -13.91
C THR A 742 -9.11 -8.60 -13.25
N PRO A 743 -8.88 -9.86 -12.86
CA PRO A 743 -7.62 -10.31 -12.22
C PRO A 743 -6.33 -9.94 -12.96
N LEU A 744 -6.45 -9.48 -14.20
CA LEU A 744 -5.26 -9.12 -14.98
C LEU A 744 -4.94 -7.63 -14.88
N GLU A 745 -5.78 -6.88 -14.17
CA GLU A 745 -5.63 -5.43 -14.07
C GLU A 745 -5.97 -4.88 -12.68
N CYS A 746 -5.65 -5.66 -11.65
CA CYS A 746 -5.93 -5.27 -10.28
C CYS A 746 -5.09 -4.10 -9.77
N SER A 747 -5.74 -3.17 -9.08
CA SER A 747 -5.05 -2.09 -8.38
C SER A 747 -4.65 -2.58 -6.99
N ALA A 748 -5.56 -3.34 -6.38
CA ALA A 748 -5.27 -4.00 -5.11
C ALA A 748 -5.75 -5.44 -5.18
N LEU A 749 -5.16 -6.31 -4.37
CA LEU A 749 -5.44 -7.74 -4.44
C LEU A 749 -6.49 -8.17 -3.43
N GLU A 750 -7.10 -9.32 -3.69
CA GLU A 750 -8.08 -9.92 -2.79
C GLU A 750 -7.80 -11.41 -2.66
N SER A 751 -7.00 -11.77 -1.66
CA SER A 751 -6.56 -13.15 -1.49
C SER A 751 -7.38 -13.95 -0.49
N SER A 752 -7.44 -15.26 -0.75
CA SER A 752 -8.06 -16.21 0.17
C SER A 752 -7.42 -17.58 -0.11
N ALA A 753 -6.72 -18.11 0.88
CA ALA A 753 -6.03 -19.37 0.71
C ALA A 753 -6.71 -20.50 1.46
N TYR A 754 -6.49 -21.73 1.01
CA TYR A 754 -7.05 -22.90 1.67
C TYR A 754 -6.02 -24.02 1.71
N ILE A 755 -5.98 -24.73 2.83
CA ILE A 755 -5.15 -25.93 2.91
C ILE A 755 -6.04 -27.11 3.24
N LEU A 756 -6.49 -27.82 2.20
CA LEU A 756 -7.45 -28.89 2.34
C LEU A 756 -6.79 -30.22 2.66
N PRO A 757 -7.26 -30.90 3.72
CA PRO A 757 -6.72 -32.20 4.12
C PRO A 757 -7.04 -33.29 3.09
N HIS A 758 -6.02 -34.06 2.71
CA HIS A 758 -6.21 -35.15 1.75
C HIS A 758 -6.50 -36.45 2.49
N ARG A 759 -7.78 -36.75 2.67
CA ARG A 759 -8.19 -37.92 3.43
C ARG A 759 -8.81 -38.99 2.55
N PRO A 760 -8.59 -40.28 2.90
CA PRO A 760 -9.15 -41.42 2.18
C PRO A 760 -10.66 -41.52 2.33
N ASP A 761 -11.21 -40.85 3.33
CA ASP A 761 -12.66 -40.85 3.54
C ASP A 761 -13.15 -39.48 3.96
N ASN A 762 -14.47 -39.34 4.03
CA ASN A 762 -15.06 -38.07 4.44
C ASN A 762 -15.79 -38.19 5.77
N ILE A 763 -15.13 -38.81 6.74
CA ILE A 763 -15.69 -39.00 8.07
C ILE A 763 -15.77 -37.66 8.81
N GLU A 764 -14.82 -36.79 8.51
CA GLU A 764 -14.75 -35.48 9.13
C GLU A 764 -15.98 -34.64 8.80
N SER A 765 -16.52 -34.86 7.61
CA SER A 765 -17.61 -34.04 7.09
C SER A 765 -19.01 -34.54 7.44
N CYS A 766 -19.11 -35.81 7.81
CA CYS A 766 -20.40 -36.45 8.06
C CYS A 766 -21.32 -36.31 6.85
N THR A 767 -20.88 -36.90 5.73
CA THR A 767 -21.58 -36.82 4.45
C THR A 767 -22.97 -37.44 4.57
N HIS A 768 -23.08 -38.37 5.51
CA HIS A 768 -24.30 -39.12 5.78
C HIS A 768 -25.52 -38.22 5.96
N GLY A 769 -26.45 -38.38 5.04
CA GLY A 769 -27.63 -37.55 4.90
C GLY A 769 -27.57 -37.04 3.47
N LYS A 770 -26.38 -37.16 2.90
CA LYS A 770 -26.07 -36.82 1.50
C LYS A 770 -26.36 -35.39 1.02
N ARG A 771 -26.16 -34.38 1.85
CA ARG A 771 -26.36 -33.01 1.38
C ARG A 771 -25.00 -32.43 0.95
N GLU A 772 -24.61 -32.75 -0.29
CA GLU A 772 -23.28 -32.42 -0.81
C GLU A 772 -22.89 -30.94 -0.94
N SER A 773 -23.82 -30.08 -1.36
CA SER A 773 -23.49 -28.67 -1.56
C SER A 773 -23.22 -27.92 -0.26
N SER A 774 -23.59 -28.54 0.86
CA SER A 774 -23.45 -27.93 2.16
C SER A 774 -22.12 -28.28 2.82
N TRP A 775 -21.85 -29.58 2.97
CA TRP A 775 -20.68 -30.04 3.73
C TRP A 775 -19.34 -29.72 3.08
N VAL A 776 -19.33 -29.58 1.75
CA VAL A 776 -18.08 -29.26 1.07
C VAL A 776 -17.65 -27.84 1.43
N GLU A 777 -18.58 -26.90 1.29
CA GLU A 777 -18.31 -25.50 1.63
C GLU A 777 -17.95 -25.33 3.10
N GLU A 778 -18.53 -26.16 3.97
CA GLU A 778 -18.24 -26.10 5.39
C GLU A 778 -16.82 -26.60 5.65
N LEU A 779 -16.34 -27.49 4.78
CA LEU A 779 -14.99 -28.02 4.89
C LEU A 779 -14.01 -26.97 4.36
N LEU A 780 -14.38 -26.30 3.28
CA LEU A 780 -13.58 -25.24 2.71
C LEU A 780 -13.37 -24.09 3.69
N THR A 781 -14.46 -23.60 4.28
CA THR A 781 -14.39 -22.47 5.20
C THR A 781 -13.57 -22.80 6.45
N LEU A 782 -13.68 -24.04 6.92
CA LEU A 782 -12.97 -24.47 8.12
C LEU A 782 -11.46 -24.56 7.93
N HIS A 783 -11.03 -24.96 6.74
CA HIS A 783 -9.61 -25.13 6.46
C HIS A 783 -9.03 -23.99 5.65
N ARG A 784 -9.62 -22.80 5.79
CA ARG A 784 -9.08 -21.59 5.23
C ARG A 784 -7.76 -21.33 5.94
N ALA A 785 -6.82 -20.69 5.25
CA ALA A 785 -5.50 -20.46 5.83
C ALA A 785 -4.87 -19.17 5.31
N ARG A 786 -3.86 -18.68 6.03
CA ARG A 786 -3.11 -17.54 5.55
C ARG A 786 -2.33 -17.96 4.32
N VAL A 787 -2.05 -17.00 3.43
CA VAL A 787 -1.21 -17.28 2.28
C VAL A 787 0.19 -17.61 2.77
N THR A 788 0.57 -17.03 3.89
CA THR A 788 1.85 -17.32 4.53
C THR A 788 1.90 -18.78 4.97
N ASP A 789 0.78 -19.30 5.46
CA ASP A 789 0.68 -20.70 5.85
C ASP A 789 0.96 -21.63 4.68
N VAL A 790 0.41 -21.29 3.51
CA VAL A 790 0.63 -22.06 2.29
C VAL A 790 2.10 -21.96 1.88
N GLU A 791 2.67 -20.77 2.02
CA GLU A 791 4.07 -20.52 1.69
C GLU A 791 4.98 -21.39 2.57
N LEU A 792 4.68 -21.42 3.87
CA LEU A 792 5.49 -22.14 4.84
C LEU A 792 5.48 -23.65 4.64
N ILE A 793 4.35 -24.16 4.17
CA ILE A 793 4.15 -25.61 4.04
C ILE A 793 4.51 -26.16 2.66
N THR A 794 4.69 -25.26 1.68
CA THR A 794 5.02 -25.68 0.32
C THR A 794 6.40 -25.21 -0.13
N GLY A 795 6.95 -24.23 0.58
CA GLY A 795 8.24 -23.68 0.23
C GLY A 795 8.16 -22.84 -1.03
N LEU A 796 7.06 -22.13 -1.17
CA LEU A 796 6.82 -21.25 -2.32
C LEU A 796 6.61 -19.83 -1.82
N SER A 797 6.86 -18.86 -2.70
CA SER A 797 6.67 -17.46 -2.35
C SER A 797 5.80 -16.78 -3.40
N PHE A 798 4.68 -16.20 -2.98
CA PHE A 798 3.74 -15.62 -3.92
C PHE A 798 3.83 -14.10 -4.02
N TYR A 799 3.31 -13.58 -5.13
CA TYR A 799 3.13 -12.14 -5.33
C TYR A 799 4.41 -11.32 -5.30
N GLN A 800 5.53 -11.90 -5.72
CA GLN A 800 6.80 -11.18 -5.63
C GLN A 800 6.96 -10.05 -6.65
N ASP A 801 6.31 -10.18 -7.80
CA ASP A 801 6.38 -9.14 -8.84
C ASP A 801 5.24 -8.15 -8.75
N ARG A 802 4.45 -8.29 -7.69
CA ARG A 802 3.30 -7.43 -7.47
C ARG A 802 3.77 -6.00 -7.14
N GLN A 803 3.00 -5.02 -7.56
CA GLN A 803 3.40 -3.61 -7.45
C GLN A 803 3.50 -3.09 -6.02
N GLU A 804 2.67 -3.62 -5.12
CA GLU A 804 2.69 -3.18 -3.71
C GLU A 804 4.03 -3.54 -3.07
N SER A 805 4.40 -2.82 -2.01
CA SER A 805 5.68 -3.07 -1.34
C SER A 805 5.69 -4.38 -0.56
N VAL A 806 6.87 -4.80 -0.13
CA VAL A 806 7.02 -6.06 0.62
C VAL A 806 6.20 -6.03 1.91
N SER A 807 6.29 -4.92 2.64
CA SER A 807 5.56 -4.76 3.90
C SER A 807 4.05 -4.87 3.71
N GLU A 808 3.56 -4.31 2.60
CA GLU A 808 2.15 -4.39 2.27
C GLU A 808 1.77 -5.82 1.94
N LEU A 809 2.63 -6.50 1.19
CA LEU A 809 2.38 -7.87 0.78
C LEU A 809 2.41 -8.84 1.97
N LEU A 810 3.23 -8.52 2.96
CA LEU A 810 3.24 -9.32 4.19
C LEU A 810 1.92 -9.15 4.91
N ARG A 811 1.41 -7.93 4.94
CA ARG A 811 0.12 -7.63 5.53
C ARG A 811 -0.98 -8.44 4.84
N LEU A 812 -0.89 -8.53 3.52
CA LEU A 812 -1.89 -9.24 2.73
C LEU A 812 -1.85 -10.74 2.97
N LYS A 813 -0.66 -11.30 3.07
CA LYS A 813 -0.48 -12.74 3.15
C LYS A 813 -0.74 -13.31 4.55
N THR A 814 -0.68 -12.45 5.57
CA THR A 814 -0.90 -12.90 6.94
C THR A 814 -2.35 -12.68 7.39
N HIS A 815 -3.24 -12.38 6.44
CA HIS A 815 -4.62 -12.03 6.77
C HIS A 815 -5.54 -13.25 6.84
N LEU A 816 -6.47 -13.25 7.78
CA LEU A 816 -7.52 -14.27 7.87
C LEU A 816 -8.86 -13.64 8.27
N PRO A 817 -9.96 -14.10 7.65
CA PRO A 817 -11.32 -13.63 7.97
C PRO A 817 -11.85 -14.19 9.28
N ILE A 818 -12.63 -13.37 9.99
CA ILE A 818 -13.24 -13.75 11.28
C ILE A 818 -14.61 -14.41 11.09
N PHE A 819 -14.80 -15.56 11.73
CA PHE A 819 -16.09 -16.27 11.72
C PHE A 819 -17.16 -15.52 12.51
N SER A 820 -18.34 -15.37 11.90
CA SER A 820 -19.48 -14.69 12.52
C SER A 820 -19.15 -13.26 12.95
N LYS B 88 17.51 -18.62 -31.22
CA LYS B 88 16.31 -17.91 -30.83
C LYS B 88 16.60 -16.45 -30.49
N SER B 89 15.83 -15.54 -31.07
CA SER B 89 15.98 -14.11 -30.82
C SER B 89 15.52 -13.80 -29.40
N TRP B 90 15.87 -12.62 -28.91
CA TRP B 90 15.49 -12.22 -27.55
C TRP B 90 13.98 -12.14 -27.45
N VAL B 91 13.34 -11.64 -28.50
CA VAL B 91 11.89 -11.49 -28.55
C VAL B 91 11.18 -12.85 -28.58
N GLU B 92 11.88 -13.87 -29.09
CA GLU B 92 11.29 -15.21 -29.20
C GLU B 92 11.27 -15.96 -27.88
N GLU B 93 12.14 -15.57 -26.95
CA GLU B 93 12.19 -16.20 -25.64
C GLU B 93 11.08 -15.67 -24.74
N THR B 94 10.66 -16.47 -23.77
CA THR B 94 9.58 -16.05 -22.88
C THR B 94 10.13 -15.17 -21.77
N CYS B 95 9.26 -14.76 -20.85
CA CYS B 95 9.68 -13.91 -19.73
C CYS B 95 10.50 -14.72 -18.74
N GLU B 96 11.57 -14.11 -18.23
CA GLU B 96 12.38 -14.74 -17.20
C GLU B 96 12.65 -13.77 -16.06
N SER B 97 12.35 -14.21 -14.85
CA SER B 97 12.50 -13.41 -13.65
C SER B 97 13.97 -13.17 -13.29
N ILE B 98 14.34 -11.89 -13.22
CA ILE B 98 15.69 -11.52 -12.86
C ILE B 98 15.73 -10.99 -11.43
N ASP B 99 15.56 -11.88 -10.46
CA ASP B 99 15.56 -11.49 -9.06
C ASP B 99 16.97 -11.03 -8.65
N THR B 100 17.97 -11.74 -9.16
CA THR B 100 19.37 -11.38 -8.93
C THR B 100 20.07 -11.18 -10.28
N PRO B 101 20.75 -10.03 -10.45
CA PRO B 101 21.44 -9.71 -11.70
C PRO B 101 22.51 -10.74 -12.06
N GLU B 102 22.40 -11.33 -13.26
CA GLU B 102 23.39 -12.28 -13.76
C GLU B 102 24.42 -11.56 -14.65
N CYS B 103 25.45 -11.03 -14.00
CA CYS B 103 26.49 -10.25 -14.66
C CYS B 103 27.80 -10.98 -14.95
N PRO B 104 28.40 -10.71 -16.11
CA PRO B 104 29.71 -11.20 -16.57
C PRO B 104 30.83 -10.77 -15.61
N ALA B 105 32.00 -11.39 -15.74
CA ALA B 105 33.13 -11.06 -14.88
C ALA B 105 33.61 -9.61 -14.96
N GLU B 106 33.39 -8.95 -16.09
CA GLU B 106 33.87 -7.58 -16.24
C GLU B 106 32.85 -6.55 -15.73
N PHE B 107 31.69 -7.03 -15.30
CA PHE B 107 30.65 -6.18 -14.75
C PHE B 107 30.40 -6.37 -13.26
N GLU B 108 30.43 -5.28 -12.51
CA GLU B 108 30.23 -5.31 -11.07
C GLU B 108 28.77 -5.03 -10.68
N SER B 109 28.11 -4.19 -11.48
CA SER B 109 26.72 -3.85 -11.24
C SER B 109 26.05 -3.52 -12.58
N PRO B 110 24.75 -3.85 -12.71
CA PRO B 110 24.04 -3.62 -13.97
C PRO B 110 24.02 -2.15 -14.37
N PRO B 111 24.46 -1.84 -15.59
CA PRO B 111 24.40 -0.47 -16.12
C PRO B 111 22.96 -0.06 -16.37
N THR B 112 22.73 1.22 -16.65
CA THR B 112 21.39 1.72 -16.92
C THR B 112 21.29 2.47 -18.25
N LEU B 113 20.48 1.95 -19.17
CA LEU B 113 20.31 2.60 -20.46
C LEU B 113 18.96 3.31 -20.53
N LEU B 114 19.00 4.58 -20.92
CA LEU B 114 17.81 5.38 -21.09
C LEU B 114 17.53 5.52 -22.59
N PHE B 115 16.58 4.73 -23.07
CA PHE B 115 16.23 4.68 -24.48
C PHE B 115 15.00 5.54 -24.76
N SER B 116 15.19 6.57 -25.59
CA SER B 116 14.09 7.48 -25.91
C SER B 116 13.61 7.33 -27.34
N LEU B 117 12.29 7.34 -27.49
CA LEU B 117 11.65 7.30 -28.80
C LEU B 117 10.77 8.53 -28.93
N ASP B 118 11.29 9.56 -29.59
CA ASP B 118 10.60 10.83 -29.67
C ASP B 118 9.21 10.70 -30.31
N GLY B 119 8.22 11.31 -29.67
CA GLY B 119 6.87 11.36 -30.20
C GLY B 119 6.06 10.08 -30.08
N PHE B 120 6.46 9.20 -29.17
CA PHE B 120 5.74 7.95 -28.96
C PHE B 120 4.60 8.19 -27.96
N ARG B 121 3.43 8.58 -28.46
CA ARG B 121 2.29 8.81 -27.58
C ARG B 121 1.85 7.47 -26.97
N ALA B 122 1.35 7.54 -25.74
CA ALA B 122 1.00 6.36 -24.97
C ALA B 122 -0.11 5.53 -25.63
N GLU B 123 -0.98 6.17 -26.40
CA GLU B 123 -2.07 5.49 -27.08
C GLU B 123 -1.56 4.49 -28.11
N TYR B 124 -0.36 4.71 -28.61
CA TYR B 124 0.27 3.84 -29.60
C TYR B 124 0.36 2.39 -29.12
N LEU B 125 0.92 2.20 -27.92
CA LEU B 125 1.09 0.88 -27.35
C LEU B 125 -0.25 0.27 -26.95
N HIS B 126 -1.21 1.13 -26.59
CA HIS B 126 -2.55 0.66 -26.24
C HIS B 126 -3.18 -0.03 -27.44
N THR B 127 -3.08 0.61 -28.60
CA THR B 127 -3.75 0.15 -29.80
C THR B 127 -2.91 -0.79 -30.66
N TRP B 128 -1.65 -0.41 -30.91
CA TRP B 128 -0.81 -1.18 -31.81
C TRP B 128 0.18 -2.08 -31.07
N GLY B 129 -0.25 -2.63 -29.94
CA GLY B 129 0.58 -3.51 -29.15
C GLY B 129 0.87 -4.84 -29.85
N GLY B 130 -0.12 -5.32 -30.60
CA GLY B 130 -0.01 -6.58 -31.31
C GLY B 130 0.92 -6.49 -32.50
N LEU B 131 1.25 -5.25 -32.88
CA LEU B 131 2.13 -4.99 -34.00
C LEU B 131 3.56 -4.71 -33.53
N LEU B 132 3.73 -4.62 -32.22
CA LEU B 132 5.03 -4.33 -31.63
C LEU B 132 5.42 -5.46 -30.70
N PRO B 133 5.96 -6.56 -31.26
CA PRO B 133 6.26 -7.76 -30.49
C PRO B 133 7.40 -7.57 -29.49
N VAL B 134 8.40 -6.77 -29.84
CA VAL B 134 9.53 -6.56 -28.95
C VAL B 134 9.11 -5.70 -27.76
N ILE B 135 8.49 -4.56 -28.03
CA ILE B 135 8.05 -3.63 -27.00
C ILE B 135 7.00 -4.23 -26.09
N SER B 136 6.10 -5.03 -26.64
CA SER B 136 5.06 -5.67 -25.84
C SER B 136 5.66 -6.63 -24.82
N LYS B 137 6.74 -7.31 -25.20
CA LYS B 137 7.40 -8.23 -24.27
C LYS B 137 8.10 -7.47 -23.13
N LEU B 138 8.68 -6.33 -23.47
CA LEU B 138 9.28 -5.45 -22.47
C LEU B 138 8.23 -4.99 -21.48
N LYS B 139 7.01 -4.81 -21.97
CA LYS B 139 5.88 -4.44 -21.12
C LYS B 139 5.51 -5.61 -20.20
N ASN B 140 5.42 -6.80 -20.78
CA ASN B 140 4.97 -7.99 -20.04
C ASN B 140 5.99 -8.53 -19.04
N CYS B 141 7.26 -8.21 -19.23
CA CYS B 141 8.30 -8.70 -18.34
C CYS B 141 8.92 -7.57 -17.53
N GLY B 142 8.37 -6.36 -17.66
CA GLY B 142 8.91 -5.21 -16.95
C GLY B 142 7.87 -4.38 -16.25
N THR B 143 8.24 -3.16 -15.89
CA THR B 143 7.32 -2.22 -15.25
C THR B 143 6.75 -1.22 -16.23
N TYR B 144 5.43 -1.24 -16.39
CA TYR B 144 4.75 -0.41 -17.38
C TYR B 144 3.72 0.51 -16.75
N THR B 145 3.44 1.63 -17.41
CA THR B 145 2.39 2.55 -16.97
C THR B 145 1.58 3.00 -18.19
N LYS B 146 0.26 2.83 -18.11
CA LYS B 146 -0.64 3.23 -19.19
C LYS B 146 -0.34 4.64 -19.72
N ASN B 147 -0.15 5.58 -18.82
CA ASN B 147 0.14 6.95 -19.21
C ASN B 147 1.22 7.58 -18.35
N MET B 148 2.21 8.19 -18.99
CA MET B 148 3.23 8.93 -18.26
C MET B 148 3.07 10.42 -18.54
N ARG B 149 2.71 11.18 -17.51
CA ARG B 149 2.45 12.60 -17.69
C ARG B 149 3.74 13.38 -17.90
N PRO B 150 3.84 14.08 -19.03
CA PRO B 150 5.01 14.88 -19.39
C PRO B 150 4.90 16.30 -18.85
N MET B 151 5.84 17.17 -19.24
CA MET B 151 5.83 18.55 -18.79
C MET B 151 5.22 19.49 -19.83
N TYR B 152 4.98 20.73 -19.44
CA TYR B 152 4.39 21.74 -20.32
C TYR B 152 5.42 22.79 -20.76
N PRO B 153 5.43 23.13 -22.06
CA PRO B 153 4.62 22.56 -23.15
C PRO B 153 5.13 21.20 -23.58
N THR B 154 4.30 20.44 -24.30
CA THR B 154 4.68 19.10 -24.68
C THR B 154 5.57 19.14 -25.92
N LYS B 155 6.82 19.56 -25.72
CA LYS B 155 7.82 19.68 -26.77
C LYS B 155 9.03 18.84 -26.40
N THR B 156 9.87 18.52 -27.39
CA THR B 156 11.01 17.63 -27.18
C THR B 156 12.03 18.09 -26.13
N PHE B 157 12.66 19.23 -26.39
CA PHE B 157 13.71 19.73 -25.49
C PHE B 157 13.28 19.96 -24.03
N PRO B 158 12.12 20.61 -23.80
CA PRO B 158 11.77 20.79 -22.39
C PRO B 158 11.59 19.46 -21.66
N ASN B 159 10.90 18.50 -22.28
CA ASN B 159 10.65 17.20 -21.66
C ASN B 159 11.90 16.33 -21.52
N HIS B 160 12.67 16.22 -22.58
CA HIS B 160 13.90 15.46 -22.56
C HIS B 160 14.87 15.98 -21.50
N TYR B 161 14.85 17.29 -21.27
CA TYR B 161 15.74 17.89 -20.29
C TYR B 161 15.14 17.80 -18.88
N SER B 162 13.81 17.73 -18.80
CA SER B 162 13.17 17.56 -17.50
C SER B 162 13.37 16.15 -16.98
N ILE B 163 13.47 15.19 -17.88
CA ILE B 163 13.73 13.81 -17.51
C ILE B 163 15.08 13.67 -16.81
N VAL B 164 16.11 14.25 -17.42
CA VAL B 164 17.48 14.11 -16.91
C VAL B 164 17.84 15.13 -15.84
N THR B 165 16.93 16.05 -15.53
CA THR B 165 17.18 17.03 -14.49
C THR B 165 16.18 16.93 -13.34
N GLY B 166 15.02 16.35 -13.61
CA GLY B 166 13.97 16.23 -12.61
C GLY B 166 13.39 17.57 -12.23
N LEU B 167 13.58 18.54 -13.11
CA LEU B 167 13.13 19.90 -12.83
C LEU B 167 11.98 20.30 -13.74
N TYR B 168 11.17 21.22 -13.25
CA TYR B 168 10.14 21.85 -14.05
C TYR B 168 10.85 22.70 -15.09
N PRO B 169 10.28 22.80 -16.30
CA PRO B 169 10.86 23.63 -17.36
C PRO B 169 11.10 25.06 -16.91
N GLU B 170 10.27 25.54 -16.00
CA GLU B 170 10.39 26.90 -15.47
C GLU B 170 11.66 27.07 -14.64
N SER B 171 12.31 25.96 -14.29
CA SER B 171 13.47 26.01 -13.42
C SER B 171 14.76 25.60 -14.14
N HIS B 172 14.66 24.78 -15.18
CA HIS B 172 15.87 24.34 -15.87
C HIS B 172 16.20 25.17 -17.11
N GLY B 173 15.35 26.16 -17.40
CA GLY B 173 15.67 27.13 -18.43
C GLY B 173 15.12 26.83 -19.83
N ILE B 174 14.99 25.55 -20.16
CA ILE B 174 14.51 25.17 -21.48
C ILE B 174 12.98 25.14 -21.55
N ILE B 175 12.40 26.30 -21.84
CA ILE B 175 10.96 26.49 -21.85
C ILE B 175 10.33 25.86 -23.10
N ASP B 176 10.98 26.07 -24.24
CA ASP B 176 10.48 25.55 -25.51
C ASP B 176 11.66 25.23 -26.42
N ASN B 177 11.40 24.58 -27.55
CA ASN B 177 12.43 24.35 -28.54
C ASN B 177 12.96 25.67 -29.10
N LYS B 178 12.06 26.62 -29.31
CA LYS B 178 12.42 27.96 -29.75
C LYS B 178 11.93 28.98 -28.72
N MET B 179 12.85 29.73 -28.14
CA MET B 179 12.51 30.70 -27.09
C MET B 179 13.48 31.88 -27.09
N TYR B 180 13.19 32.88 -26.27
CA TYR B 180 13.99 34.10 -26.26
C TYR B 180 14.18 34.64 -24.84
N ASP B 181 15.39 35.08 -24.55
CA ASP B 181 15.73 35.66 -23.25
C ASP B 181 15.92 37.17 -23.33
N PRO B 182 15.08 37.92 -22.63
CA PRO B 182 15.13 39.39 -22.62
C PRO B 182 16.44 39.87 -22.00
N LYS B 183 16.86 39.22 -20.91
CA LYS B 183 18.07 39.65 -20.21
C LYS B 183 19.34 39.40 -21.03
N MET B 184 19.41 38.25 -21.69
CA MET B 184 20.59 37.91 -22.48
C MET B 184 20.59 38.56 -23.87
N ASN B 185 19.43 39.01 -24.31
CA ASN B 185 19.23 39.56 -25.66
C ASN B 185 19.68 38.56 -26.70
N ALA B 186 19.24 37.31 -26.56
CA ALA B 186 19.61 36.25 -27.49
C ALA B 186 18.47 35.25 -27.69
N SER B 187 18.34 34.74 -28.91
CA SER B 187 17.28 33.78 -29.22
C SER B 187 17.80 32.36 -29.14
N PHE B 188 16.89 31.40 -29.08
CA PHE B 188 17.27 29.99 -29.00
C PHE B 188 16.57 29.16 -30.08
N SER B 189 17.32 28.23 -30.67
CA SER B 189 16.77 27.34 -31.67
C SER B 189 17.60 26.06 -31.77
N LEU B 190 16.99 24.98 -32.26
CA LEU B 190 17.69 23.71 -32.41
C LEU B 190 18.74 23.78 -33.51
N LYS B 191 18.38 24.42 -34.61
CA LYS B 191 19.30 24.65 -35.72
C LYS B 191 19.88 26.06 -35.56
N SER B 192 20.72 26.22 -34.56
CA SER B 192 21.31 27.51 -34.24
C SER B 192 22.60 27.33 -33.44
N LYS B 193 23.44 28.35 -33.46
CA LYS B 193 24.71 28.31 -32.74
C LYS B 193 24.47 28.53 -31.25
N GLU B 194 23.33 29.13 -30.93
CA GLU B 194 22.97 29.40 -29.54
C GLU B 194 22.59 28.15 -28.76
N LYS B 195 22.32 27.05 -29.47
CA LYS B 195 21.98 25.79 -28.82
C LYS B 195 23.13 25.33 -27.91
N PHE B 196 24.35 25.53 -28.37
CA PHE B 196 25.53 25.07 -27.65
C PHE B 196 25.99 26.04 -26.57
N ASN B 197 25.13 27.01 -26.26
CA ASN B 197 25.43 27.98 -25.21
C ASN B 197 24.99 27.48 -23.84
N PRO B 198 25.96 27.29 -22.93
CA PRO B 198 25.74 26.76 -21.58
C PRO B 198 24.88 27.67 -20.70
N LEU B 199 24.63 28.89 -21.17
CA LEU B 199 23.83 29.84 -20.40
C LEU B 199 22.34 29.56 -20.46
N TRP B 200 21.94 28.66 -21.37
CA TRP B 200 20.54 28.31 -21.50
C TRP B 200 20.19 27.22 -20.51
N TYR B 201 21.09 26.25 -20.39
CA TYR B 201 20.85 25.07 -19.57
C TYR B 201 21.12 25.35 -18.09
N LYS B 202 20.06 25.38 -17.29
CA LYS B 202 20.19 25.55 -15.85
C LYS B 202 20.03 24.19 -15.17
N GLY B 203 20.04 24.18 -13.85
CA GLY B 203 19.89 22.94 -13.12
C GLY B 203 21.11 22.03 -13.25
N GLN B 204 20.90 20.74 -13.03
CA GLN B 204 21.98 19.77 -13.09
C GLN B 204 21.51 18.43 -13.66
N PRO B 205 21.88 18.13 -14.91
CA PRO B 205 21.51 16.85 -15.53
C PRO B 205 22.20 15.66 -14.86
N ILE B 206 21.68 14.47 -15.12
CA ILE B 206 22.12 13.25 -14.45
C ILE B 206 23.59 12.87 -14.67
N TRP B 207 24.10 13.12 -15.88
CA TRP B 207 25.49 12.79 -16.20
C TRP B 207 26.48 13.68 -15.46
N VAL B 208 26.04 14.89 -15.14
CA VAL B 208 26.82 15.81 -14.34
C VAL B 208 26.85 15.34 -12.89
N THR B 209 25.71 14.87 -12.41
CA THR B 209 25.60 14.33 -11.07
C THR B 209 26.49 13.11 -10.91
N ALA B 210 26.46 12.23 -11.90
CA ALA B 210 27.29 11.03 -11.89
C ALA B 210 28.76 11.39 -11.93
N ASN B 211 29.08 12.46 -12.66
CA ASN B 211 30.46 12.92 -12.80
C ASN B 211 31.03 13.44 -11.49
N HIS B 212 30.20 14.13 -10.71
CA HIS B 212 30.64 14.66 -9.43
C HIS B 212 30.88 13.53 -8.43
N GLN B 213 30.26 12.38 -8.67
CA GLN B 213 30.41 11.23 -7.80
C GLN B 213 31.16 10.08 -8.46
N GLU B 214 32.01 10.39 -9.42
CA GLU B 214 32.91 9.43 -10.06
C GLU B 214 32.23 8.23 -10.74
N VAL B 215 31.24 8.51 -11.58
CA VAL B 215 30.57 7.46 -12.36
C VAL B 215 30.57 7.83 -13.84
N LYS B 216 31.19 7.01 -14.68
CA LYS B 216 31.30 7.32 -16.10
C LYS B 216 29.95 7.18 -16.81
N SER B 217 29.76 7.99 -17.84
CA SER B 217 28.51 8.03 -18.59
C SER B 217 28.78 8.23 -20.08
N GLY B 218 28.12 7.41 -20.91
CA GLY B 218 28.26 7.50 -22.35
C GLY B 218 26.91 7.76 -23.00
N THR B 219 26.74 8.97 -23.51
CA THR B 219 25.46 9.40 -24.06
C THR B 219 25.47 9.45 -25.58
N TYR B 220 24.27 9.42 -26.16
CA TYR B 220 24.10 9.49 -27.61
C TYR B 220 22.85 10.29 -27.99
N PHE B 221 23.04 11.53 -28.41
CA PHE B 221 21.96 12.40 -28.88
C PHE B 221 20.89 12.74 -27.83
N TRP B 222 21.30 13.12 -26.63
CA TRP B 222 20.32 13.58 -25.65
C TRP B 222 20.43 15.10 -25.53
N PRO B 223 19.29 15.80 -25.53
CA PRO B 223 19.30 17.27 -25.43
C PRO B 223 20.07 17.73 -24.21
N GLY B 224 21.18 18.44 -24.45
CA GLY B 224 22.02 18.94 -23.40
C GLY B 224 23.31 18.16 -23.23
N SER B 225 23.44 17.07 -23.99
CA SER B 225 24.64 16.24 -23.92
C SER B 225 25.80 16.78 -24.75
N ASP B 226 25.51 17.41 -25.88
CA ASP B 226 26.55 18.00 -26.73
C ASP B 226 27.18 19.21 -26.05
N VAL B 227 26.34 19.99 -25.37
CA VAL B 227 26.74 21.20 -24.66
C VAL B 227 27.33 20.92 -23.29
N GLU B 228 28.30 21.74 -22.87
CA GLU B 228 28.89 21.57 -21.56
C GLU B 228 28.15 22.36 -20.48
N ILE B 229 27.66 21.65 -19.47
CA ILE B 229 26.99 22.27 -18.34
C ILE B 229 27.94 22.20 -17.16
N ASP B 230 28.16 23.34 -16.50
CA ASP B 230 29.11 23.44 -15.39
C ASP B 230 30.51 22.96 -15.80
N GLY B 231 30.86 23.13 -17.07
CA GLY B 231 32.15 22.72 -17.58
C GLY B 231 32.31 21.21 -17.60
N ILE B 232 31.18 20.50 -17.58
CA ILE B 232 31.21 19.05 -17.55
C ILE B 232 30.55 18.45 -18.80
N LEU B 233 31.20 17.46 -19.38
CA LEU B 233 30.65 16.75 -20.53
C LEU B 233 30.67 15.26 -20.22
N PRO B 234 29.67 14.52 -20.73
CA PRO B 234 29.66 13.07 -20.57
C PRO B 234 30.91 12.43 -21.17
N ASP B 235 31.41 11.38 -20.53
CA ASP B 235 32.69 10.76 -20.91
C ASP B 235 32.74 10.31 -22.36
N ILE B 236 31.59 9.91 -22.89
CA ILE B 236 31.46 9.63 -24.32
C ILE B 236 30.18 10.31 -24.79
N TYR B 237 30.31 11.30 -25.66
CA TYR B 237 29.15 12.02 -26.16
C TYR B 237 29.17 12.18 -27.67
N LYS B 238 28.05 12.64 -28.21
CA LYS B 238 27.97 12.87 -29.65
C LYS B 238 27.09 14.08 -29.95
N VAL B 239 27.70 15.07 -30.61
CA VAL B 239 26.99 16.26 -31.03
C VAL B 239 25.87 15.84 -31.98
N TYR B 240 24.68 16.39 -31.80
CA TYR B 240 23.52 15.87 -32.51
C TYR B 240 23.68 15.92 -34.02
N ASN B 241 23.47 14.77 -34.66
CA ASN B 241 23.52 14.66 -36.11
C ASN B 241 22.41 13.72 -36.52
N GLY B 242 21.30 14.30 -36.96
CA GLY B 242 20.11 13.53 -37.32
C GLY B 242 20.27 12.67 -38.55
N SER B 243 21.38 12.83 -39.25
CA SER B 243 21.64 12.08 -40.47
C SER B 243 22.18 10.69 -40.16
N VAL B 244 22.64 10.49 -38.94
CA VAL B 244 23.19 9.21 -38.51
C VAL B 244 22.09 8.15 -38.49
N PRO B 245 22.29 7.06 -39.25
CA PRO B 245 21.31 5.97 -39.33
C PRO B 245 21.06 5.33 -37.97
N PHE B 246 19.82 4.93 -37.72
CA PHE B 246 19.41 4.41 -36.43
C PHE B 246 20.19 3.17 -36.00
N GLU B 247 20.39 2.25 -36.94
CA GLU B 247 21.09 1.00 -36.66
C GLU B 247 22.50 1.26 -36.13
N GLU B 248 23.09 2.36 -36.57
CA GLU B 248 24.44 2.74 -36.17
C GLU B 248 24.47 3.30 -34.76
N ARG B 249 23.37 3.88 -34.32
CA ARG B 249 23.29 4.44 -32.97
C ARG B 249 23.28 3.33 -31.92
N ILE B 250 22.55 2.26 -32.21
CA ILE B 250 22.45 1.13 -31.29
C ILE B 250 23.81 0.44 -31.20
N LEU B 251 24.40 0.20 -32.37
CA LEU B 251 25.70 -0.45 -32.45
C LEU B 251 26.80 0.35 -31.78
N ALA B 252 26.68 1.68 -31.84
CA ALA B 252 27.66 2.55 -31.20
C ALA B 252 27.69 2.31 -29.70
N VAL B 253 26.51 2.18 -29.10
CA VAL B 253 26.37 1.94 -27.66
C VAL B 253 26.80 0.51 -27.30
N LEU B 254 26.45 -0.44 -28.16
CA LEU B 254 26.82 -1.83 -27.98
C LEU B 254 28.33 -2.00 -28.00
N GLU B 255 29.01 -1.15 -28.78
CA GLU B 255 30.47 -1.19 -28.85
C GLU B 255 31.07 -0.66 -27.56
N TRP B 256 30.39 0.30 -26.93
CA TRP B 256 30.85 0.90 -25.68
C TRP B 256 30.76 -0.06 -24.50
N LEU B 257 29.79 -0.96 -24.52
CA LEU B 257 29.61 -1.97 -23.48
C LEU B 257 30.77 -2.96 -23.39
N GLN B 258 31.62 -2.96 -24.40
CA GLN B 258 32.72 -3.92 -24.49
C GLN B 258 34.04 -3.27 -24.05
N LEU B 259 33.98 -1.98 -23.73
CA LEU B 259 35.13 -1.23 -23.26
C LEU B 259 35.64 -1.80 -21.93
N PRO B 260 36.95 -1.63 -21.66
CA PRO B 260 37.58 -2.08 -20.41
C PRO B 260 36.87 -1.60 -19.16
N SER B 261 36.99 -2.36 -18.09
CA SER B 261 36.27 -2.10 -16.83
C SER B 261 36.56 -0.69 -16.31
N HIS B 262 37.71 -0.16 -16.68
CA HIS B 262 38.15 1.17 -16.24
C HIS B 262 37.66 2.26 -17.21
N GLU B 263 37.34 1.86 -18.44
CA GLU B 263 36.93 2.80 -19.48
C GLU B 263 35.50 2.62 -19.95
N ARG B 264 34.71 1.85 -19.23
CA ARG B 264 33.32 1.60 -19.61
C ARG B 264 32.32 2.48 -18.86
N PRO B 265 31.46 3.20 -19.60
CA PRO B 265 30.44 4.04 -18.98
C PRO B 265 29.43 3.19 -18.21
N HIS B 266 28.79 3.76 -17.19
CA HIS B 266 27.82 3.00 -16.39
C HIS B 266 26.41 3.49 -16.67
N PHE B 267 26.31 4.66 -17.28
CA PHE B 267 25.02 5.23 -17.67
C PHE B 267 25.01 5.51 -19.17
N TYR B 268 23.93 5.14 -19.83
CA TYR B 268 23.85 5.25 -21.29
C TYR B 268 22.54 5.90 -21.72
N THR B 269 22.57 6.62 -22.84
CA THR B 269 21.35 7.19 -23.41
C THR B 269 21.24 6.81 -24.89
N LEU B 270 20.01 6.74 -25.37
CA LEU B 270 19.74 6.48 -26.78
C LEU B 270 18.55 7.31 -27.24
N TYR B 271 18.68 7.91 -28.41
CA TYR B 271 17.61 8.75 -28.94
C TYR B 271 17.31 8.45 -30.40
N LEU B 272 16.02 8.36 -30.69
CA LEU B 272 15.54 8.16 -32.06
C LEU B 272 14.47 9.21 -32.36
N GLU B 273 14.49 9.75 -33.59
CA GLU B 273 13.54 10.78 -33.98
C GLU B 273 12.15 10.23 -34.29
N GLU B 274 12.02 8.91 -34.38
CA GLU B 274 10.75 8.27 -34.65
C GLU B 274 10.07 7.83 -33.36
N PRO B 275 8.73 7.80 -33.33
CA PRO B 275 7.80 8.13 -34.40
C PRO B 275 7.32 9.58 -34.42
N ASP B 276 8.13 10.52 -33.94
CA ASP B 276 7.74 11.93 -33.98
C ASP B 276 7.67 12.44 -35.42
N SER B 277 8.69 12.09 -36.20
CA SER B 277 8.79 12.53 -37.59
C SER B 277 7.62 12.06 -38.44
N SER B 278 7.32 10.76 -38.36
CA SER B 278 6.20 10.19 -39.11
C SER B 278 4.88 10.68 -38.54
N GLY B 279 4.89 11.03 -37.26
CA GLY B 279 3.70 11.52 -36.60
C GLY B 279 3.32 12.89 -37.12
N HIS B 280 4.32 13.73 -37.34
CA HIS B 280 4.11 15.07 -37.85
C HIS B 280 3.62 15.07 -39.29
N SER B 281 4.33 14.34 -40.16
CA SER B 281 4.10 14.43 -41.60
C SER B 281 2.86 13.72 -42.11
N HIS B 282 2.33 12.76 -41.35
CA HIS B 282 1.20 11.96 -41.83
C HIS B 282 0.08 11.84 -40.80
N GLY B 283 0.38 12.19 -39.56
CA GLY B 283 -0.61 12.16 -38.50
C GLY B 283 -0.48 10.96 -37.60
N PRO B 284 -1.03 11.05 -36.39
CA PRO B 284 -0.98 10.02 -35.34
C PRO B 284 -1.64 8.73 -35.79
N VAL B 285 -2.69 8.84 -36.61
CA VAL B 285 -3.40 7.68 -37.12
C VAL B 285 -3.11 7.37 -38.59
N SER B 286 -1.87 7.56 -39.00
CA SER B 286 -1.47 7.34 -40.38
C SER B 286 -1.04 5.90 -40.65
N SER B 287 -0.82 5.59 -41.93
CA SER B 287 -0.34 4.28 -42.32
C SER B 287 1.16 4.25 -42.08
N GLU B 288 1.76 5.43 -42.11
CA GLU B 288 3.20 5.59 -41.97
C GLU B 288 3.69 5.41 -40.55
N VAL B 289 2.85 5.76 -39.56
CA VAL B 289 3.26 5.59 -38.17
C VAL B 289 3.29 4.13 -37.74
N ILE B 290 2.38 3.31 -38.29
CA ILE B 290 2.42 1.89 -38.01
C ILE B 290 3.73 1.31 -38.55
N LYS B 291 4.09 1.71 -39.77
CA LYS B 291 5.37 1.32 -40.38
C LYS B 291 6.54 1.89 -39.59
N ALA B 292 6.36 3.08 -39.02
CA ALA B 292 7.38 3.73 -38.21
C ALA B 292 7.52 3.04 -36.86
N LEU B 293 6.38 2.68 -36.27
CA LEU B 293 6.36 1.98 -34.99
C LEU B 293 7.04 0.62 -35.14
N GLN B 294 6.78 -0.07 -36.23
CA GLN B 294 7.41 -1.36 -36.47
C GLN B 294 8.92 -1.21 -36.69
N LYS B 295 9.31 -0.11 -37.35
CA LYS B 295 10.74 0.14 -37.58
C LYS B 295 11.45 0.41 -36.26
N VAL B 296 10.84 1.23 -35.42
CA VAL B 296 11.43 1.55 -34.13
C VAL B 296 11.41 0.33 -33.22
N ASP B 297 10.39 -0.52 -33.39
CA ASP B 297 10.26 -1.73 -32.59
C ASP B 297 11.37 -2.76 -32.85
N ARG B 298 11.74 -2.94 -34.12
CA ARG B 298 12.78 -3.90 -34.46
C ARG B 298 14.14 -3.39 -33.99
N LEU B 299 14.28 -2.08 -33.96
CA LEU B 299 15.53 -1.46 -33.53
C LEU B 299 15.79 -1.72 -32.05
N VAL B 300 14.72 -1.74 -31.26
CA VAL B 300 14.82 -2.08 -29.84
C VAL B 300 15.12 -3.58 -29.75
N GLY B 301 14.52 -4.34 -30.66
CA GLY B 301 14.75 -5.76 -30.76
C GLY B 301 16.19 -6.05 -31.12
N MET B 302 16.74 -5.20 -31.98
CA MET B 302 18.14 -5.34 -32.37
C MET B 302 19.06 -5.02 -31.19
N LEU B 303 18.62 -4.11 -30.34
CA LEU B 303 19.35 -3.80 -29.11
C LEU B 303 19.34 -4.98 -28.16
N MET B 304 18.14 -5.54 -27.93
CA MET B 304 17.96 -6.65 -27.02
C MET B 304 18.69 -7.90 -27.48
N ASP B 305 18.63 -8.18 -28.78
CA ASP B 305 19.34 -9.33 -29.33
C ASP B 305 20.85 -9.16 -29.16
N GLY B 306 21.30 -7.92 -29.26
CA GLY B 306 22.70 -7.58 -29.07
C GLY B 306 23.16 -7.74 -27.62
N LEU B 307 22.28 -7.39 -26.69
CA LEU B 307 22.57 -7.55 -25.28
C LEU B 307 22.64 -9.03 -24.91
N LYS B 308 21.82 -9.83 -25.58
CA LYS B 308 21.78 -11.27 -25.32
C LYS B 308 23.06 -11.93 -25.82
N ASP B 309 23.54 -11.49 -26.98
CA ASP B 309 24.77 -12.05 -27.54
C ASP B 309 26.00 -11.62 -26.75
N LEU B 310 25.84 -10.58 -25.94
CA LEU B 310 26.93 -10.11 -25.07
C LEU B 310 26.76 -10.63 -23.65
N GLY B 311 25.68 -11.38 -23.42
CA GLY B 311 25.40 -11.94 -22.11
C GLY B 311 25.06 -10.88 -21.08
N LEU B 312 24.32 -9.86 -21.49
CA LEU B 312 23.98 -8.75 -20.62
C LEU B 312 22.47 -8.53 -20.56
N ASP B 313 21.71 -9.45 -21.15
CA ASP B 313 20.26 -9.35 -21.18
C ASP B 313 19.65 -9.44 -19.78
N LYS B 314 20.42 -10.02 -18.86
CA LYS B 314 19.99 -10.07 -17.45
C LYS B 314 20.96 -9.30 -16.57
N CYS B 315 21.61 -8.29 -17.14
CA CYS B 315 22.56 -7.49 -16.40
C CYS B 315 22.45 -6.03 -16.81
N LEU B 316 21.32 -5.65 -17.40
CA LEU B 316 21.12 -4.26 -17.82
C LEU B 316 19.75 -3.74 -17.44
N ASN B 317 19.72 -2.52 -16.91
CA ASN B 317 18.47 -1.82 -16.64
C ASN B 317 18.08 -0.92 -17.80
N LEU B 318 16.97 -1.27 -18.46
CA LEU B 318 16.52 -0.50 -19.61
C LEU B 318 15.29 0.34 -19.26
N ILE B 319 15.34 1.61 -19.61
CA ILE B 319 14.17 2.47 -19.45
C ILE B 319 13.75 3.02 -20.81
N LEU B 320 12.76 2.37 -21.41
CA LEU B 320 12.25 2.80 -22.71
C LEU B 320 11.19 3.88 -22.51
N ILE B 321 11.56 5.12 -22.83
CA ILE B 321 10.74 6.28 -22.50
C ILE B 321 10.50 7.14 -23.73
N SER B 322 9.59 8.10 -23.62
CA SER B 322 9.38 9.12 -24.66
C SER B 322 9.13 10.48 -24.03
N ASP B 323 9.25 11.53 -24.83
CA ASP B 323 9.15 12.91 -24.33
C ASP B 323 7.72 13.41 -24.27
N HIS B 324 6.93 13.03 -25.26
CA HIS B 324 5.57 13.54 -25.37
C HIS B 324 4.71 12.69 -26.28
N GLY B 325 3.51 13.18 -26.55
CA GLY B 325 2.59 12.48 -27.43
C GLY B 325 2.47 13.13 -28.79
N MET B 326 1.33 12.93 -29.44
CA MET B 326 1.10 13.46 -30.77
C MET B 326 -0.40 13.65 -31.01
N GLU B 327 -0.77 14.80 -31.57
CA GLU B 327 -2.16 15.10 -31.83
C GLU B 327 -2.37 15.52 -33.29
N GLN B 328 -3.51 15.14 -33.86
CA GLN B 328 -3.83 15.47 -35.24
C GLN B 328 -4.32 16.90 -35.43
N GLY B 329 -3.54 17.70 -36.12
CA GLY B 329 -3.90 19.08 -36.40
C GLY B 329 -4.85 19.20 -37.58
N SER B 330 -5.54 20.33 -37.66
CA SER B 330 -6.50 20.56 -38.75
C SER B 330 -6.46 22.01 -39.20
N CYS B 331 -6.75 22.23 -40.49
CA CYS B 331 -6.82 23.57 -41.05
C CYS B 331 -8.04 24.30 -40.49
N LYS B 332 -9.10 23.54 -40.24
CA LYS B 332 -10.33 24.09 -39.71
C LYS B 332 -10.16 24.47 -38.24
N LYS B 333 -9.23 23.80 -37.57
CA LYS B 333 -8.98 24.07 -36.15
C LYS B 333 -7.70 24.87 -35.90
N TYR B 334 -7.66 26.11 -36.37
CA TYR B 334 -6.50 26.97 -36.16
C TYR B 334 -6.93 28.40 -35.83
N VAL B 335 -6.20 29.06 -34.93
CA VAL B 335 -6.53 30.42 -34.48
C VAL B 335 -5.53 31.47 -34.95
N TYR B 336 -6.03 32.52 -35.60
CA TYR B 336 -5.18 33.62 -36.08
C TYR B 336 -5.47 34.94 -35.36
N LEU B 337 -4.45 35.47 -34.70
CA LEU B 337 -4.58 36.68 -33.89
C LEU B 337 -4.93 37.95 -34.68
N ASN B 338 -4.59 37.95 -35.96
CA ASN B 338 -4.81 39.13 -36.80
C ASN B 338 -6.29 39.51 -36.89
N LYS B 339 -7.17 38.50 -36.77
CA LYS B 339 -8.60 38.74 -36.85
C LYS B 339 -9.11 39.59 -35.69
N TYR B 340 -8.36 39.59 -34.58
CA TYR B 340 -8.74 40.36 -33.41
C TYR B 340 -7.84 41.57 -33.15
N LEU B 341 -6.63 41.54 -33.68
CA LEU B 341 -5.66 42.60 -33.43
C LEU B 341 -5.38 43.41 -34.70
N GLY B 342 -5.41 42.71 -35.83
CA GLY B 342 -5.11 43.31 -37.12
C GLY B 342 -3.68 42.94 -37.50
N ASP B 343 -3.32 43.20 -38.74
CA ASP B 343 -1.97 42.91 -39.22
C ASP B 343 -0.94 43.84 -38.58
N VAL B 344 -0.74 43.68 -37.28
CA VAL B 344 0.20 44.52 -36.55
C VAL B 344 1.57 43.85 -36.63
N ASN B 345 2.62 44.66 -36.49
CA ASN B 345 3.97 44.15 -36.57
C ASN B 345 4.81 44.51 -35.36
N ASN B 346 4.14 45.02 -34.33
CA ASN B 346 4.82 45.40 -33.10
C ASN B 346 4.94 44.22 -32.13
N VAL B 347 4.29 43.11 -32.48
CA VAL B 347 4.30 41.92 -31.62
C VAL B 347 4.73 40.65 -32.36
N LYS B 348 5.41 39.77 -31.62
CA LYS B 348 5.86 38.48 -32.12
C LYS B 348 5.14 37.35 -31.40
N VAL B 349 4.66 36.37 -32.16
CA VAL B 349 3.90 35.26 -31.60
C VAL B 349 4.60 33.94 -31.88
N VAL B 350 4.96 33.24 -30.83
CA VAL B 350 5.55 31.91 -30.95
C VAL B 350 4.43 30.91 -31.18
N TYR B 351 4.25 30.53 -32.45
CA TYR B 351 3.11 29.71 -32.84
C TYR B 351 3.12 28.33 -32.20
N GLY B 352 1.97 27.68 -32.20
CA GLY B 352 1.82 26.37 -31.60
C GLY B 352 0.60 26.34 -30.69
N PRO B 353 0.32 25.18 -30.09
CA PRO B 353 -0.80 25.04 -29.15
C PRO B 353 -0.48 25.70 -27.81
N ALA B 354 0.79 26.04 -27.60
CA ALA B 354 1.21 26.77 -26.40
C ALA B 354 1.88 28.08 -26.81
N ALA B 355 1.06 29.00 -27.32
CA ALA B 355 1.57 30.25 -27.88
C ALA B 355 1.95 31.26 -26.79
N ARG B 356 2.98 32.04 -27.08
CA ARG B 356 3.42 33.11 -26.19
C ARG B 356 3.62 34.38 -27.02
N LEU B 357 3.49 35.54 -26.38
CA LEU B 357 3.55 36.81 -27.10
C LEU B 357 4.51 37.80 -26.46
N ARG B 358 5.40 38.37 -27.28
CA ARG B 358 6.31 39.41 -26.81
C ARG B 358 6.36 40.53 -27.85
N PRO B 359 6.61 41.77 -27.40
CA PRO B 359 6.72 42.90 -28.33
C PRO B 359 7.97 42.81 -29.21
N THR B 360 7.93 43.48 -30.36
CA THR B 360 9.04 43.51 -31.30
C THR B 360 10.22 44.31 -30.76
N ASP B 361 9.94 45.46 -30.15
CA ASP B 361 11.00 46.28 -29.56
C ASP B 361 11.48 45.68 -28.26
N VAL B 362 12.51 44.85 -28.36
CA VAL B 362 13.00 44.07 -27.23
C VAL B 362 14.52 44.22 -27.11
N PRO B 363 15.02 44.39 -25.87
CA PRO B 363 14.29 44.43 -24.59
C PRO B 363 13.86 45.83 -24.21
N GLU B 364 13.70 46.70 -25.19
CA GLU B 364 13.27 48.07 -24.95
C GLU B 364 11.88 48.15 -24.33
N THR B 365 10.96 47.33 -24.87
CA THR B 365 9.58 47.36 -24.39
C THR B 365 9.09 46.02 -23.85
N TYR B 366 9.99 45.19 -23.37
CA TYR B 366 9.60 43.88 -22.85
C TYR B 366 8.76 44.00 -21.59
N TYR B 367 9.06 45.01 -20.77
CA TYR B 367 8.31 45.23 -19.52
C TYR B 367 7.45 46.48 -19.57
N SER B 368 7.86 47.47 -20.36
CA SER B 368 7.10 48.72 -20.46
C SER B 368 5.76 48.46 -21.12
N PHE B 369 5.74 47.49 -22.03
CA PHE B 369 4.52 47.10 -22.74
C PHE B 369 3.55 46.50 -21.74
N ASN B 370 2.33 47.03 -21.71
CA ASN B 370 1.30 46.47 -20.84
C ASN B 370 0.55 45.35 -21.57
N TYR B 371 0.79 44.12 -21.13
CA TYR B 371 0.19 42.95 -21.75
C TYR B 371 -1.26 42.85 -21.31
N GLU B 372 -1.53 43.42 -20.14
CA GLU B 372 -2.86 43.36 -19.51
C GLU B 372 -3.94 43.90 -20.42
N ALA B 373 -3.64 45.00 -21.12
CA ALA B 373 -4.60 45.61 -22.03
C ALA B 373 -4.88 44.71 -23.23
N LEU B 374 -3.82 44.14 -23.80
CA LEU B 374 -3.97 43.25 -24.96
C LEU B 374 -4.72 41.98 -24.58
N ALA B 375 -4.42 41.48 -23.38
CA ALA B 375 -5.07 40.27 -22.88
C ALA B 375 -6.56 40.50 -22.69
N LYS B 376 -6.91 41.66 -22.15
CA LYS B 376 -8.31 42.00 -21.93
C LYS B 376 -8.97 42.24 -23.29
N ASN B 377 -8.17 42.67 -24.27
CA ASN B 377 -8.65 42.94 -25.62
C ASN B 377 -8.83 41.67 -26.44
N LEU B 378 -8.29 40.57 -25.95
CA LEU B 378 -8.35 39.30 -26.67
C LEU B 378 -9.26 38.27 -26.00
N SER B 379 -9.73 38.58 -24.79
CA SER B 379 -10.55 37.65 -24.04
C SER B 379 -12.03 37.81 -24.34
N CYS B 380 -12.73 36.68 -24.48
CA CYS B 380 -14.18 36.65 -24.69
C CYS B 380 -14.60 37.41 -25.93
N ARG B 381 -13.98 37.09 -27.07
CA ARG B 381 -14.28 37.73 -28.33
C ARG B 381 -15.21 36.84 -29.14
N GLU B 382 -15.21 35.55 -28.80
CA GLU B 382 -16.00 34.56 -29.51
C GLU B 382 -17.03 33.90 -28.62
N PRO B 383 -18.13 33.42 -29.23
CA PRO B 383 -19.19 32.70 -28.50
C PRO B 383 -18.63 31.44 -27.85
N ASN B 384 -17.84 30.69 -28.61
CA ASN B 384 -17.16 29.52 -28.08
C ASN B 384 -15.67 29.58 -28.36
N GLN B 385 -14.99 30.54 -27.73
CA GLN B 385 -13.58 30.78 -28.00
C GLN B 385 -12.76 29.54 -27.61
N HIS B 386 -11.85 29.14 -28.50
CA HIS B 386 -11.06 27.92 -28.30
C HIS B 386 -9.66 28.22 -27.78
N PHE B 387 -9.42 29.48 -27.45
CA PHE B 387 -8.17 29.91 -26.83
C PHE B 387 -8.46 30.90 -25.72
N ARG B 388 -7.49 31.15 -24.86
CA ARG B 388 -7.71 32.05 -23.74
C ARG B 388 -6.42 32.79 -23.37
N PRO B 389 -6.49 34.13 -23.34
CA PRO B 389 -5.37 34.98 -22.96
C PRO B 389 -5.06 34.84 -21.48
N TYR B 390 -3.81 34.55 -21.16
CA TYR B 390 -3.39 34.42 -19.78
C TYR B 390 -2.12 35.20 -19.49
N LEU B 391 -2.16 36.10 -18.52
CA LEU B 391 -0.91 36.61 -18.01
C LEU B 391 -0.33 35.36 -17.34
N LYS B 392 0.98 35.19 -17.38
CA LYS B 392 1.59 33.94 -16.92
C LYS B 392 1.32 33.53 -15.46
N PRO B 393 1.19 34.50 -14.51
CA PRO B 393 0.88 34.00 -13.17
C PRO B 393 -0.58 33.59 -13.00
N PHE B 394 -1.44 33.98 -13.93
CA PHE B 394 -2.86 33.65 -13.82
C PHE B 394 -3.12 32.28 -14.45
N LEU B 395 -2.05 31.70 -15.00
CA LEU B 395 -2.09 30.34 -15.53
C LEU B 395 -2.29 29.35 -14.40
N PRO B 396 -2.91 28.20 -14.69
CA PRO B 396 -3.07 27.14 -13.69
C PRO B 396 -1.74 26.73 -13.07
N LYS B 397 -1.69 26.65 -11.74
CA LYS B 397 -0.44 26.39 -11.03
C LYS B 397 0.15 25.02 -11.33
N ARG B 398 -0.71 24.08 -11.72
CA ARG B 398 -0.31 22.71 -12.01
C ARG B 398 0.67 22.63 -13.17
N LEU B 399 0.61 23.62 -14.05
CA LEU B 399 1.49 23.66 -15.22
C LEU B 399 2.89 24.08 -14.84
N HIS B 400 3.01 24.86 -13.77
CA HIS B 400 4.30 25.36 -13.29
C HIS B 400 5.07 26.08 -14.39
N PHE B 401 4.45 27.10 -14.97
CA PHE B 401 4.96 27.69 -16.19
C PHE B 401 4.91 29.21 -16.11
N ALA B 402 5.56 29.77 -15.09
CA ALA B 402 5.53 31.21 -14.87
C ALA B 402 6.89 31.78 -14.50
N LYS B 403 7.58 31.13 -13.55
CA LYS B 403 8.78 31.70 -12.97
C LYS B 403 10.03 31.45 -13.82
N SER B 404 10.04 32.01 -15.01
CA SER B 404 11.21 32.04 -15.86
C SER B 404 11.21 33.34 -16.67
N ASP B 405 12.40 33.84 -16.96
CA ASP B 405 12.52 35.05 -17.78
C ASP B 405 12.12 34.72 -19.21
N ARG B 406 12.39 33.49 -19.63
CA ARG B 406 12.17 33.06 -21.00
C ARG B 406 10.67 32.92 -21.28
N ILE B 407 9.89 32.69 -20.24
CA ILE B 407 8.44 32.60 -20.41
C ILE B 407 7.87 34.01 -20.62
N GLU B 408 7.11 34.18 -21.70
CA GLU B 408 6.48 35.46 -22.00
C GLU B 408 5.41 35.84 -20.97
N PRO B 409 5.30 37.13 -20.62
CA PRO B 409 4.30 37.63 -19.66
C PRO B 409 2.87 37.41 -20.14
N LEU B 410 2.72 37.09 -21.42
CA LEU B 410 1.43 36.73 -21.99
C LEU B 410 1.49 35.35 -22.63
N THR B 411 0.70 34.42 -22.12
CA THR B 411 0.66 33.08 -22.68
C THR B 411 -0.73 32.76 -23.20
N PHE B 412 -0.86 31.63 -23.90
CA PHE B 412 -2.15 31.23 -24.43
C PHE B 412 -2.48 29.78 -24.13
N TYR B 413 -3.66 29.57 -23.55
CA TYR B 413 -4.16 28.22 -23.32
C TYR B 413 -5.17 27.87 -24.40
N LEU B 414 -4.97 26.75 -25.07
CA LEU B 414 -5.86 26.37 -26.16
C LEU B 414 -6.60 25.07 -25.89
N ASP B 415 -7.80 24.96 -26.46
CA ASP B 415 -8.56 23.72 -26.36
C ASP B 415 -7.80 22.63 -27.10
N PRO B 416 -8.08 21.35 -26.79
CA PRO B 416 -7.41 20.27 -27.49
C PRO B 416 -7.62 20.33 -29.01
N GLN B 417 -6.60 19.93 -29.76
CA GLN B 417 -6.61 19.93 -31.23
C GLN B 417 -6.63 21.31 -31.87
N TRP B 418 -6.26 22.34 -31.11
CA TRP B 418 -6.27 23.71 -31.61
C TRP B 418 -4.91 24.37 -31.43
N GLN B 419 -4.47 25.11 -32.45
CA GLN B 419 -3.20 25.85 -32.39
C GLN B 419 -3.43 27.32 -32.64
N LEU B 420 -2.47 28.15 -32.22
CA LEU B 420 -2.58 29.60 -32.40
C LEU B 420 -1.36 30.21 -33.08
N ALA B 421 -1.61 31.18 -33.95
CA ALA B 421 -0.55 31.89 -34.65
C ALA B 421 -1.01 33.32 -34.96
N LEU B 422 -0.05 34.18 -35.31
CA LEU B 422 -0.38 35.56 -35.66
C LEU B 422 -1.00 35.67 -37.05
N ASN B 423 -0.27 35.23 -38.06
CA ASN B 423 -0.73 35.24 -39.45
C ASN B 423 -0.63 33.86 -40.07
N PRO B 424 -1.53 33.55 -41.03
CA PRO B 424 -1.56 32.25 -41.72
C PRO B 424 -0.26 31.94 -42.47
N SER B 425 0.63 32.92 -42.56
CA SER B 425 1.91 32.72 -43.23
C SER B 425 2.95 32.19 -42.24
N TYR B 429 2.75 24.38 -41.29
CA TYR B 429 1.58 23.77 -41.89
C TYR B 429 0.52 23.50 -40.84
N CYS B 430 -0.74 23.47 -41.26
CA CYS B 430 -1.89 23.37 -40.35
C CYS B 430 -2.41 21.95 -40.14
N GLY B 431 -2.31 21.11 -41.16
CA GLY B 431 -2.87 19.78 -41.09
C GLY B 431 -1.86 18.67 -40.86
N SER B 432 -0.84 18.99 -40.08
CA SER B 432 0.20 18.03 -39.72
C SER B 432 0.07 17.63 -38.26
N GLY B 433 0.69 16.52 -37.90
CA GLY B 433 0.68 16.08 -36.51
C GLY B 433 1.46 17.05 -35.64
N PHE B 434 0.86 17.47 -34.53
CA PHE B 434 1.52 18.42 -33.66
C PHE B 434 1.48 18.00 -32.19
N HIS B 435 2.17 18.76 -31.35
CA HIS B 435 2.17 18.56 -29.91
C HIS B 435 2.57 19.86 -29.22
N GLY B 436 2.38 19.92 -27.91
CA GLY B 436 2.65 21.13 -27.15
C GLY B 436 1.46 21.55 -26.32
N SER B 437 0.37 20.82 -26.48
CA SER B 437 -0.87 21.08 -25.74
C SER B 437 -0.70 20.80 -24.25
N ASP B 438 -1.79 21.03 -23.50
CA ASP B 438 -1.82 20.81 -22.06
C ASP B 438 -1.32 19.40 -21.72
N ASN B 439 -0.46 19.29 -20.72
CA ASN B 439 0.17 18.01 -20.38
C ASN B 439 -0.78 17.02 -19.74
N LEU B 440 -2.02 17.44 -19.53
CA LEU B 440 -3.06 16.55 -18.99
C LEU B 440 -3.97 16.00 -20.08
N PHE B 441 -3.74 16.43 -21.33
CA PHE B 441 -4.54 15.93 -22.44
C PHE B 441 -4.19 14.48 -22.73
N SER B 442 -5.18 13.73 -23.19
CA SER B 442 -5.04 12.29 -23.40
C SER B 442 -3.95 11.91 -24.40
N ASN B 443 -3.87 12.62 -25.52
CA ASN B 443 -2.90 12.26 -26.56
C ASN B 443 -1.51 12.87 -26.38
N MET B 444 -1.33 13.66 -25.33
CA MET B 444 -0.02 14.21 -25.02
C MET B 444 0.77 13.31 -24.07
N GLN B 445 0.14 12.23 -23.63
CA GLN B 445 0.76 11.30 -22.68
C GLN B 445 1.90 10.51 -23.31
N ALA B 446 2.93 10.23 -22.50
CA ALA B 446 4.13 9.58 -23.00
C ALA B 446 4.25 8.12 -22.58
N LEU B 447 5.34 7.49 -23.01
CA LEU B 447 5.61 6.08 -22.77
C LEU B 447 6.63 5.88 -21.66
N PHE B 448 6.45 4.82 -20.89
CA PHE B 448 7.43 4.40 -19.89
C PHE B 448 7.39 2.89 -19.70
N ILE B 449 8.52 2.24 -19.95
CA ILE B 449 8.69 0.82 -19.66
C ILE B 449 10.03 0.58 -18.98
N GLY B 450 9.98 0.05 -17.76
CA GLY B 450 11.19 -0.27 -17.04
C GLY B 450 11.43 -1.77 -17.05
N TYR B 451 12.54 -2.19 -17.65
CA TYR B 451 12.89 -3.61 -17.72
C TYR B 451 14.30 -3.84 -17.21
N GLY B 452 14.51 -4.98 -16.57
CA GLY B 452 15.82 -5.31 -16.05
C GLY B 452 15.76 -6.00 -14.70
N PRO B 453 16.92 -6.28 -14.10
CA PRO B 453 16.99 -6.93 -12.80
C PRO B 453 16.41 -6.06 -11.69
N ALA B 454 16.47 -4.74 -11.87
CA ALA B 454 16.00 -3.82 -10.85
C ALA B 454 14.49 -3.60 -10.88
N PHE B 455 13.86 -3.90 -12.01
CA PHE B 455 12.43 -3.69 -12.16
C PHE B 455 11.58 -4.95 -12.00
N LYS B 456 10.38 -4.78 -11.45
CA LYS B 456 9.45 -5.89 -11.28
C LYS B 456 8.98 -6.41 -12.62
N HIS B 457 8.42 -7.61 -12.64
CA HIS B 457 8.02 -8.26 -13.88
C HIS B 457 6.53 -8.36 -14.13
N GLY B 458 6.04 -7.64 -15.15
CA GLY B 458 4.64 -7.66 -15.51
C GLY B 458 3.81 -6.81 -14.58
N ALA B 459 4.45 -5.79 -14.01
CA ALA B 459 3.77 -4.89 -13.10
C ALA B 459 3.35 -3.61 -13.80
N GLU B 460 2.06 -3.31 -13.74
CA GLU B 460 1.54 -2.08 -14.31
C GLU B 460 1.16 -1.12 -13.19
N VAL B 461 1.81 0.03 -13.15
CA VAL B 461 1.59 1.00 -12.08
C VAL B 461 0.77 2.20 -12.58
N ASP B 462 0.36 3.05 -11.64
CA ASP B 462 -0.43 4.22 -12.01
C ASP B 462 0.44 5.31 -12.62
N SER B 463 -0.21 6.31 -13.20
CA SER B 463 0.49 7.37 -13.92
C SER B 463 1.38 8.22 -13.01
N PHE B 464 2.48 8.71 -13.58
CA PHE B 464 3.37 9.61 -12.85
C PHE B 464 4.08 10.57 -13.78
N GLU B 465 4.56 11.68 -13.21
CA GLU B 465 5.22 12.71 -14.00
C GLU B 465 6.65 12.29 -14.33
N ASN B 466 7.22 12.86 -15.38
CA ASN B 466 8.56 12.48 -15.82
C ASN B 466 9.68 13.04 -14.95
N ILE B 467 9.35 14.03 -14.13
CA ILE B 467 10.35 14.62 -13.24
C ILE B 467 10.65 13.69 -12.06
N GLU B 468 9.83 12.65 -11.92
CA GLU B 468 10.01 11.70 -10.84
C GLU B 468 11.07 10.68 -11.26
N VAL B 469 11.28 10.58 -12.57
CA VAL B 469 12.22 9.60 -13.13
C VAL B 469 13.67 9.92 -12.79
N TYR B 470 13.97 11.20 -12.65
CA TYR B 470 15.33 11.65 -12.30
C TYR B 470 15.86 10.96 -11.05
N ASN B 471 15.06 10.97 -9.99
CA ASN B 471 15.43 10.32 -8.74
C ASN B 471 15.58 8.82 -8.90
N LEU B 472 14.77 8.22 -9.77
CA LEU B 472 14.85 6.79 -10.03
C LEU B 472 16.21 6.43 -10.60
N MET B 473 16.68 7.23 -11.55
CA MET B 473 17.96 6.98 -12.19
C MET B 473 19.12 7.21 -11.23
N CYS B 474 18.91 8.10 -10.26
CA CYS B 474 19.90 8.32 -9.21
C CYS B 474 20.00 7.08 -8.32
N ASP B 475 18.87 6.46 -8.06
CA ASP B 475 18.81 5.25 -7.25
C ASP B 475 19.41 4.05 -7.98
N LEU B 476 19.32 4.07 -9.31
CA LEU B 476 19.85 2.99 -10.14
C LEU B 476 21.35 3.07 -10.34
N LEU B 477 21.92 4.25 -10.18
CA LEU B 477 23.36 4.47 -10.37
C LEU B 477 24.08 4.68 -9.05
N GLY B 478 23.34 4.64 -7.95
CA GLY B 478 23.92 4.86 -6.63
C GLY B 478 24.45 6.27 -6.46
N LEU B 479 23.63 7.24 -6.84
CA LEU B 479 24.02 8.65 -6.80
C LEU B 479 23.17 9.43 -5.82
N ILE B 480 23.76 10.42 -5.16
CA ILE B 480 22.99 11.35 -4.35
C ILE B 480 22.37 12.37 -5.30
N PRO B 481 21.03 12.37 -5.41
CA PRO B 481 20.34 13.22 -6.38
C PRO B 481 20.47 14.72 -6.07
N ALA B 482 20.59 15.53 -7.11
CA ALA B 482 20.57 16.99 -6.95
C ALA B 482 19.15 17.43 -6.59
N PRO B 483 19.02 18.60 -5.95
CA PRO B 483 17.70 19.14 -5.59
C PRO B 483 16.79 19.30 -6.80
N ASN B 484 15.78 18.45 -6.91
CA ASN B 484 14.85 18.52 -8.03
C ASN B 484 13.41 18.73 -7.57
N ASN B 485 12.48 18.64 -8.51
CA ASN B 485 11.07 18.87 -8.22
C ASN B 485 10.28 17.58 -8.02
N GLY B 486 10.95 16.44 -8.20
CA GLY B 486 10.31 15.16 -8.03
C GLY B 486 10.34 14.70 -6.58
N SER B 487 9.24 14.09 -6.13
CA SER B 487 9.14 13.55 -4.78
C SER B 487 9.96 12.26 -4.65
N HIS B 488 11.12 12.36 -4.01
CA HIS B 488 12.04 11.22 -3.93
C HIS B 488 11.45 10.05 -3.17
N GLY B 489 11.31 8.91 -3.85
CA GLY B 489 10.80 7.69 -3.24
C GLY B 489 9.40 7.32 -3.69
N SER B 490 8.76 8.20 -4.47
CA SER B 490 7.39 7.99 -4.92
C SER B 490 7.27 6.90 -5.98
N LEU B 491 8.39 6.54 -6.61
CA LEU B 491 8.39 5.49 -7.63
C LEU B 491 8.99 4.18 -7.12
N ASN B 492 9.05 4.02 -5.80
CA ASN B 492 9.59 2.82 -5.18
C ASN B 492 8.85 1.53 -5.54
N HIS B 493 7.59 1.66 -5.93
CA HIS B 493 6.76 0.50 -6.24
C HIS B 493 7.16 -0.19 -7.55
N LEU B 494 8.05 0.46 -8.29
CA LEU B 494 8.55 -0.09 -9.55
C LEU B 494 9.72 -1.06 -9.32
N LEU B 495 10.47 -0.84 -8.24
CA LEU B 495 11.70 -1.57 -7.98
C LEU B 495 11.55 -2.82 -7.12
N LYS B 496 12.40 -3.82 -7.38
CA LYS B 496 12.48 -5.02 -6.56
C LYS B 496 13.01 -4.68 -5.17
N LYS B 497 14.16 -4.04 -5.10
CA LYS B 497 14.73 -3.64 -3.82
C LYS B 497 14.86 -2.12 -3.80
N PRO B 498 13.87 -1.43 -3.23
CA PRO B 498 13.92 0.03 -3.14
C PRO B 498 15.15 0.50 -2.39
N ILE B 499 15.82 1.54 -2.88
CA ILE B 499 17.04 2.04 -2.26
C ILE B 499 16.76 3.09 -1.19
N TYR B 500 15.89 4.04 -1.51
CA TYR B 500 15.59 5.14 -0.60
C TYR B 500 14.21 5.00 0.04
N ASN B 501 14.17 5.08 1.37
CA ASN B 501 12.94 5.03 2.12
C ASN B 501 12.57 6.41 2.65
N PRO B 502 11.59 7.06 2.01
CA PRO B 502 11.21 8.45 2.29
C PRO B 502 10.56 8.61 3.66
N SER B 503 10.57 9.84 4.16
CA SER B 503 9.95 10.14 5.45
C SER B 503 9.08 11.39 5.33
N HIS B 504 8.17 11.58 6.28
CA HIS B 504 7.33 12.76 6.30
C HIS B 504 8.15 13.97 6.72
N PRO B 505 7.85 15.15 6.15
CA PRO B 505 8.56 16.38 6.51
C PRO B 505 8.29 16.78 7.95
N LYS B 506 9.36 17.07 8.69
CA LYS B 506 9.22 17.48 10.09
C LYS B 506 8.48 18.81 10.19
N GLU B 507 7.79 19.00 11.32
CA GLU B 507 7.02 20.21 11.54
C GLU B 507 7.91 21.34 12.05
N GLU B 508 8.06 22.37 11.23
CA GLU B 508 8.93 23.50 11.55
C GLU B 508 8.17 24.63 12.26
N GLY B 509 6.84 24.55 12.26
CA GLY B 509 6.02 25.57 12.86
C GLY B 509 6.07 25.66 14.37
N PHE B 510 6.01 26.89 14.89
CA PHE B 510 5.99 27.12 16.32
C PHE B 510 4.56 27.00 16.83
N LEU B 511 4.18 25.78 17.23
CA LEU B 511 2.81 25.48 17.61
C LEU B 511 2.48 26.02 19.00
N SER B 512 1.55 26.95 19.08
CA SER B 512 1.13 27.52 20.36
C SER B 512 -0.37 27.37 20.59
N GLN B 513 -0.83 27.77 21.78
CA GLN B 513 -2.25 27.64 22.10
C GLN B 513 -2.91 29.00 22.34
N CYS B 514 -4.17 29.11 21.95
CA CYS B 514 -4.91 30.35 22.07
C CYS B 514 -6.10 30.21 23.00
N PRO B 515 -5.93 30.62 24.27
CA PRO B 515 -7.09 30.54 25.18
C PRO B 515 -7.95 31.80 25.11
N ILE B 516 -9.04 31.82 25.87
CA ILE B 516 -9.91 32.99 25.95
C ILE B 516 -9.11 34.01 26.74
N LYS B 517 -8.75 35.13 26.12
CA LYS B 517 -7.86 36.08 26.76
C LYS B 517 -8.34 37.53 26.72
N SER B 518 -9.28 37.84 25.85
CA SER B 518 -9.71 39.22 25.68
C SER B 518 -11.19 39.43 25.96
N THR B 519 -11.64 40.68 25.80
CA THR B 519 -13.01 41.05 26.05
C THR B 519 -13.70 41.54 24.79
N SER B 520 -14.92 41.07 24.57
CA SER B 520 -15.68 41.31 23.35
C SER B 520 -16.09 42.77 23.14
N ASN B 521 -15.72 43.31 22.00
CA ASN B 521 -16.14 44.64 21.58
C ASN B 521 -17.25 44.52 20.55
N ASP B 522 -17.86 45.64 20.20
CA ASP B 522 -18.99 45.62 19.28
C ASP B 522 -18.48 45.45 17.86
N LEU B 523 -18.97 44.42 17.19
CA LEU B 523 -18.58 44.09 15.83
C LEU B 523 -19.48 44.87 14.86
N GLY B 524 -20.61 45.33 15.37
CA GLY B 524 -21.54 46.09 14.55
C GLY B 524 -22.18 45.24 13.48
N CYS B 525 -22.78 44.13 13.91
CA CYS B 525 -23.42 43.21 12.98
C CYS B 525 -24.88 42.98 13.36
N THR B 526 -25.72 42.83 12.34
CA THR B 526 -27.14 42.57 12.52
C THR B 526 -27.43 41.08 12.37
N CYS B 527 -28.00 40.45 13.40
CA CYS B 527 -28.26 39.03 13.31
C CYS B 527 -29.74 38.68 13.38
N ASP B 528 -30.24 38.10 12.29
CA ASP B 528 -31.63 37.68 12.19
C ASP B 528 -31.80 36.34 12.90
N PRO B 529 -32.88 36.19 13.69
CA PRO B 529 -33.13 34.93 14.41
C PRO B 529 -33.28 33.75 13.45
N ASP B 547 -14.71 15.06 23.34
CA ASP B 547 -13.73 16.08 22.96
C ASP B 547 -12.56 15.42 22.23
N ASP B 548 -12.16 14.24 22.67
CA ASP B 548 -11.09 13.52 22.01
C ASP B 548 -11.65 13.00 20.70
N ASP B 549 -12.97 12.79 20.72
CA ASP B 549 -13.75 12.29 19.61
C ASP B 549 -13.95 13.32 18.50
N ILE B 550 -14.10 14.59 18.88
CA ILE B 550 -14.38 15.64 17.89
C ILE B 550 -13.13 16.07 17.10
N TYR B 551 -11.95 15.79 17.65
CA TYR B 551 -10.71 16.10 16.95
C TYR B 551 -10.58 15.12 15.78
N HIS B 552 -10.59 13.82 16.11
CA HIS B 552 -10.45 12.76 15.12
C HIS B 552 -11.57 12.80 14.07
N MET B 553 -12.70 13.38 14.42
CA MET B 553 -13.82 13.43 13.49
C MET B 553 -13.60 14.49 12.42
N THR B 554 -12.85 15.53 12.76
CA THR B 554 -12.58 16.62 11.84
C THR B 554 -11.32 16.39 11.01
N VAL B 555 -10.32 15.76 11.61
CA VAL B 555 -9.09 15.39 10.90
C VAL B 555 -8.81 13.89 11.05
N PRO B 556 -9.60 13.06 10.35
CA PRO B 556 -9.54 11.60 10.49
C PRO B 556 -8.27 11.00 9.88
N TYR B 557 -7.56 11.80 9.10
CA TYR B 557 -6.33 11.32 8.47
C TYR B 557 -5.14 11.99 9.14
N GLY B 558 -5.42 12.77 10.16
CA GLY B 558 -4.39 13.52 10.86
C GLY B 558 -4.46 14.98 10.47
N ARG B 559 -4.20 15.85 11.43
CA ARG B 559 -4.17 17.29 11.16
C ARG B 559 -3.04 17.61 10.21
N PRO B 560 -3.22 18.65 9.37
CA PRO B 560 -2.15 19.13 8.50
C PRO B 560 -0.96 19.62 9.32
N ARG B 561 0.24 19.21 8.96
CA ARG B 561 1.43 19.63 9.67
C ARG B 561 1.94 20.94 9.08
N ILE B 562 2.45 21.80 9.94
CA ILE B 562 2.91 23.12 9.54
C ILE B 562 4.39 23.11 9.13
N LEU B 563 4.63 23.23 7.82
CA LEU B 563 5.99 23.21 7.29
C LEU B 563 6.62 24.59 7.26
N LEU B 564 5.86 25.60 7.69
CA LEU B 564 6.37 26.96 7.72
C LEU B 564 7.38 27.14 8.85
N LYS B 565 8.50 27.78 8.54
CA LYS B 565 9.56 28.00 9.52
C LYS B 565 9.91 29.47 9.64
N GLN B 566 9.66 30.07 10.81
CA GLN B 566 9.02 29.37 11.92
C GLN B 566 7.74 30.11 12.29
N HIS B 567 6.69 29.88 11.51
CA HIS B 567 5.42 30.58 11.65
C HIS B 567 4.73 30.24 12.97
N ARG B 568 4.03 31.22 13.55
CA ARG B 568 3.28 30.97 14.78
C ARG B 568 1.83 30.61 14.46
N VAL B 569 1.45 29.37 14.80
CA VAL B 569 0.13 28.86 14.47
C VAL B 569 -0.59 28.31 15.69
N CYS B 570 -1.86 28.68 15.83
CA CYS B 570 -2.70 28.11 16.90
C CYS B 570 -3.73 27.16 16.33
N LEU B 571 -4.08 26.13 17.10
CA LEU B 571 -5.09 25.16 16.70
C LEU B 571 -6.40 25.47 17.42
N LEU B 572 -7.36 25.99 16.68
CA LEU B 572 -8.66 26.36 17.22
C LEU B 572 -9.72 25.31 16.95
N GLN B 573 -10.18 24.65 18.01
CA GLN B 573 -11.13 23.55 17.90
C GLN B 573 -12.59 23.98 18.00
N GLN B 574 -13.40 23.50 17.07
CA GLN B 574 -14.85 23.72 17.11
C GLN B 574 -15.56 22.37 17.07
N GLN B 575 -16.88 22.39 17.05
CA GLN B 575 -17.65 21.15 17.08
C GLN B 575 -17.94 20.55 15.70
N GLN B 576 -17.70 21.32 14.64
CA GLN B 576 -17.97 20.84 13.29
C GLN B 576 -16.69 20.86 12.46
N PHE B 577 -15.73 21.68 12.86
CA PHE B 577 -14.48 21.81 12.12
C PHE B 577 -13.28 22.12 13.01
N LEU B 578 -12.09 21.87 12.49
CA LEU B 578 -10.84 22.23 13.17
C LEU B 578 -10.06 23.17 12.27
N THR B 579 -9.62 24.29 12.82
CA THR B 579 -8.94 25.31 12.03
C THR B 579 -7.56 25.66 12.58
N GLY B 580 -6.58 25.69 11.68
CA GLY B 580 -5.23 26.11 12.04
C GLY B 580 -5.07 27.61 11.84
N TYR B 581 -5.03 28.35 12.94
CA TYR B 581 -4.99 29.81 12.88
C TYR B 581 -3.59 30.39 12.97
N SER B 582 -3.35 31.43 12.17
CA SER B 582 -2.07 32.12 12.13
C SER B 582 -2.07 33.41 12.96
N LEU B 583 -1.05 33.56 13.81
CA LEU B 583 -0.93 34.76 14.63
C LEU B 583 -0.22 35.88 13.86
N ASP B 584 0.58 35.49 12.89
CA ASP B 584 1.34 36.44 12.08
C ASP B 584 0.48 37.08 11.00
N LEU B 585 -0.57 36.38 10.59
CA LEU B 585 -1.44 36.88 9.53
C LEU B 585 -2.82 37.26 10.09
N LEU B 586 -3.07 36.85 11.32
CA LEU B 586 -4.37 37.08 11.97
C LEU B 586 -5.52 36.53 11.14
N MET B 587 -5.27 35.41 10.47
CA MET B 587 -6.28 34.74 9.65
C MET B 587 -5.96 33.24 9.58
N PRO B 588 -6.99 32.40 9.43
CA PRO B 588 -6.83 30.95 9.42
C PRO B 588 -5.99 30.46 8.24
N LEU B 589 -5.05 29.57 8.49
CA LEU B 589 -4.25 28.97 7.42
C LEU B 589 -5.01 27.84 6.75
N TRP B 590 -5.71 27.03 7.55
CA TRP B 590 -6.51 25.93 7.02
C TRP B 590 -7.67 25.60 7.94
N ALA B 591 -8.71 24.99 7.36
CA ALA B 591 -9.88 24.55 8.12
C ALA B 591 -10.35 23.20 7.59
N SER B 592 -10.33 22.19 8.45
CA SER B 592 -10.72 20.84 8.05
C SER B 592 -12.06 20.42 8.66
N TYR B 593 -12.91 19.80 7.86
CA TYR B 593 -14.22 19.33 8.33
C TYR B 593 -14.73 18.16 7.49
N THR B 594 -15.64 17.37 8.06
CA THR B 594 -16.20 16.22 7.35
C THR B 594 -17.69 16.39 7.00
N PHE B 595 -18.01 16.23 5.73
CA PHE B 595 -19.38 16.37 5.24
C PHE B 595 -19.87 14.99 4.82
N LEU B 596 -20.87 14.47 5.53
CA LEU B 596 -21.37 13.11 5.33
C LEU B 596 -22.32 13.03 4.13
N SER B 597 -22.86 11.83 3.88
CA SER B 597 -23.67 11.60 2.68
C SER B 597 -24.89 12.48 2.58
N ASN B 598 -25.65 12.64 3.67
CA ASN B 598 -26.80 13.53 3.64
C ASN B 598 -27.02 14.21 4.98
N ASP B 599 -26.49 15.41 5.12
CA ASP B 599 -26.67 16.19 6.34
C ASP B 599 -26.39 17.67 6.10
N ASN B 608 -24.21 39.10 7.14
CA ASN B 608 -23.69 40.36 7.68
C ASN B 608 -23.43 40.23 9.18
N CYS B 609 -23.57 39.00 9.68
CA CYS B 609 -23.34 38.72 11.08
C CYS B 609 -22.08 37.89 11.31
N LEU B 610 -21.40 38.17 12.42
CA LEU B 610 -20.17 37.45 12.79
C LEU B 610 -20.01 37.50 14.31
N TYR B 611 -19.29 36.52 14.85
CA TYR B 611 -19.03 36.45 16.28
C TYR B 611 -17.54 36.57 16.58
N GLN B 612 -17.21 37.36 17.59
CA GLN B 612 -15.81 37.57 17.93
C GLN B 612 -15.21 36.36 18.63
N ASP B 613 -14.14 35.83 18.06
CA ASP B 613 -13.41 34.71 18.67
C ASP B 613 -12.47 35.24 19.73
N LEU B 614 -12.81 35.01 20.99
CA LEU B 614 -12.06 35.56 22.11
C LEU B 614 -10.69 34.91 22.29
N ARG B 615 -10.40 33.88 21.50
CA ARG B 615 -9.13 33.18 21.61
C ARG B 615 -8.03 33.85 20.78
N ILE B 616 -8.42 34.65 19.80
CA ILE B 616 -7.47 35.35 18.94
C ILE B 616 -7.53 36.86 19.16
N PRO B 617 -6.39 37.56 18.97
CA PRO B 617 -6.41 39.02 19.11
C PRO B 617 -7.29 39.68 18.05
N LEU B 618 -8.02 40.73 18.45
CA LEU B 618 -8.94 41.42 17.54
C LEU B 618 -8.23 42.33 16.56
N SER B 619 -8.68 42.30 15.31
CA SER B 619 -8.14 43.18 14.28
C SER B 619 -9.31 43.99 13.70
N PRO B 620 -9.05 45.24 13.30
CA PRO B 620 -10.07 46.11 12.70
C PRO B 620 -10.74 45.50 11.47
N VAL B 621 -10.06 44.55 10.85
CA VAL B 621 -10.58 43.87 9.66
C VAL B 621 -11.50 42.69 10.02
N HIS B 622 -11.70 42.48 11.32
CA HIS B 622 -12.59 41.42 11.80
C HIS B 622 -14.01 41.95 11.98
N LYS B 623 -14.13 43.26 12.13
CA LYS B 623 -15.41 43.93 12.33
C LYS B 623 -16.22 44.05 11.05
N CYS B 624 -17.53 43.84 11.15
CA CYS B 624 -18.40 43.91 9.99
C CYS B 624 -18.54 45.34 9.51
N SER B 625 -18.28 46.29 10.41
CA SER B 625 -18.33 47.71 10.08
C SER B 625 -17.23 48.06 9.08
N TYR B 626 -16.21 47.21 9.02
CA TYR B 626 -15.09 47.39 8.11
C TYR B 626 -15.51 47.15 6.66
N TYR B 627 -16.50 46.28 6.47
CA TYR B 627 -16.92 45.93 5.12
C TYR B 627 -18.20 46.64 4.68
N LYS B 628 -18.09 47.40 3.59
CA LYS B 628 -19.23 48.10 3.04
C LYS B 628 -19.79 47.38 1.82
N LEU B 633 -14.52 43.83 -2.61
CA LEU B 633 -13.78 43.16 -1.55
C LEU B 633 -14.70 42.86 -0.37
N SER B 634 -14.73 41.59 0.05
CA SER B 634 -15.52 41.17 1.20
C SER B 634 -14.80 40.10 2.01
N TYR B 635 -15.56 39.40 2.86
CA TYR B 635 -15.01 38.28 3.62
C TYR B 635 -15.71 36.99 3.20
N GLY B 636 -14.96 35.88 3.18
CA GLY B 636 -15.55 34.59 2.89
C GLY B 636 -15.28 33.60 4.01
N PHE B 637 -16.06 32.52 4.04
CA PHE B 637 -15.85 31.48 5.05
C PHE B 637 -15.08 30.28 4.50
N LEU B 638 -14.17 29.74 5.30
CA LEU B 638 -13.47 28.51 4.92
C LEU B 638 -14.37 27.30 5.11
N THR B 639 -15.13 27.31 6.19
CA THR B 639 -16.10 26.26 6.48
C THR B 639 -17.50 26.79 6.23
N PRO B 640 -18.28 26.11 5.38
CA PRO B 640 -19.63 26.57 5.10
C PRO B 640 -20.48 26.62 6.37
N PRO B 641 -21.16 27.76 6.62
CA PRO B 641 -21.99 27.94 7.81
C PRO B 641 -23.31 27.19 7.69
N ARG B 642 -23.63 26.78 6.47
CA ARG B 642 -24.89 26.09 6.18
C ARG B 642 -24.82 24.60 6.53
N LEU B 643 -23.80 24.22 7.28
CA LEU B 643 -23.62 22.82 7.69
C LEU B 643 -24.58 22.40 8.78
N ASN B 644 -25.07 21.16 8.67
CA ASN B 644 -26.03 20.58 9.61
C ASN B 644 -27.22 21.49 9.93
N HIS B 649 -32.05 24.41 10.99
CA HIS B 649 -31.01 24.82 11.92
C HIS B 649 -29.79 25.35 11.17
N ILE B 650 -28.89 26.02 11.90
CA ILE B 650 -27.66 26.53 11.30
C ILE B 650 -26.52 26.67 12.30
N TYR B 651 -25.35 26.15 11.92
CA TYR B 651 -24.14 26.19 12.74
C TYR B 651 -23.66 27.62 12.98
N SER B 652 -23.58 28.04 14.24
CA SER B 652 -23.25 29.42 14.54
C SER B 652 -21.74 29.65 14.70
N GLU B 653 -21.01 28.61 15.08
CA GLU B 653 -19.57 28.71 15.28
C GLU B 653 -18.78 28.87 13.97
N ALA B 654 -19.44 28.62 12.85
CA ALA B 654 -18.86 28.83 11.53
C ALA B 654 -18.87 30.30 11.16
N LEU B 655 -19.61 31.09 11.93
CA LEU B 655 -19.67 32.54 11.73
C LEU B 655 -18.70 33.25 12.66
N LEU B 656 -17.75 32.49 13.20
CA LEU B 656 -16.70 33.06 14.04
C LEU B 656 -15.71 33.89 13.21
N THR B 657 -15.12 34.90 13.85
CA THR B 657 -14.15 35.77 13.19
C THR B 657 -12.93 34.98 12.71
N SER B 658 -12.65 33.88 13.38
CA SER B 658 -11.46 33.10 13.06
C SER B 658 -11.72 32.17 11.88
N ASN B 659 -12.89 32.32 11.26
CA ASN B 659 -13.25 31.50 10.12
C ASN B 659 -13.48 32.33 8.85
N ILE B 660 -13.07 33.60 8.89
CA ILE B 660 -13.23 34.48 7.74
C ILE B 660 -11.89 34.84 7.08
N VAL B 661 -11.94 35.01 5.77
CA VAL B 661 -10.76 35.42 5.00
C VAL B 661 -11.19 36.48 3.97
N PRO B 662 -10.30 37.43 3.67
CA PRO B 662 -10.61 38.47 2.67
C PRO B 662 -10.90 37.83 1.31
N MET B 663 -11.98 38.25 0.67
CA MET B 663 -12.44 37.65 -0.57
C MET B 663 -13.13 38.68 -1.47
N TYR B 664 -12.90 38.57 -2.78
CA TYR B 664 -13.55 39.45 -3.74
C TYR B 664 -15.00 39.03 -3.89
N GLN B 665 -15.87 39.98 -4.23
CA GLN B 665 -17.28 39.68 -4.39
C GLN B 665 -17.50 38.78 -5.59
N SER B 666 -16.64 38.93 -6.61
CA SER B 666 -16.73 38.12 -7.80
C SER B 666 -16.34 36.67 -7.50
N PHE B 667 -15.41 36.50 -6.57
CA PHE B 667 -14.95 35.16 -6.17
C PHE B 667 -15.94 34.48 -5.22
N GLN B 668 -16.70 35.28 -4.49
CA GLN B 668 -17.71 34.75 -3.58
C GLN B 668 -18.80 33.99 -4.36
N VAL B 669 -18.93 34.35 -5.64
CA VAL B 669 -19.84 33.69 -6.55
C VAL B 669 -19.40 32.25 -6.78
N ILE B 670 -18.09 32.06 -6.85
CA ILE B 670 -17.51 30.74 -7.10
C ILE B 670 -17.46 29.91 -5.82
N TRP B 671 -17.16 30.56 -4.70
CA TRP B 671 -16.95 29.85 -3.45
C TRP B 671 -18.23 29.23 -2.86
N HIS B 672 -19.35 29.93 -3.03
CA HIS B 672 -20.63 29.45 -2.53
C HIS B 672 -21.22 28.32 -3.36
N TYR B 673 -21.13 28.43 -4.68
CA TYR B 673 -21.64 27.37 -5.55
C TYR B 673 -20.83 26.11 -5.34
N LEU B 674 -19.58 26.29 -4.95
CA LEU B 674 -18.71 25.15 -4.68
C LEU B 674 -19.22 24.38 -3.45
N HIS B 675 -19.79 25.10 -2.50
CA HIS B 675 -20.25 24.51 -1.24
C HIS B 675 -21.75 24.26 -1.17
N ASP B 676 -22.53 25.15 -1.81
CA ASP B 676 -23.99 25.06 -1.75
C ASP B 676 -24.53 24.03 -2.74
N THR B 677 -23.82 23.83 -3.83
CA THR B 677 -24.28 22.93 -4.89
C THR B 677 -23.36 21.73 -5.08
N LEU B 678 -22.10 21.99 -5.43
CA LEU B 678 -21.14 20.94 -5.77
C LEU B 678 -20.80 20.00 -4.61
N LEU B 679 -20.53 20.58 -3.44
CA LEU B 679 -20.10 19.80 -2.29
C LEU B 679 -21.17 18.80 -1.86
N GLN B 680 -22.43 19.18 -1.96
CA GLN B 680 -23.51 18.29 -1.57
C GLN B 680 -23.67 17.16 -2.58
N ARG B 681 -23.45 17.47 -3.85
CA ARG B 681 -23.56 16.44 -4.88
C ARG B 681 -22.43 15.44 -4.73
N TYR B 682 -21.24 15.95 -4.42
CA TYR B 682 -20.05 15.11 -4.25
C TYR B 682 -20.13 14.20 -3.03
N ALA B 683 -20.89 14.63 -2.03
CA ALA B 683 -21.07 13.83 -0.81
C ALA B 683 -21.94 12.60 -1.04
N HIS B 684 -22.82 12.68 -2.04
CA HIS B 684 -23.68 11.56 -2.39
C HIS B 684 -22.94 10.59 -3.30
N GLU B 685 -22.17 11.15 -4.23
CA GLU B 685 -21.42 10.36 -5.19
C GLU B 685 -20.26 9.63 -4.53
N ARG B 686 -19.62 10.25 -3.55
CA ARG B 686 -18.44 9.67 -2.92
C ARG B 686 -18.73 9.19 -1.50
N ASN B 687 -20.02 9.11 -1.16
CA ASN B 687 -20.49 8.69 0.17
C ASN B 687 -19.86 9.48 1.30
N GLY B 688 -19.92 10.80 1.19
CA GLY B 688 -19.34 11.71 2.17
C GLY B 688 -17.95 12.13 1.71
N ILE B 689 -17.54 13.33 2.10
CA ILE B 689 -16.23 13.86 1.76
C ILE B 689 -15.58 14.59 2.93
N ASN B 690 -14.27 14.45 3.08
CA ASN B 690 -13.53 15.28 4.02
C ASN B 690 -12.90 16.47 3.28
N VAL B 691 -13.19 17.68 3.76
CA VAL B 691 -12.76 18.90 3.07
C VAL B 691 -11.74 19.69 3.89
N VAL B 692 -10.67 20.11 3.24
CA VAL B 692 -9.71 21.03 3.85
C VAL B 692 -9.52 22.25 2.95
N SER B 693 -9.78 23.43 3.48
CA SER B 693 -9.68 24.65 2.68
C SER B 693 -8.81 25.69 3.38
N GLY B 694 -8.32 26.65 2.61
CA GLY B 694 -7.51 27.73 3.15
C GLY B 694 -7.00 28.69 2.09
N PRO B 695 -6.44 29.83 2.53
CA PRO B 695 -5.91 30.85 1.63
C PRO B 695 -4.53 30.48 1.09
N VAL B 696 -4.20 31.01 -0.08
CA VAL B 696 -2.90 30.76 -0.71
C VAL B 696 -2.23 32.09 -1.05
N PHE B 697 -0.97 32.23 -0.64
CA PHE B 697 -0.23 33.46 -0.91
C PHE B 697 1.05 33.19 -1.70
N ASP B 698 0.98 33.35 -3.02
CA ASP B 698 2.16 33.21 -3.87
C ASP B 698 2.22 34.35 -4.88
N PHE B 699 2.72 35.51 -4.44
CA PHE B 699 2.76 36.69 -5.31
C PHE B 699 3.89 36.64 -6.32
N ASP B 700 4.94 35.87 -6.03
CA ASP B 700 6.08 35.74 -6.91
C ASP B 700 5.93 34.60 -7.92
N TYR B 701 4.74 34.01 -7.94
CA TYR B 701 4.38 32.93 -8.88
C TYR B 701 5.48 31.88 -9.13
N ASP B 702 6.10 31.41 -8.05
CA ASP B 702 7.14 30.40 -8.15
C ASP B 702 6.60 29.03 -7.78
N GLY B 703 5.36 29.00 -7.31
CA GLY B 703 4.71 27.76 -6.92
C GLY B 703 4.91 27.35 -5.48
N ARG B 704 5.65 28.15 -4.73
CA ARG B 704 5.91 27.87 -3.32
C ARG B 704 5.40 28.98 -2.43
N TYR B 705 5.20 28.70 -1.15
CA TYR B 705 4.68 29.68 -0.22
C TYR B 705 5.67 30.83 -0.01
N ASP B 706 5.15 32.03 0.17
CA ASP B 706 5.99 33.22 0.29
C ASP B 706 6.54 33.42 1.70
N SER B 707 7.72 34.02 1.78
CA SER B 707 8.31 34.34 3.07
C SER B 707 7.65 35.58 3.67
N LEU B 708 7.93 35.83 4.93
CA LEU B 708 7.34 36.97 5.64
C LEU B 708 7.76 38.32 5.05
N GLU B 709 8.97 38.37 4.50
CA GLU B 709 9.51 39.62 3.96
C GLU B 709 8.70 40.11 2.75
N ILE B 710 8.48 39.22 1.79
CA ILE B 710 7.73 39.57 0.60
C ILE B 710 6.23 39.62 0.87
N LEU B 711 5.79 38.91 1.90
CA LEU B 711 4.38 38.98 2.28
C LEU B 711 4.02 40.38 2.77
N LYS B 712 4.93 41.00 3.50
CA LYS B 712 4.72 42.34 4.02
C LYS B 712 4.84 43.40 2.93
N GLN B 713 5.57 43.08 1.88
CA GLN B 713 5.78 44.00 0.76
C GLN B 713 4.58 44.10 -0.19
N ASN B 714 3.78 43.05 -0.23
CA ASN B 714 2.62 42.97 -1.14
C ASN B 714 1.28 43.21 -0.43
N SER B 715 1.33 43.72 0.79
CA SER B 715 0.13 44.01 1.56
C SER B 715 -0.49 45.35 1.19
N ARG B 716 -1.56 45.32 0.40
CA ARG B 716 -2.25 46.54 -0.01
C ARG B 716 -2.98 47.18 1.16
N VAL B 717 -3.36 48.45 0.99
CA VAL B 717 -4.12 49.19 1.99
C VAL B 717 -5.50 49.66 1.51
N ILE B 718 -6.54 49.31 2.26
CA ILE B 718 -7.89 49.70 1.92
C ILE B 718 -8.68 50.08 3.18
N ARG B 719 -9.44 51.17 3.10
CA ARG B 719 -10.27 51.68 4.20
C ARG B 719 -9.45 51.99 5.46
N SER B 720 -8.25 52.52 5.26
CA SER B 720 -7.35 52.96 6.33
C SER B 720 -6.75 51.82 7.16
N GLN B 721 -6.85 50.60 6.65
CA GLN B 721 -6.29 49.43 7.33
C GLN B 721 -5.49 48.54 6.38
N GLU B 722 -4.48 47.88 6.93
CA GLU B 722 -3.62 47.00 6.13
C GLU B 722 -4.24 45.61 5.95
N ILE B 723 -4.34 45.16 4.71
CA ILE B 723 -4.94 43.86 4.41
C ILE B 723 -4.11 43.04 3.41
N LEU B 724 -3.85 41.77 3.76
CA LEU B 724 -3.22 40.83 2.84
C LEU B 724 -4.24 39.94 2.14
N ILE B 725 -4.47 40.17 0.85
CA ILE B 725 -5.48 39.41 0.11
C ILE B 725 -4.86 38.22 -0.62
N PRO B 726 -5.48 37.03 -0.50
CA PRO B 726 -4.98 35.79 -1.08
C PRO B 726 -4.95 35.79 -2.61
N THR B 727 -3.89 35.21 -3.18
CA THR B 727 -3.77 35.07 -4.63
C THR B 727 -4.62 33.90 -5.10
N HIS B 728 -4.70 32.87 -4.26
CA HIS B 728 -5.52 31.70 -4.57
C HIS B 728 -6.21 31.18 -3.32
N PHE B 729 -7.10 30.23 -3.52
CA PHE B 729 -7.71 29.50 -2.42
C PHE B 729 -7.64 28.01 -2.72
N PHE B 730 -7.08 27.23 -1.79
CA PHE B 730 -6.98 25.79 -2.00
C PHE B 730 -8.12 25.04 -1.34
N ILE B 731 -8.47 23.90 -1.92
CA ILE B 731 -9.47 23.00 -1.34
C ILE B 731 -9.17 21.55 -1.72
N VAL B 732 -9.01 20.69 -0.72
CA VAL B 732 -8.70 19.29 -0.96
C VAL B 732 -9.87 18.39 -0.55
N LEU B 733 -10.40 17.64 -1.50
CA LEU B 733 -11.51 16.73 -1.22
C LEU B 733 -11.01 15.30 -1.09
N THR B 734 -11.27 14.66 0.06
CA THR B 734 -10.84 13.29 0.30
C THR B 734 -12.00 12.36 0.60
N SER B 735 -12.01 11.21 -0.06
CA SER B 735 -13.04 10.19 0.16
C SER B 735 -12.46 8.79 0.17
N CYS B 736 -13.33 7.80 0.32
CA CYS B 736 -12.90 6.41 0.32
C CYS B 736 -12.94 5.83 -1.08
N LYS B 737 -12.01 4.94 -1.37
CA LYS B 737 -11.96 4.26 -2.67
C LYS B 737 -13.08 3.24 -2.74
N GLN B 738 -13.55 2.83 -1.55
CA GLN B 738 -14.69 1.93 -1.45
C GLN B 738 -15.92 2.73 -1.03
N LEU B 739 -16.92 2.78 -1.89
CA LEU B 739 -18.11 3.61 -1.65
C LEU B 739 -18.94 3.11 -0.46
N SER B 740 -18.62 1.92 0.02
CA SER B 740 -19.31 1.34 1.17
C SER B 740 -18.85 1.98 2.47
N GLU B 741 -17.75 2.71 2.42
CA GLU B 741 -17.15 3.31 3.61
C GLU B 741 -17.34 4.82 3.65
N THR B 742 -17.52 5.35 4.86
CA THR B 742 -17.60 6.79 5.05
C THR B 742 -16.17 7.31 5.26
N PRO B 743 -15.92 8.61 5.02
CA PRO B 743 -14.60 9.21 5.19
C PRO B 743 -13.93 8.99 6.55
N LEU B 744 -14.66 8.48 7.53
CA LEU B 744 -14.10 8.24 8.86
C LEU B 744 -13.60 6.80 9.02
N GLU B 745 -13.78 6.00 7.98
CA GLU B 745 -13.41 4.57 8.01
C GLU B 745 -12.83 4.10 6.68
N CYS B 746 -12.08 4.96 6.01
CA CYS B 746 -11.50 4.62 4.72
C CYS B 746 -10.41 3.55 4.83
N SER B 747 -10.46 2.58 3.91
CA SER B 747 -9.39 1.60 3.78
C SER B 747 -8.33 2.17 2.84
N ALA B 748 -8.79 2.84 1.79
CA ALA B 748 -7.89 3.55 0.89
C ALA B 748 -8.48 4.94 0.62
N LEU B 749 -7.61 5.89 0.26
CA LEU B 749 -8.04 7.27 0.09
C LEU B 749 -8.33 7.64 -1.36
N GLU B 750 -9.09 8.71 -1.54
CA GLU B 750 -9.41 9.23 -2.86
C GLU B 750 -9.28 10.75 -2.86
N SER B 751 -8.10 11.25 -3.20
CA SER B 751 -7.86 12.68 -3.10
C SER B 751 -8.04 13.41 -4.43
N SER B 752 -8.44 14.67 -4.34
CA SER B 752 -8.54 15.56 -5.48
C SER B 752 -8.42 16.98 -4.96
N ALA B 753 -7.37 17.68 -5.38
CA ALA B 753 -7.12 19.03 -4.89
C ALA B 753 -7.38 20.08 -5.95
N TYR B 754 -7.67 21.30 -5.50
CA TYR B 754 -7.89 22.40 -6.42
C TYR B 754 -7.21 23.66 -5.89
N ILE B 755 -6.60 24.42 -6.80
CA ILE B 755 -6.06 25.72 -6.47
C ILE B 755 -6.72 26.80 -7.31
N LEU B 756 -7.76 27.42 -6.76
CA LEU B 756 -8.58 28.36 -7.50
C LEU B 756 -7.97 29.76 -7.45
N PRO B 757 -7.81 30.39 -8.63
CA PRO B 757 -7.26 31.74 -8.74
C PRO B 757 -8.22 32.76 -8.13
N HIS B 758 -7.70 33.64 -7.29
CA HIS B 758 -8.53 34.65 -6.65
C HIS B 758 -8.54 35.92 -7.49
N ARG B 759 -9.57 36.04 -8.33
CA ARG B 759 -9.65 37.15 -9.27
C ARG B 759 -10.77 38.12 -8.89
N PRO B 760 -10.53 39.43 -9.10
CA PRO B 760 -11.51 40.49 -8.87
C PRO B 760 -12.68 40.42 -9.84
N ASP B 761 -12.46 39.74 -10.97
CA ASP B 761 -13.49 39.59 -12.00
C ASP B 761 -13.54 38.21 -12.61
N ASN B 762 -14.53 37.97 -13.46
CA ASN B 762 -14.67 36.68 -14.11
C ASN B 762 -14.45 36.79 -15.63
N ILE B 763 -13.37 37.48 -16.01
CA ILE B 763 -13.03 37.65 -17.41
C ILE B 763 -12.53 36.34 -17.96
N GLU B 764 -11.89 35.57 -17.07
CA GLU B 764 -11.31 34.28 -17.41
C GLU B 764 -12.38 33.28 -17.85
N SER B 765 -13.56 33.40 -17.27
CA SER B 765 -14.63 32.43 -17.47
C SER B 765 -15.56 32.73 -18.64
N CYS B 766 -15.59 34.00 -19.07
CA CYS B 766 -16.53 34.45 -20.09
C CYS B 766 -17.95 34.10 -19.67
N THR B 767 -18.38 34.63 -18.53
CA THR B 767 -19.67 34.27 -17.96
C THR B 767 -20.88 34.66 -18.82
N HIS B 768 -20.79 35.79 -19.51
CA HIS B 768 -21.87 36.26 -20.37
C HIS B 768 -22.25 35.27 -21.47
N GLY B 769 -23.42 34.64 -21.36
CA GLY B 769 -23.79 33.66 -22.36
C GLY B 769 -24.00 32.22 -21.91
N LYS B 770 -23.48 31.89 -20.73
CA LYS B 770 -23.60 30.53 -20.22
C LYS B 770 -24.37 30.42 -18.90
N ARG B 771 -24.54 29.18 -18.46
CA ARG B 771 -25.20 28.86 -17.20
C ARG B 771 -24.20 28.71 -16.07
N GLU B 772 -24.62 29.11 -14.88
CA GLU B 772 -23.76 29.16 -13.70
C GLU B 772 -23.21 27.78 -13.36
N SER B 773 -24.04 26.76 -13.53
CA SER B 773 -23.65 25.40 -13.20
C SER B 773 -22.58 24.86 -14.15
N SER B 774 -22.38 25.57 -15.27
CA SER B 774 -21.42 25.14 -16.29
C SER B 774 -20.03 25.74 -16.11
N TRP B 775 -19.92 27.07 -16.08
CA TRP B 775 -18.62 27.72 -16.07
C TRP B 775 -17.82 27.55 -14.77
N VAL B 776 -18.52 27.37 -13.66
CA VAL B 776 -17.86 27.19 -12.38
C VAL B 776 -17.15 25.84 -12.39
N GLU B 777 -17.88 24.80 -12.78
CA GLU B 777 -17.33 23.45 -12.87
C GLU B 777 -16.18 23.38 -13.86
N GLU B 778 -16.26 24.17 -14.92
CA GLU B 778 -15.19 24.21 -15.92
C GLU B 778 -13.94 24.87 -15.36
N LEU B 779 -14.14 25.78 -14.41
CA LEU B 779 -13.04 26.47 -13.76
C LEU B 779 -12.41 25.54 -12.72
N LEU B 780 -13.25 24.80 -12.02
CA LEU B 780 -12.80 23.83 -11.04
C LEU B 780 -11.93 22.79 -11.72
N THR B 781 -12.44 22.23 -12.82
CA THR B 781 -11.73 21.18 -13.52
C THR B 781 -10.40 21.69 -14.08
N LEU B 782 -10.40 22.94 -14.53
CA LEU B 782 -9.19 23.51 -15.11
C LEU B 782 -8.08 23.77 -14.09
N HIS B 783 -8.44 24.17 -12.87
CA HIS B 783 -7.41 24.49 -11.87
C HIS B 783 -7.19 23.44 -10.80
N ARG B 784 -7.46 22.19 -11.14
CA ARG B 784 -7.11 21.06 -10.28
C ARG B 784 -5.59 20.95 -10.19
N ALA B 785 -5.11 20.44 -9.08
CA ALA B 785 -3.68 20.35 -8.83
C ALA B 785 -3.34 19.12 -7.99
N ARG B 786 -2.07 18.75 -7.99
CA ARG B 786 -1.62 17.67 -7.13
C ARG B 786 -1.75 18.13 -5.69
N VAL B 787 -1.93 17.16 -4.79
CA VAL B 787 -1.96 17.48 -3.37
C VAL B 787 -0.59 18.01 -2.96
N THR B 788 0.44 17.52 -3.63
CA THR B 788 1.79 18.00 -3.41
C THR B 788 1.88 19.48 -3.79
N ASP B 789 1.20 19.86 -4.87
CA ASP B 789 1.15 21.24 -5.33
C ASP B 789 0.55 22.17 -4.26
N VAL B 790 -0.52 21.72 -3.61
CA VAL B 790 -1.14 22.49 -2.54
C VAL B 790 -0.17 22.59 -1.38
N GLU B 791 0.50 21.48 -1.10
CA GLU B 791 1.48 21.40 -0.03
C GLU B 791 2.65 22.36 -0.26
N LEU B 792 3.15 22.40 -1.49
CA LEU B 792 4.31 23.21 -1.82
C LEU B 792 4.01 24.70 -1.70
N ILE B 793 2.77 25.08 -2.01
CA ILE B 793 2.37 26.48 -2.06
C ILE B 793 1.79 27.01 -0.74
N THR B 794 1.46 26.10 0.18
CA THR B 794 0.89 26.51 1.46
C THR B 794 1.78 26.18 2.64
N GLY B 795 2.74 25.29 2.43
CA GLY B 795 3.64 24.87 3.49
C GLY B 795 2.93 23.99 4.50
N LEU B 796 2.03 23.15 4.01
CA LEU B 796 1.30 22.24 4.88
C LEU B 796 1.59 20.80 4.44
N SER B 797 1.41 19.86 5.35
CA SER B 797 1.64 18.45 5.03
C SER B 797 0.41 17.65 5.45
N PHE B 798 -0.18 16.94 4.50
CA PHE B 798 -1.42 16.21 4.75
C PHE B 798 -1.21 14.73 4.95
N TYR B 799 -2.19 14.08 5.57
CA TYR B 799 -2.24 12.62 5.69
C TYR B 799 -1.08 11.99 6.45
N GLN B 800 -0.51 12.72 7.40
CA GLN B 800 0.65 12.18 8.11
C GLN B 800 0.32 11.06 9.11
N ASP B 801 -0.89 11.05 9.63
CA ASP B 801 -1.32 10.01 10.58
C ASP B 801 -2.03 8.87 9.86
N ARG B 802 -2.05 8.96 8.54
CA ARG B 802 -2.68 7.96 7.71
C ARG B 802 -1.92 6.63 7.74
N GLN B 803 -2.65 5.52 7.63
CA GLN B 803 -2.06 4.20 7.80
C GLN B 803 -1.08 3.80 6.69
N GLU B 804 -1.28 4.28 5.47
CA GLU B 804 -0.37 3.92 4.37
C GLU B 804 1.04 4.45 4.62
N SER B 805 2.03 3.81 4.00
CA SER B 805 3.42 4.22 4.18
C SER B 805 3.68 5.54 3.47
N VAL B 806 4.82 6.16 3.75
CA VAL B 806 5.17 7.43 3.13
C VAL B 806 5.22 7.28 1.61
N SER B 807 5.87 6.22 1.13
CA SER B 807 5.98 5.97 -0.30
C SER B 807 4.60 5.82 -0.97
N GLU B 808 3.67 5.16 -0.27
CA GLU B 808 2.31 5.00 -0.77
C GLU B 808 1.61 6.36 -0.81
N LEU B 809 1.80 7.15 0.24
CA LEU B 809 1.16 8.46 0.36
C LEU B 809 1.70 9.47 -0.66
N LEU B 810 2.98 9.33 -1.01
CA LEU B 810 3.57 10.18 -2.04
C LEU B 810 2.92 9.90 -3.39
N ARG B 811 2.67 8.61 -3.67
CA ARG B 811 2.00 8.22 -4.89
C ARG B 811 0.63 8.89 -4.96
N LEU B 812 -0.05 8.96 -3.81
CA LEU B 812 -1.37 9.54 -3.76
C LEU B 812 -1.31 11.05 -3.99
N LYS B 813 -0.31 11.71 -3.42
CA LYS B 813 -0.24 13.17 -3.49
C LYS B 813 0.26 13.75 -4.81
N THR B 814 0.96 12.94 -5.59
CA THR B 814 1.48 13.44 -6.86
C THR B 814 0.57 13.11 -8.03
N HIS B 815 -0.66 12.67 -7.73
CA HIS B 815 -1.56 12.22 -8.78
C HIS B 815 -2.47 13.31 -9.36
N LEU B 816 -2.69 13.25 -10.67
CA LEU B 816 -3.65 14.10 -11.37
C LEU B 816 -4.36 13.26 -12.45
N PRO B 817 -5.67 13.45 -12.60
CA PRO B 817 -6.47 12.75 -13.63
C PRO B 817 -6.24 13.30 -15.04
N ILE B 818 -6.27 12.42 -16.04
CA ILE B 818 -6.07 12.81 -17.43
C ILE B 818 -7.39 13.20 -18.12
N PHE B 819 -7.38 14.37 -18.75
CA PHE B 819 -8.52 14.88 -19.53
C PHE B 819 -8.74 14.10 -20.82
N SER B 820 -9.99 13.71 -21.06
CA SER B 820 -10.37 12.95 -22.26
C SER B 820 -9.59 11.65 -22.41
#